data_3BK9
#
_entry.id   3BK9
#
_cell.length_a   78.222
_cell.length_b   117.606
_cell.length_c   139.283
_cell.angle_alpha   90.00
_cell.angle_beta   95.73
_cell.angle_gamma   90.00
#
_symmetry.space_group_name_H-M   'P 1 21 1'
#
loop_
_entity.id
_entity.type
_entity.pdbx_description
1 polymer 'Tryptophan 2,3-dioxygenase'
2 non-polymer TRYPTOPHAN
3 non-polymer 'PROTOPORPHYRIN IX CONTAINING FE'
4 water water
#
_entity_poly.entity_id   1
_entity_poly.type   'polypeptide(L)'
_entity_poly.pdbx_seq_one_letter_code
;MPVDKNLRDLEPGIHTDLEGRLTYGGYLRLDQLLSAQQPLSEPAHHDEMLFIIQAQTSELWLKLLAHELRAAIVHLQRDE
VWQCRKVLARSKQVLRQLTEQWSVLETLTPSEYMGFRDVLGPSSGFQSLQYRYIEFLLGNKNPQMLQVFAYDPAGQARLR
EVLEAPSLYEEFLRYLARFGHAIPQQYQARDWTAAHVADDTLRPVFERIYENTDRYWREYSLCEDLVDVETQFQLWRFRH
MRTVMRVIGFKRGTGGSSGVGFLQQALALTFFPELFDVRTSVGVDNRPPQGSADAGKRLEHHHHHH
;
_entity_poly.pdbx_strand_id   A,B,C,D,E,F,G,H
#
loop_
_chem_comp.id
_chem_comp.type
_chem_comp.name
_chem_comp.formula
HEM non-polymer 'PROTOPORPHYRIN IX CONTAINING FE' 'C34 H32 Fe N4 O4'
#
# COMPACT_ATOMS: atom_id res chain seq x y z
N LEU A 7 -20.90 -30.59 -11.11
CA LEU A 7 -21.57 -30.36 -9.78
C LEU A 7 -20.81 -30.68 -8.33
N ARG A 8 -19.92 -29.82 -7.78
CA ARG A 8 -19.25 -30.12 -6.48
C ARG A 8 -19.89 -29.48 -5.18
N ASP A 9 -20.28 -30.38 -4.25
CA ASP A 9 -20.98 -30.01 -2.97
C ASP A 9 -19.91 -29.47 -1.97
N LEU A 10 -20.26 -28.39 -1.29
CA LEU A 10 -19.46 -27.79 -0.27
C LEU A 10 -19.29 -28.81 0.85
N GLU A 11 -18.06 -29.16 1.20
CA GLU A 11 -17.83 -30.18 2.22
C GLU A 11 -18.19 -29.63 3.60
N PRO A 12 -18.69 -30.47 4.50
CA PRO A 12 -18.82 -30.05 5.91
C PRO A 12 -17.46 -29.67 6.56
N GLY A 13 -17.45 -28.67 7.43
CA GLY A 13 -16.25 -28.35 8.19
C GLY A 13 -15.39 -27.24 7.61
N ILE A 14 -15.79 -26.78 6.45
CA ILE A 14 -15.24 -25.52 5.86
C ILE A 14 -15.59 -24.20 6.61
N HIS A 15 -14.57 -23.47 7.06
CA HIS A 15 -14.72 -22.29 7.90
C HIS A 15 -15.38 -21.24 7.08
N THR A 16 -16.51 -20.71 7.55
CA THR A 16 -17.21 -19.69 6.78
C THR A 16 -17.37 -18.37 7.56
N ASP A 17 -17.72 -18.39 8.85
CA ASP A 17 -17.52 -17.09 9.48
C ASP A 17 -16.04 -16.61 9.83
N LEU A 18 -15.62 -15.70 8.95
CA LEU A 18 -14.24 -15.34 8.82
C LEU A 18 -14.06 -13.83 9.10
N GLU A 19 -15.10 -13.18 9.63
CA GLU A 19 -15.01 -11.72 9.90
C GLU A 19 -14.01 -11.27 10.95
N GLY A 20 -13.75 -12.08 11.97
CA GLY A 20 -12.76 -11.67 12.94
C GLY A 20 -11.52 -12.51 12.91
N ARG A 21 -11.17 -13.02 11.74
CA ARG A 21 -10.09 -13.97 11.61
C ARG A 21 -9.26 -13.60 10.40
N LEU A 22 -8.08 -14.18 10.33
CA LEU A 22 -7.16 -14.07 9.26
C LEU A 22 -7.69 -14.91 8.14
N THR A 23 -7.83 -14.29 6.95
CA THR A 23 -8.11 -14.95 5.68
C THR A 23 -6.99 -14.78 4.64
N TYR A 24 -7.15 -15.52 3.54
CA TYR A 24 -6.20 -15.52 2.43
C TYR A 24 -5.91 -14.06 1.91
N GLY A 25 -6.92 -13.23 1.70
CA GLY A 25 -6.63 -11.87 1.19
C GLY A 25 -5.99 -10.96 2.17
N GLY A 26 -6.33 -11.15 3.42
CA GLY A 26 -5.66 -10.54 4.52
C GLY A 26 -4.21 -10.95 4.72
N TYR A 27 -3.90 -12.23 4.77
CA TYR A 27 -2.52 -12.74 4.78
C TYR A 27 -1.66 -12.22 3.65
N LEU A 28 -2.25 -12.27 2.46
CA LEU A 28 -1.63 -11.88 1.24
C LEU A 28 -1.69 -10.42 0.87
N ARG A 29 -2.31 -9.63 1.73
CA ARG A 29 -2.41 -8.19 1.60
C ARG A 29 -2.88 -7.82 0.23
N LEU A 30 -3.99 -8.43 -0.18
CA LEU A 30 -4.51 -8.31 -1.54
C LEU A 30 -5.34 -7.06 -1.85
N ASP A 31 -5.90 -6.37 -0.86
CA ASP A 31 -6.37 -4.99 -1.12
C ASP A 31 -5.24 -4.12 -1.67
N GLN A 32 -4.08 -4.17 -1.04
CA GLN A 32 -2.90 -3.38 -1.42
C GLN A 32 -2.28 -3.91 -2.75
N LEU A 33 -2.02 -5.22 -2.85
CA LEU A 33 -1.46 -5.87 -4.04
C LEU A 33 -2.22 -5.66 -5.33
N LEU A 34 -3.54 -5.85 -5.27
CA LEU A 34 -4.41 -5.72 -6.40
C LEU A 34 -4.97 -4.33 -6.63
N SER A 35 -4.52 -3.35 -5.85
CA SER A 35 -4.74 -1.98 -6.21
C SER A 35 -3.51 -1.27 -6.78
N ALA A 36 -2.43 -2.00 -7.05
CA ALA A 36 -1.18 -1.46 -7.51
C ALA A 36 -1.09 -1.41 -9.02
N GLN A 37 -2.19 -1.65 -9.79
CA GLN A 37 -2.13 -1.77 -11.28
C GLN A 37 -2.90 -0.53 -11.74
N GLN A 38 -2.18 0.47 -12.27
CA GLN A 38 -2.89 1.74 -12.57
C GLN A 38 -2.44 2.08 -13.91
N PRO A 39 -3.22 1.62 -14.88
CA PRO A 39 -2.98 1.87 -16.27
C PRO A 39 -3.18 3.35 -16.50
N LEU A 40 -2.38 3.91 -17.38
CA LEU A 40 -2.41 5.36 -17.61
C LEU A 40 -2.93 5.86 -18.94
N SER A 41 -3.13 4.93 -19.90
CA SER A 41 -3.81 5.21 -21.14
C SER A 41 -5.18 5.82 -20.99
N GLU A 42 -5.38 6.79 -21.88
CA GLU A 42 -6.56 7.60 -21.94
C GLU A 42 -7.03 7.71 -23.37
N PRO A 43 -8.18 7.07 -23.71
CA PRO A 43 -8.91 5.98 -23.05
C PRO A 43 -8.08 4.73 -22.88
N ALA A 44 -8.59 3.78 -22.06
CA ALA A 44 -7.90 2.55 -21.71
C ALA A 44 -7.56 1.66 -22.92
N HIS A 45 -6.33 1.17 -22.96
CA HIS A 45 -5.82 0.23 -23.91
C HIS A 45 -5.90 -1.15 -23.29
N HIS A 46 -6.48 -2.16 -23.97
CA HIS A 46 -6.67 -3.56 -23.40
C HIS A 46 -5.31 -4.21 -23.07
N ASP A 47 -4.27 -3.80 -23.78
CA ASP A 47 -2.96 -4.41 -23.61
C ASP A 47 -2.09 -3.81 -22.50
N GLU A 48 -2.44 -2.62 -22.02
CA GLU A 48 -1.78 -2.05 -20.88
C GLU A 48 -1.70 -2.94 -19.60
N MET A 49 -2.77 -3.65 -19.28
CA MET A 49 -2.86 -4.46 -18.11
C MET A 49 -1.85 -5.56 -18.19
N LEU A 50 -1.70 -6.18 -19.37
CA LEU A 50 -0.62 -7.17 -19.53
C LEU A 50 0.81 -6.65 -19.23
N PHE A 51 1.11 -5.53 -19.82
CA PHE A 51 2.36 -4.89 -19.63
C PHE A 51 2.62 -4.73 -18.17
N ILE A 52 1.68 -4.16 -17.41
CA ILE A 52 1.92 -3.96 -15.95
C ILE A 52 2.14 -5.28 -15.12
N ILE A 53 1.25 -6.25 -15.29
CA ILE A 53 1.31 -7.51 -14.62
C ILE A 53 2.58 -8.33 -14.88
N GLN A 54 3.04 -8.28 -16.13
CA GLN A 54 4.16 -8.98 -16.55
C GLN A 54 5.37 -8.47 -15.83
N ALA A 55 5.54 -7.14 -15.82
CA ALA A 55 6.63 -6.49 -15.06
C ALA A 55 6.54 -6.64 -13.56
N GLN A 56 5.34 -6.57 -13.00
CA GLN A 56 5.11 -6.80 -11.55
C GLN A 56 5.35 -8.21 -11.03
N THR A 57 4.87 -9.24 -11.76
CA THR A 57 5.19 -10.61 -11.42
C THR A 57 6.70 -10.81 -11.48
N SER A 58 7.37 -10.29 -12.48
CA SER A 58 8.83 -10.37 -12.48
C SER A 58 9.52 -9.75 -11.23
N GLU A 59 9.14 -8.53 -10.87
CA GLU A 59 9.60 -7.89 -9.64
C GLU A 59 9.37 -8.72 -8.40
N LEU A 60 8.17 -9.33 -8.24
CA LEU A 60 7.93 -10.30 -7.12
C LEU A 60 8.85 -11.48 -7.12
N TRP A 61 9.10 -12.13 -8.27
CA TRP A 61 10.08 -13.16 -8.40
C TRP A 61 11.51 -12.66 -8.14
N LEU A 62 11.83 -11.46 -8.65
CA LEU A 62 13.15 -10.97 -8.35
C LEU A 62 13.33 -10.70 -6.92
N LYS A 63 12.24 -10.35 -6.19
CA LYS A 63 12.33 -10.07 -4.73
C LYS A 63 12.64 -11.34 -3.95
N LEU A 64 11.97 -12.41 -4.36
CA LEU A 64 12.18 -13.75 -3.82
C LEU A 64 13.60 -14.26 -4.16
N LEU A 65 14.07 -14.07 -5.43
CA LEU A 65 15.39 -14.49 -5.86
C LEU A 65 16.50 -13.81 -5.01
N ALA A 66 16.40 -12.49 -4.79
CA ALA A 66 17.25 -11.81 -3.79
C ALA A 66 17.25 -12.50 -2.40
N HIS A 67 16.06 -12.78 -1.88
CA HIS A 67 15.85 -13.44 -0.60
C HIS A 67 16.58 -14.79 -0.56
N GLU A 68 16.52 -15.56 -1.63
CA GLU A 68 17.17 -16.90 -1.63
C GLU A 68 18.68 -16.81 -1.83
N LEU A 69 19.18 -15.98 -2.75
CA LEU A 69 20.64 -15.70 -2.93
C LEU A 69 21.32 -15.28 -1.65
N ARG A 70 20.77 -14.28 -0.92
CA ARG A 70 21.32 -13.94 0.35
C ARG A 70 21.44 -15.14 1.27
N ALA A 71 20.41 -16.00 1.32
CA ALA A 71 20.47 -17.17 2.20
C ALA A 71 21.49 -18.13 1.65
N ALA A 72 21.62 -18.28 0.32
CA ALA A 72 22.66 -19.21 -0.19
C ALA A 72 24.12 -18.78 0.24
N ILE A 73 24.38 -17.46 0.24
CA ILE A 73 25.66 -16.82 0.72
C ILE A 73 25.95 -17.05 2.21
N VAL A 74 24.96 -16.91 3.03
CA VAL A 74 25.03 -17.24 4.42
C VAL A 74 25.38 -18.73 4.63
N HIS A 75 24.67 -19.62 3.97
CA HIS A 75 25.09 -21.03 3.98
C HIS A 75 26.53 -21.25 3.54
N LEU A 76 26.92 -20.71 2.39
CA LEU A 76 28.34 -20.89 1.97
C LEU A 76 29.35 -20.47 3.02
N GLN A 77 29.14 -19.29 3.58
CA GLN A 77 29.94 -18.73 4.66
C GLN A 77 30.10 -19.62 5.83
N ARG A 78 29.11 -20.46 6.06
CA ARG A 78 29.10 -21.37 7.18
C ARG A 78 29.45 -22.78 6.78
N ASP A 79 29.94 -22.99 5.54
CA ASP A 79 30.38 -24.31 5.08
C ASP A 79 29.19 -25.32 5.05
N GLU A 80 27.98 -24.81 4.90
CA GLU A 80 26.77 -25.65 4.82
C GLU A 80 26.42 -25.89 3.37
N VAL A 81 27.09 -26.87 2.75
CA VAL A 81 27.04 -27.10 1.32
C VAL A 81 25.72 -27.66 0.86
N TRP A 82 25.21 -28.74 1.48
CA TRP A 82 23.89 -29.27 1.06
C TRP A 82 22.75 -28.19 1.15
N GLN A 83 22.79 -27.35 2.17
CA GLN A 83 21.75 -26.29 2.36
C GLN A 83 21.89 -25.18 1.35
N CYS A 84 23.13 -24.84 1.04
CA CYS A 84 23.46 -23.94 -0.05
C CYS A 84 22.94 -24.46 -1.34
N ARG A 85 23.21 -25.74 -1.68
CA ARG A 85 22.76 -26.24 -2.94
C ARG A 85 21.26 -26.34 -3.09
N LYS A 86 20.57 -26.66 -1.97
CA LYS A 86 19.10 -26.67 -1.89
C LYS A 86 18.50 -25.29 -2.16
N VAL A 87 18.97 -24.27 -1.47
CA VAL A 87 18.61 -22.90 -1.80
C VAL A 87 18.90 -22.56 -3.23
N LEU A 88 20.07 -22.95 -3.71
CA LEU A 88 20.41 -22.69 -5.10
C LEU A 88 19.46 -23.31 -6.11
N ALA A 89 18.87 -24.47 -5.78
CA ALA A 89 17.90 -25.19 -6.69
C ALA A 89 16.57 -24.44 -6.86
N ARG A 90 16.12 -23.84 -5.74
CA ARG A 90 14.99 -22.92 -5.71
C ARG A 90 15.28 -21.64 -6.50
N SER A 91 16.50 -21.07 -6.36
CA SER A 91 16.97 -19.87 -7.13
C SER A 91 16.92 -20.16 -8.61
N LYS A 92 17.37 -21.37 -9.00
CA LYS A 92 17.22 -21.79 -10.41
C LYS A 92 15.84 -21.97 -10.88
N GLN A 93 14.96 -22.58 -10.07
CA GLN A 93 13.52 -22.55 -10.40
C GLN A 93 12.92 -21.14 -10.54
N VAL A 94 13.26 -20.23 -9.64
CA VAL A 94 12.81 -18.82 -9.80
C VAL A 94 13.26 -18.18 -11.10
N LEU A 95 14.53 -18.27 -11.41
CA LEU A 95 15.10 -17.85 -12.69
C LEU A 95 14.43 -18.48 -13.87
N ARG A 96 14.03 -19.76 -13.73
CA ARG A 96 13.30 -20.45 -14.79
C ARG A 96 11.89 -19.85 -15.00
N GLN A 97 11.12 -19.60 -13.89
CA GLN A 97 9.81 -18.92 -14.01
C GLN A 97 9.90 -17.61 -14.73
N LEU A 98 10.86 -16.76 -14.32
CA LEU A 98 11.26 -15.50 -15.02
C LEU A 98 11.46 -15.59 -16.50
N THR A 99 12.13 -16.67 -16.90
CA THR A 99 12.50 -16.95 -18.28
C THR A 99 11.29 -17.48 -19.09
N GLU A 100 10.46 -18.31 -18.46
CA GLU A 100 9.24 -18.80 -18.99
C GLU A 100 8.20 -17.78 -19.22
N GLN A 101 8.04 -16.74 -18.36
CA GLN A 101 6.96 -15.77 -18.62
C GLN A 101 7.11 -14.92 -19.87
N TRP A 102 8.28 -14.91 -20.54
CA TRP A 102 8.31 -14.19 -21.83
C TRP A 102 7.32 -14.67 -22.83
N SER A 103 6.94 -15.94 -22.75
CA SER A 103 5.96 -16.44 -23.69
C SER A 103 4.57 -15.75 -23.68
N VAL A 104 4.11 -15.18 -22.55
CA VAL A 104 2.95 -14.29 -22.55
C VAL A 104 3.08 -12.98 -23.32
N LEU A 105 4.21 -12.32 -23.19
CA LEU A 105 4.46 -11.04 -23.77
C LEU A 105 4.76 -11.23 -25.27
N GLU A 106 5.12 -12.42 -25.73
CA GLU A 106 5.19 -12.64 -27.17
C GLU A 106 3.86 -12.55 -27.97
N THR A 107 2.74 -12.48 -27.25
CA THR A 107 1.40 -12.19 -27.79
C THR A 107 1.08 -10.67 -27.91
N LEU A 108 2.06 -9.84 -27.56
CA LEU A 108 2.03 -8.40 -27.77
C LEU A 108 2.75 -8.04 -29.13
N THR A 109 1.97 -7.57 -30.08
CA THR A 109 2.44 -7.12 -31.39
C THR A 109 2.90 -5.61 -31.28
N PRO A 110 3.79 -5.14 -32.23
CA PRO A 110 4.24 -3.72 -32.14
C PRO A 110 3.16 -2.72 -32.41
N SER A 111 2.15 -3.07 -33.19
CA SER A 111 1.06 -2.13 -33.38
C SER A 111 0.16 -1.98 -32.16
N GLU A 112 0.09 -3.02 -31.35
CA GLU A 112 -0.63 -2.92 -30.08
C GLU A 112 0.16 -2.01 -29.11
N TYR A 113 1.46 -2.28 -29.02
CA TYR A 113 2.37 -1.53 -28.19
C TYR A 113 2.39 -0.02 -28.42
N MET A 114 2.39 0.40 -29.70
CA MET A 114 2.37 1.84 -30.10
C MET A 114 1.17 2.56 -29.64
N GLY A 115 0.14 1.82 -29.30
CA GLY A 115 -1.01 2.43 -28.66
C GLY A 115 -0.84 2.91 -27.26
N PHE A 116 0.17 2.44 -26.50
CA PHE A 116 0.43 2.99 -25.13
C PHE A 116 1.93 3.18 -24.82
N ARG A 117 2.83 2.71 -25.68
CA ARG A 117 4.24 2.97 -25.37
C ARG A 117 4.52 4.45 -24.91
N ASP A 118 4.07 5.40 -25.68
CA ASP A 118 3.95 6.86 -25.33
C ASP A 118 3.72 7.18 -23.85
N VAL A 119 2.93 6.37 -23.16
CA VAL A 119 2.43 6.78 -21.82
C VAL A 119 3.46 6.56 -20.78
N LEU A 120 4.52 5.82 -21.14
CA LEU A 120 5.49 5.31 -20.19
C LEU A 120 6.54 6.33 -19.97
N GLY A 121 6.62 7.35 -20.83
CA GLY A 121 7.68 8.28 -20.74
C GLY A 121 9.06 7.61 -20.81
N PRO A 122 9.96 8.02 -19.91
CA PRO A 122 11.31 7.49 -19.83
C PRO A 122 11.42 6.27 -18.92
N SER A 123 10.30 5.77 -18.39
CA SER A 123 10.33 4.57 -17.55
C SER A 123 10.82 3.28 -18.24
N SER A 124 11.68 2.56 -17.53
CA SER A 124 12.41 1.44 -18.12
C SER A 124 12.79 0.46 -17.00
N GLY A 125 12.88 -0.87 -17.28
CA GLY A 125 13.46 -1.82 -16.32
C GLY A 125 14.91 -1.61 -15.96
N PHE A 126 15.63 -0.88 -16.84
CA PHE A 126 16.94 -0.41 -16.50
C PHE A 126 17.01 0.30 -15.16
N GLN A 127 15.94 1.00 -14.78
CA GLN A 127 15.79 1.57 -13.46
C GLN A 127 15.19 0.58 -12.36
N SER A 128 15.16 -0.72 -12.61
CA SER A 128 14.85 -1.72 -11.54
C SER A 128 15.91 -1.81 -10.47
N LEU A 129 15.65 -1.30 -9.26
CA LEU A 129 16.54 -1.47 -8.15
C LEU A 129 16.75 -2.95 -7.85
N GLN A 130 15.66 -3.72 -7.82
CA GLN A 130 15.86 -5.13 -7.45
C GLN A 130 16.70 -5.94 -8.50
N TYR A 131 16.55 -5.65 -9.77
CA TYR A 131 17.32 -6.35 -10.74
C TYR A 131 18.85 -6.10 -10.58
N ARG A 132 19.21 -4.82 -10.35
CA ARG A 132 20.58 -4.28 -10.16
C ARG A 132 21.23 -4.81 -8.90
N TYR A 133 20.44 -5.03 -7.87
CA TYR A 133 20.85 -5.69 -6.69
C TYR A 133 21.32 -7.07 -6.98
N ILE A 134 20.55 -7.84 -7.70
CA ILE A 134 20.96 -9.14 -8.14
C ILE A 134 22.14 -9.23 -9.09
N GLU A 135 22.30 -8.31 -10.08
CA GLU A 135 23.47 -8.21 -10.96
C GLU A 135 24.71 -8.00 -10.12
N PHE A 136 24.60 -7.14 -9.10
CA PHE A 136 25.67 -6.79 -8.22
C PHE A 136 25.97 -7.97 -7.35
N LEU A 137 24.98 -8.59 -6.75
CA LEU A 137 25.20 -9.77 -5.89
C LEU A 137 25.86 -10.93 -6.66
N LEU A 138 25.49 -11.17 -7.92
CA LEU A 138 26.17 -12.23 -8.73
C LEU A 138 27.61 -11.79 -9.18
N GLY A 139 27.89 -10.49 -9.01
CA GLY A 139 29.25 -9.91 -9.18
C GLY A 139 29.44 -8.96 -10.35
N ASN A 140 28.39 -8.67 -11.14
CA ASN A 140 28.50 -7.73 -12.24
C ASN A 140 28.43 -6.29 -11.68
N LYS A 141 29.53 -5.83 -11.05
CA LYS A 141 29.47 -4.65 -10.25
C LYS A 141 29.94 -3.49 -11.15
N ASN A 142 29.00 -2.68 -11.64
CA ASN A 142 29.30 -1.47 -12.38
C ASN A 142 28.87 -0.22 -11.55
N PRO A 143 29.82 0.55 -11.04
CA PRO A 143 29.41 1.70 -10.22
C PRO A 143 28.83 2.94 -11.01
N GLN A 144 28.98 3.00 -12.33
CA GLN A 144 28.19 3.96 -13.15
C GLN A 144 26.70 3.81 -12.83
N MET A 145 26.32 2.62 -12.37
CA MET A 145 24.94 2.22 -12.25
C MET A 145 24.35 2.84 -11.01
N LEU A 146 25.20 3.26 -10.07
CA LEU A 146 24.74 4.09 -8.92
C LEU A 146 24.16 5.48 -9.30
N GLN A 147 24.69 6.12 -10.34
CA GLN A 147 24.07 7.42 -10.79
C GLN A 147 22.59 7.30 -11.24
N VAL A 148 22.21 6.08 -11.64
CA VAL A 148 20.84 5.80 -12.03
C VAL A 148 19.87 5.97 -10.84
N PHE A 149 20.38 5.74 -9.62
CA PHE A 149 19.58 5.69 -8.42
C PHE A 149 19.82 6.93 -7.50
N ALA A 150 20.39 8.00 -8.06
CA ALA A 150 20.52 9.30 -7.44
C ALA A 150 19.20 9.97 -6.92
N TYR A 151 18.03 9.70 -7.52
CA TYR A 151 16.72 10.10 -6.91
C TYR A 151 16.46 9.43 -5.53
N ASP A 152 17.12 8.30 -5.33
CA ASP A 152 16.77 7.31 -4.35
C ASP A 152 17.97 6.91 -3.49
N PRO A 153 18.22 7.65 -2.38
CA PRO A 153 19.29 7.48 -1.40
C PRO A 153 19.28 6.23 -0.60
N ALA A 154 18.08 5.82 -0.12
CA ALA A 154 17.89 4.49 0.46
C ALA A 154 18.29 3.36 -0.54
N GLY A 155 17.80 3.40 -1.78
CA GLY A 155 18.13 2.30 -2.71
C GLY A 155 19.59 2.25 -3.08
N GLN A 156 20.15 3.41 -3.43
CA GLN A 156 21.55 3.59 -3.80
C GLN A 156 22.44 3.19 -2.64
N ALA A 157 22.03 3.56 -1.42
CA ALA A 157 22.60 2.99 -0.24
C ALA A 157 22.39 1.44 -0.08
N ARG A 158 21.25 0.79 -0.41
CA ARG A 158 21.34 -0.70 -0.34
C ARG A 158 22.22 -1.44 -1.42
N LEU A 159 22.43 -0.80 -2.54
CA LEU A 159 23.34 -1.24 -3.57
C LEU A 159 24.79 -1.03 -3.15
N ARG A 160 25.05 0.02 -2.37
CA ARG A 160 26.37 0.30 -1.97
C ARG A 160 26.78 -0.84 -1.02
N GLU A 161 25.87 -1.27 -0.12
CA GLU A 161 26.20 -2.38 0.73
C GLU A 161 26.57 -3.61 -0.08
N VAL A 162 25.79 -3.98 -1.08
CA VAL A 162 26.19 -5.12 -1.94
C VAL A 162 27.51 -4.84 -2.75
N LEU A 163 27.78 -3.62 -3.21
CA LEU A 163 29.05 -3.35 -3.93
C LEU A 163 30.19 -3.67 -3.03
N GLU A 164 30.04 -3.28 -1.76
CA GLU A 164 31.08 -3.32 -0.74
C GLU A 164 31.39 -4.70 -0.15
N ALA A 165 30.61 -5.72 -0.51
CA ALA A 165 30.68 -7.09 0.06
C ALA A 165 31.16 -8.07 -1.02
N PRO A 166 31.80 -9.19 -0.64
CA PRO A 166 31.97 -10.21 -1.67
C PRO A 166 30.65 -10.71 -2.37
N SER A 167 30.79 -11.02 -3.64
CA SER A 167 29.68 -11.39 -4.46
C SER A 167 29.42 -12.87 -4.17
N LEU A 168 28.33 -13.39 -4.71
CA LEU A 168 28.19 -14.87 -4.70
C LEU A 168 29.45 -15.72 -5.07
N TYR A 169 30.05 -15.44 -6.23
CA TYR A 169 31.23 -16.11 -6.74
C TYR A 169 32.47 -16.04 -5.80
N GLU A 170 32.68 -14.85 -5.22
CA GLU A 170 33.77 -14.54 -4.39
C GLU A 170 33.55 -15.20 -3.06
N GLU A 171 32.30 -15.34 -2.62
CA GLU A 171 31.98 -16.22 -1.52
C GLU A 171 32.29 -17.75 -1.75
N PHE A 172 31.97 -18.31 -2.94
CA PHE A 172 32.45 -19.62 -3.31
C PHE A 172 34.00 -19.77 -3.28
N LEU A 173 34.75 -18.79 -3.80
CA LEU A 173 36.24 -18.82 -3.78
C LEU A 173 36.76 -18.83 -2.38
N ARG A 174 36.12 -18.10 -1.47
CA ARG A 174 36.47 -18.10 -0.08
C ARG A 174 36.20 -19.40 0.57
N TYR A 175 35.06 -19.97 0.21
CA TYR A 175 34.71 -21.28 0.63
C TYR A 175 35.82 -22.26 0.19
N LEU A 176 36.15 -22.26 -1.08
CA LEU A 176 37.21 -23.15 -1.57
C LEU A 176 38.54 -23.04 -0.82
N ALA A 177 38.93 -21.81 -0.48
CA ALA A 177 40.10 -21.48 0.36
C ALA A 177 40.14 -22.15 1.70
N ARG A 178 38.97 -22.22 2.37
CA ARG A 178 38.84 -22.85 3.66
C ARG A 178 39.06 -24.34 3.61
N PHE A 179 39.05 -24.93 2.41
CA PHE A 179 39.13 -26.37 2.20
C PHE A 179 40.39 -26.77 1.43
N GLY A 180 41.39 -25.91 1.51
CA GLY A 180 42.79 -26.21 1.15
C GLY A 180 43.03 -26.15 -0.34
N HIS A 181 42.15 -25.47 -1.05
CA HIS A 181 42.39 -25.30 -2.49
C HIS A 181 43.28 -24.08 -2.58
N ALA A 182 43.96 -23.98 -3.72
CA ALA A 182 45.05 -23.06 -3.92
C ALA A 182 44.49 -21.76 -4.44
N ILE A 183 43.80 -21.08 -3.53
CA ILE A 183 43.18 -19.75 -3.78
C ILE A 183 44.13 -18.65 -3.30
N PRO A 184 44.36 -17.62 -4.12
CA PRO A 184 45.12 -16.44 -3.65
C PRO A 184 44.56 -15.75 -2.39
N GLN A 185 45.44 -15.12 -1.60
CA GLN A 185 45.07 -14.40 -0.35
C GLN A 185 44.26 -13.19 -0.61
N GLN A 186 44.29 -12.68 -1.81
CA GLN A 186 43.55 -11.49 -2.13
C GLN A 186 42.03 -11.67 -1.96
N TYR A 187 41.50 -12.88 -2.25
CA TYR A 187 40.07 -13.21 -2.01
C TYR A 187 39.65 -13.17 -0.51
N GLN A 188 40.59 -13.16 0.40
CA GLN A 188 40.30 -13.01 1.80
C GLN A 188 39.99 -11.55 2.15
N ALA A 189 40.57 -10.57 1.44
CA ALA A 189 40.30 -9.16 1.70
C ALA A 189 40.84 -8.38 0.52
N ARG A 190 40.00 -7.53 -0.05
CA ARG A 190 40.38 -6.68 -1.12
C ARG A 190 39.23 -5.73 -1.34
N ASP A 191 39.39 -4.84 -2.36
CA ASP A 191 38.35 -3.89 -2.74
C ASP A 191 37.20 -4.62 -3.52
N TRP A 192 36.09 -4.93 -2.83
CA TRP A 192 34.98 -5.69 -3.46
C TRP A 192 34.15 -4.92 -4.42
N THR A 193 34.22 -3.59 -4.38
CA THR A 193 33.52 -2.70 -5.33
C THR A 193 34.03 -2.83 -6.74
N ALA A 194 35.23 -3.40 -6.85
CA ALA A 194 35.81 -3.67 -8.13
C ALA A 194 35.45 -5.09 -8.59
N ALA A 195 34.73 -5.13 -9.70
CA ALA A 195 34.21 -6.33 -10.30
C ALA A 195 35.33 -7.31 -10.59
N HIS A 196 35.15 -8.52 -10.05
CA HIS A 196 36.01 -9.67 -10.31
C HIS A 196 36.66 -9.63 -11.66
N VAL A 197 38.00 -9.66 -11.67
CA VAL A 197 38.84 -9.82 -12.87
C VAL A 197 39.25 -11.28 -12.96
N ALA A 198 39.14 -11.79 -14.20
CA ALA A 198 39.51 -13.21 -14.54
C ALA A 198 40.94 -13.60 -14.11
N ASP A 199 41.01 -14.67 -13.36
CA ASP A 199 42.23 -15.00 -12.66
C ASP A 199 42.71 -16.34 -13.24
N ASP A 200 43.77 -16.26 -14.08
CA ASP A 200 44.45 -17.42 -14.64
C ASP A 200 44.93 -18.43 -13.60
N THR A 201 45.25 -17.98 -12.38
CA THR A 201 45.74 -18.93 -11.39
C THR A 201 44.66 -19.81 -10.74
N LEU A 202 43.41 -19.45 -10.98
CA LEU A 202 42.25 -20.28 -10.61
C LEU A 202 42.03 -21.47 -11.58
N ARG A 203 42.72 -21.53 -12.69
CA ARG A 203 42.53 -22.62 -13.67
C ARG A 203 42.94 -23.98 -13.15
N PRO A 204 44.19 -24.14 -12.70
CA PRO A 204 44.51 -25.38 -12.02
C PRO A 204 43.66 -25.77 -10.79
N VAL A 205 43.12 -24.82 -10.02
CA VAL A 205 42.17 -25.16 -8.97
C VAL A 205 40.93 -25.95 -9.50
N PHE A 206 40.33 -25.44 -10.60
CA PHE A 206 39.03 -25.91 -11.10
C PHE A 206 39.28 -27.12 -11.89
N GLU A 207 40.46 -27.27 -12.50
CA GLU A 207 40.78 -28.55 -13.20
C GLU A 207 40.87 -29.74 -12.17
N ARG A 208 41.42 -29.45 -10.99
CA ARG A 208 41.65 -30.47 -9.99
C ARG A 208 40.31 -30.97 -9.38
N ILE A 209 39.35 -30.07 -9.27
CA ILE A 209 37.98 -30.36 -8.85
C ILE A 209 37.31 -31.33 -9.88
N TYR A 210 37.29 -30.91 -11.13
CA TYR A 210 36.53 -31.59 -12.13
C TYR A 210 37.16 -32.94 -12.58
N GLU A 211 38.47 -33.12 -12.34
CA GLU A 211 39.17 -34.36 -12.51
C GLU A 211 39.36 -35.26 -11.26
N ASN A 212 39.13 -34.82 -10.02
CA ASN A 212 38.69 -35.80 -8.97
C ASN A 212 37.37 -35.49 -8.37
N THR A 213 36.33 -35.85 -9.12
CA THR A 213 34.96 -35.63 -8.64
C THR A 213 34.74 -36.59 -7.46
N ASP A 214 35.43 -37.72 -7.38
CA ASP A 214 35.27 -38.55 -6.15
C ASP A 214 35.72 -37.80 -4.92
N ARG A 215 36.89 -37.16 -5.00
CA ARG A 215 37.43 -36.35 -3.90
C ARG A 215 36.68 -34.96 -3.67
N TYR A 216 36.36 -34.26 -4.75
CA TYR A 216 35.86 -32.95 -4.65
C TYR A 216 34.44 -32.93 -5.11
N TRP A 217 33.66 -33.86 -4.58
CA TRP A 217 32.28 -33.93 -4.88
C TRP A 217 31.49 -32.69 -4.53
N ARG A 218 31.58 -32.20 -3.28
CA ARG A 218 30.97 -30.89 -2.91
C ARG A 218 31.30 -29.68 -3.83
N GLU A 219 32.59 -29.41 -4.05
CA GLU A 219 33.12 -28.35 -4.96
C GLU A 219 32.63 -28.50 -6.45
N TYR A 220 32.71 -29.71 -7.03
CA TYR A 220 32.22 -30.01 -8.31
C TYR A 220 30.70 -29.73 -8.43
N SER A 221 29.89 -30.17 -7.42
CA SER A 221 28.41 -29.83 -7.24
C SER A 221 28.11 -28.37 -7.26
N LEU A 222 28.90 -27.64 -6.47
CA LEU A 222 28.74 -26.19 -6.47
C LEU A 222 29.12 -25.47 -7.73
N CYS A 223 30.23 -25.90 -8.36
CA CYS A 223 30.59 -25.36 -9.67
C CYS A 223 29.51 -25.58 -10.72
N GLU A 224 28.96 -26.77 -10.76
CA GLU A 224 27.82 -27.01 -11.66
C GLU A 224 26.56 -26.24 -11.33
N ASP A 225 26.30 -25.99 -10.06
CA ASP A 225 25.22 -25.03 -9.70
C ASP A 225 25.37 -23.61 -10.16
N LEU A 226 26.55 -23.03 -9.92
CA LEU A 226 26.91 -21.72 -10.40
C LEU A 226 26.81 -21.60 -11.89
N VAL A 227 27.35 -22.58 -12.64
CA VAL A 227 27.25 -22.64 -14.06
C VAL A 227 25.77 -22.74 -14.48
N ASP A 228 24.94 -23.48 -13.76
CA ASP A 228 23.49 -23.48 -14.08
C ASP A 228 22.83 -22.14 -13.89
N VAL A 229 23.24 -21.45 -12.82
CA VAL A 229 22.70 -20.15 -12.47
C VAL A 229 23.02 -19.13 -13.50
N GLU A 230 24.30 -19.06 -13.87
CA GLU A 230 24.66 -18.20 -14.99
C GLU A 230 23.94 -18.52 -16.32
N THR A 231 23.81 -19.79 -16.67
CA THR A 231 23.24 -20.13 -17.98
C THR A 231 21.79 -19.71 -17.97
N GLN A 232 21.13 -19.91 -16.83
CA GLN A 232 19.71 -19.51 -16.77
C GLN A 232 19.52 -17.98 -16.78
N PHE A 233 20.40 -17.26 -16.14
CA PHE A 233 20.28 -15.81 -16.20
C PHE A 233 20.51 -15.32 -17.64
N GLN A 234 21.50 -15.89 -18.33
CA GLN A 234 21.73 -15.50 -19.73
C GLN A 234 20.57 -15.83 -20.61
N LEU A 235 19.87 -16.90 -20.32
CA LEU A 235 18.60 -17.26 -21.01
C LEU A 235 17.53 -16.26 -20.79
N TRP A 236 17.39 -15.82 -19.54
CA TRP A 236 16.50 -14.69 -19.19
C TRP A 236 16.82 -13.48 -20.07
N ARG A 237 18.08 -13.05 -20.11
CA ARG A 237 18.54 -11.85 -20.96
C ARG A 237 18.24 -12.02 -22.43
N PHE A 238 18.38 -13.25 -22.92
CA PHE A 238 18.23 -13.49 -24.41
C PHE A 238 16.78 -13.37 -24.90
N ARG A 239 15.92 -13.95 -24.08
CA ARG A 239 14.45 -13.95 -24.23
C ARG A 239 13.83 -12.57 -24.07
N HIS A 240 14.30 -11.82 -23.08
CA HIS A 240 14.02 -10.41 -22.99
C HIS A 240 14.43 -9.64 -24.27
N MET A 241 15.67 -9.83 -24.69
CA MET A 241 16.24 -9.19 -25.91
C MET A 241 15.45 -9.65 -27.17
N ARG A 242 15.02 -10.92 -27.28
CA ARG A 242 14.19 -11.35 -28.42
C ARG A 242 12.80 -10.80 -28.43
N THR A 243 12.31 -10.54 -27.24
CA THR A 243 11.03 -9.86 -27.10
C THR A 243 11.13 -8.35 -27.51
N VAL A 244 12.16 -7.66 -27.02
CA VAL A 244 12.54 -6.37 -27.57
C VAL A 244 12.59 -6.32 -29.10
N MET A 245 13.33 -7.22 -29.74
CA MET A 245 13.39 -7.24 -31.16
C MET A 245 11.98 -7.36 -31.74
N ARG A 246 11.15 -8.21 -31.19
CA ARG A 246 9.89 -8.30 -31.85
C ARG A 246 8.85 -7.23 -31.50
N VAL A 247 9.03 -6.45 -30.44
CA VAL A 247 8.03 -5.49 -30.05
C VAL A 247 8.45 -4.11 -30.56
N ILE A 248 9.70 -3.69 -30.33
CA ILE A 248 10.18 -2.37 -30.79
C ILE A 248 11.28 -2.41 -31.90
N GLY A 249 11.72 -3.59 -32.30
CA GLY A 249 12.82 -3.69 -33.27
C GLY A 249 14.12 -3.07 -32.76
N PHE A 250 14.67 -2.17 -33.58
CA PHE A 250 15.94 -1.57 -33.32
C PHE A 250 15.81 -0.12 -32.86
N LYS A 251 14.60 0.27 -32.50
CA LYS A 251 14.27 1.53 -31.82
C LYS A 251 14.98 1.70 -30.53
N ARG A 252 15.36 2.95 -30.25
CA ARG A 252 16.01 3.31 -28.99
C ARG A 252 15.01 3.01 -27.85
N GLY A 253 15.51 2.66 -26.67
CA GLY A 253 14.62 2.36 -25.55
C GLY A 253 14.04 3.59 -24.90
N THR A 254 12.99 3.37 -24.09
CA THR A 254 12.33 4.41 -23.30
C THR A 254 13.30 5.10 -22.35
N GLY A 255 14.24 4.33 -21.79
CA GLY A 255 15.25 4.77 -20.85
C GLY A 255 16.52 5.41 -21.43
N GLY A 256 16.56 5.49 -22.76
CA GLY A 256 17.50 6.36 -23.50
C GLY A 256 18.60 5.56 -24.16
N SER A 257 18.63 4.24 -23.97
CA SER A 257 19.71 3.45 -24.44
C SER A 257 19.41 3.12 -25.87
N SER A 258 20.42 2.61 -26.56
CA SER A 258 20.30 2.16 -27.94
C SER A 258 19.37 0.91 -28.05
N GLY A 259 19.02 0.32 -26.93
CA GLY A 259 18.07 -0.78 -26.89
C GLY A 259 18.75 -2.10 -27.17
N VAL A 260 18.52 -2.71 -28.31
CA VAL A 260 18.95 -4.11 -28.52
C VAL A 260 20.44 -4.27 -28.44
N GLY A 261 21.21 -3.38 -29.09
CA GLY A 261 22.67 -3.34 -28.93
C GLY A 261 23.14 -3.15 -27.51
N PHE A 262 22.49 -2.29 -26.73
CA PHE A 262 22.79 -2.17 -25.26
C PHE A 262 22.54 -3.46 -24.47
N LEU A 263 21.44 -4.15 -24.81
CA LEU A 263 21.11 -5.46 -24.11
C LEU A 263 22.05 -6.55 -24.55
N GLN A 264 22.42 -6.51 -25.86
CA GLN A 264 23.51 -7.36 -26.32
C GLN A 264 24.87 -7.28 -25.62
N GLN A 265 25.26 -6.11 -25.11
CA GLN A 265 26.52 -5.92 -24.36
C GLN A 265 26.54 -6.63 -23.01
N ALA A 266 25.39 -6.77 -22.32
CA ALA A 266 25.27 -7.62 -21.10
C ALA A 266 25.34 -9.12 -21.38
N LEU A 267 24.75 -9.53 -22.48
CA LEU A 267 24.72 -10.91 -22.93
C LEU A 267 26.12 -11.45 -23.22
N ALA A 268 27.05 -10.57 -23.50
CA ALA A 268 28.44 -10.82 -23.81
C ALA A 268 29.28 -11.03 -22.60
N LEU A 269 28.87 -10.40 -21.50
CA LEU A 269 29.50 -10.48 -20.21
C LEU A 269 29.31 -11.81 -19.52
N THR A 270 30.28 -12.19 -18.68
CA THR A 270 30.23 -13.44 -17.93
C THR A 270 30.46 -13.26 -16.42
N PHE A 271 29.56 -13.83 -15.62
CA PHE A 271 29.55 -13.84 -14.15
C PHE A 271 30.75 -14.59 -13.51
N PHE A 272 31.00 -15.84 -13.99
CA PHE A 272 31.91 -16.77 -13.29
C PHE A 272 32.93 -17.28 -14.33
N PRO A 273 33.82 -16.38 -14.79
CA PRO A 273 34.67 -16.52 -15.97
C PRO A 273 35.60 -17.74 -16.00
N GLU A 274 36.30 -17.98 -14.89
CA GLU A 274 37.17 -19.19 -14.71
C GLU A 274 36.46 -20.54 -14.72
N LEU A 275 35.19 -20.52 -14.30
CA LEU A 275 34.38 -21.75 -14.48
C LEU A 275 34.13 -22.17 -15.90
N PHE A 276 33.92 -21.21 -16.79
CA PHE A 276 33.77 -21.51 -18.20
C PHE A 276 35.10 -21.70 -18.92
N ASP A 277 36.12 -20.90 -18.57
CA ASP A 277 37.48 -20.96 -19.17
C ASP A 277 38.08 -22.34 -18.96
N VAL A 278 37.88 -22.91 -17.76
CA VAL A 278 38.41 -24.21 -17.45
C VAL A 278 38.03 -25.23 -18.48
N ARG A 279 36.96 -24.98 -19.25
CA ARG A 279 36.52 -26.00 -20.26
C ARG A 279 37.53 -26.36 -21.39
N THR A 280 38.40 -25.43 -21.76
CA THR A 280 39.36 -25.67 -22.88
C THR A 280 40.50 -26.57 -22.43
N SER A 281 40.65 -26.78 -21.13
CA SER A 281 41.81 -27.46 -20.61
C SER A 281 41.48 -28.69 -19.75
N VAL A 282 40.27 -28.78 -19.22
CA VAL A 282 39.85 -29.87 -18.36
C VAL A 282 39.95 -31.26 -19.09
N GLY A 283 40.39 -32.31 -18.35
CA GLY A 283 40.46 -33.66 -18.93
C GLY A 283 39.58 -34.66 -18.18
N LEU B 7 33.11 -5.70 -18.37
CA LEU B 7 32.14 -4.59 -17.92
C LEU B 7 31.34 -3.92 -19.05
N ARG B 8 30.10 -3.53 -18.81
CA ARG B 8 29.37 -2.73 -19.81
C ARG B 8 29.36 -1.24 -19.40
N ASP B 9 29.76 -0.39 -20.34
CA ASP B 9 29.80 1.03 -20.08
C ASP B 9 28.40 1.57 -20.28
N LEU B 10 27.98 2.45 -19.37
CA LEU B 10 26.70 3.15 -19.47
C LEU B 10 26.71 3.94 -20.76
N GLU B 11 25.74 3.66 -21.66
CA GLU B 11 25.58 4.44 -22.90
C GLU B 11 25.23 5.94 -22.69
N PRO B 12 25.84 6.81 -23.51
CA PRO B 12 25.58 8.28 -23.43
C PRO B 12 24.13 8.79 -23.30
N GLY B 13 23.24 8.25 -24.13
CA GLY B 13 21.84 8.83 -24.11
C GLY B 13 20.86 8.42 -23.02
N ILE B 14 21.31 7.61 -22.07
CA ILE B 14 20.48 7.22 -20.88
C ILE B 14 19.99 8.38 -19.89
N HIS B 15 18.67 8.45 -19.68
CA HIS B 15 18.04 9.39 -18.78
C HIS B 15 18.38 8.98 -17.35
N THR B 16 18.89 9.90 -16.58
CA THR B 16 19.37 9.57 -15.23
C THR B 16 18.65 10.45 -14.21
N ASP B 17 18.08 11.54 -14.74
CA ASP B 17 17.31 12.47 -13.92
C ASP B 17 15.79 12.54 -14.13
N LEU B 18 15.13 11.83 -13.23
CA LEU B 18 13.82 11.35 -13.44
C LEU B 18 12.86 11.83 -12.35
N GLU B 19 13.36 12.71 -11.49
CA GLU B 19 12.65 13.25 -10.32
C GLU B 19 11.40 14.08 -10.65
N GLY B 20 11.20 14.42 -11.88
CA GLY B 20 10.00 15.16 -12.21
C GLY B 20 9.23 14.49 -13.32
N ARG B 21 9.56 13.22 -13.57
CA ARG B 21 8.98 12.48 -14.72
C ARG B 21 8.43 11.17 -14.16
N LEU B 22 7.51 10.56 -14.92
CA LEU B 22 7.06 9.15 -14.68
C LEU B 22 8.28 8.22 -14.57
N THR B 23 8.37 7.51 -13.48
CA THR B 23 9.47 6.60 -13.07
C THR B 23 8.97 5.13 -13.25
N TYR B 24 9.88 4.17 -13.35
CA TYR B 24 9.52 2.73 -13.45
C TYR B 24 8.74 2.25 -12.20
N GLY B 25 9.25 2.67 -11.05
CA GLY B 25 8.69 2.41 -9.77
C GLY B 25 7.42 3.05 -9.49
N GLY B 26 7.16 4.24 -10.05
CA GLY B 26 5.89 4.93 -9.85
C GLY B 26 4.80 4.47 -10.79
N TYR B 27 5.20 4.19 -12.03
CA TYR B 27 4.38 3.49 -13.02
C TYR B 27 3.91 2.09 -12.54
N LEU B 28 4.80 1.33 -11.91
CA LEU B 28 4.46 0.00 -11.50
C LEU B 28 4.00 -0.05 -10.05
N ARG B 29 4.00 1.12 -9.37
CA ARG B 29 3.51 1.32 -8.04
C ARG B 29 4.25 0.35 -7.18
N LEU B 30 5.56 0.37 -7.32
CA LEU B 30 6.43 -0.65 -6.59
C LEU B 30 6.60 -0.54 -5.04
N ASP B 31 6.55 0.70 -4.51
CA ASP B 31 6.43 0.92 -3.06
C ASP B 31 5.27 0.18 -2.45
N GLN B 32 4.12 0.26 -3.11
CA GLN B 32 2.94 -0.40 -2.75
C GLN B 32 2.99 -1.92 -2.89
N LEU B 33 3.40 -2.41 -4.08
CA LEU B 33 3.51 -3.87 -4.41
C LEU B 33 4.54 -4.60 -3.58
N LEU B 34 5.70 -4.03 -3.37
CA LEU B 34 6.72 -4.71 -2.68
C LEU B 34 6.75 -4.35 -1.18
N SER B 35 5.68 -3.74 -0.69
CA SER B 35 5.48 -3.77 0.70
C SER B 35 4.24 -4.61 1.08
N ALA B 36 3.72 -5.43 0.12
CA ALA B 36 2.52 -6.27 0.41
C ALA B 36 2.89 -7.59 1.00
N GLN B 37 4.20 -7.78 1.30
CA GLN B 37 4.73 -9.13 1.78
C GLN B 37 4.98 -9.02 3.31
N GLN B 38 4.14 -9.66 4.09
CA GLN B 38 4.04 -9.39 5.52
C GLN B 38 4.01 -10.76 6.21
N PRO B 39 5.19 -11.41 6.22
CA PRO B 39 5.17 -12.75 6.84
C PRO B 39 4.98 -12.66 8.33
N LEU B 40 4.38 -13.72 8.89
CA LEU B 40 3.92 -13.71 10.28
C LEU B 40 4.65 -14.60 11.27
N SER B 41 5.53 -15.48 10.79
CA SER B 41 6.48 -16.21 11.66
C SER B 41 7.37 -15.38 12.63
N GLU B 42 7.50 -15.88 13.85
CA GLU B 42 8.35 -15.36 14.91
C GLU B 42 9.03 -16.50 15.74
N PRO B 43 10.37 -16.71 15.58
CA PRO B 43 11.26 -15.93 14.67
C PRO B 43 10.93 -16.13 13.18
N ALA B 44 11.53 -15.32 12.33
CA ALA B 44 11.31 -15.40 10.89
C ALA B 44 11.64 -16.82 10.35
N HIS B 45 10.84 -17.29 9.40
CA HIS B 45 11.04 -18.55 8.74
C HIS B 45 11.52 -18.25 7.34
N HIS B 46 12.71 -18.74 6.95
CA HIS B 46 13.17 -18.58 5.53
C HIS B 46 12.13 -18.83 4.44
N ASP B 47 11.30 -19.87 4.62
CA ASP B 47 10.37 -20.33 3.56
C ASP B 47 9.06 -19.64 3.45
N GLU B 48 8.72 -18.77 4.42
CA GLU B 48 7.51 -18.02 4.31
C GLU B 48 7.38 -17.07 3.11
N MET B 49 8.47 -16.49 2.67
CA MET B 49 8.46 -15.48 1.57
C MET B 49 8.21 -16.11 0.26
N LEU B 50 8.78 -17.33 0.05
CA LEU B 50 8.39 -18.22 -1.12
C LEU B 50 6.87 -18.40 -1.16
N PHE B 51 6.35 -18.62 0.01
CA PHE B 51 5.01 -19.02 0.12
C PHE B 51 4.07 -17.87 -0.25
N ILE B 52 4.32 -16.70 0.31
CA ILE B 52 3.54 -15.58 -0.01
C ILE B 52 3.75 -15.18 -1.46
N ILE B 53 4.99 -15.14 -1.90
CA ILE B 53 5.22 -14.79 -3.31
C ILE B 53 4.68 -15.72 -4.42
N GLN B 54 4.66 -17.01 -4.15
CA GLN B 54 4.01 -17.95 -5.06
C GLN B 54 2.54 -17.59 -5.29
N ALA B 55 1.79 -17.27 -4.20
CA ALA B 55 0.38 -17.11 -4.25
C ALA B 55 0.10 -15.72 -4.79
N GLN B 56 0.89 -14.72 -4.36
CA GLN B 56 0.79 -13.37 -4.91
C GLN B 56 1.01 -13.25 -6.42
N THR B 57 2.06 -13.90 -6.95
CA THR B 57 2.25 -13.90 -8.41
C THR B 57 1.07 -14.63 -9.02
N SER B 58 0.57 -15.70 -8.42
CA SER B 58 -0.65 -16.39 -8.95
C SER B 58 -1.89 -15.51 -9.06
N GLU B 59 -2.22 -14.79 -7.97
CA GLU B 59 -3.22 -13.74 -7.97
C GLU B 59 -3.02 -12.64 -9.01
N LEU B 60 -1.79 -12.15 -9.22
CA LEU B 60 -1.58 -11.27 -10.35
C LEU B 60 -1.87 -11.89 -11.72
N TRP B 61 -1.47 -13.15 -11.98
CA TRP B 61 -1.80 -13.84 -13.21
C TRP B 61 -3.31 -14.03 -13.33
N LEU B 62 -3.98 -14.45 -12.25
CA LEU B 62 -5.44 -14.58 -12.23
C LEU B 62 -6.14 -13.28 -12.46
N LYS B 63 -5.54 -12.17 -12.05
CA LYS B 63 -6.06 -10.85 -12.38
C LYS B 63 -5.98 -10.46 -13.87
N LEU B 64 -4.84 -10.67 -14.47
CA LEU B 64 -4.71 -10.65 -15.91
C LEU B 64 -5.63 -11.67 -16.68
N LEU B 65 -5.75 -12.92 -16.19
CA LEU B 65 -6.64 -13.85 -16.76
C LEU B 65 -8.17 -13.37 -16.81
N ALA B 66 -8.73 -12.80 -15.75
CA ALA B 66 -10.11 -12.33 -15.80
C ALA B 66 -10.27 -11.16 -16.82
N HIS B 67 -9.26 -10.32 -16.86
CA HIS B 67 -9.27 -9.23 -17.84
C HIS B 67 -9.24 -9.66 -19.34
N GLU B 68 -8.51 -10.73 -19.68
CA GLU B 68 -8.48 -11.27 -21.07
C GLU B 68 -9.75 -12.05 -21.36
N LEU B 69 -10.18 -12.88 -20.37
CA LEU B 69 -11.43 -13.64 -20.46
C LEU B 69 -12.61 -12.76 -20.79
N ARG B 70 -12.70 -11.65 -20.09
CA ARG B 70 -13.75 -10.66 -20.34
C ARG B 70 -13.79 -10.08 -21.75
N ALA B 71 -12.62 -9.73 -22.25
CA ALA B 71 -12.46 -9.19 -23.60
C ALA B 71 -12.68 -10.29 -24.64
N ALA B 72 -12.26 -11.54 -24.37
CA ALA B 72 -12.76 -12.66 -25.17
C ALA B 72 -14.31 -12.73 -25.29
N ILE B 73 -15.06 -12.57 -24.21
CA ILE B 73 -16.52 -12.53 -24.29
C ILE B 73 -17.10 -11.37 -25.15
N VAL B 74 -16.56 -10.19 -24.99
CA VAL B 74 -16.99 -9.04 -25.73
C VAL B 74 -16.74 -9.31 -27.20
N HIS B 75 -15.60 -9.89 -27.54
CA HIS B 75 -15.33 -10.26 -28.96
C HIS B 75 -16.28 -11.31 -29.47
N LEU B 76 -16.49 -12.39 -28.71
CA LEU B 76 -17.59 -13.35 -29.02
C LEU B 76 -19.00 -12.79 -29.35
N GLN B 77 -19.50 -11.91 -28.46
CA GLN B 77 -20.72 -11.16 -28.58
C GLN B 77 -20.87 -10.32 -29.84
N ARG B 78 -19.76 -9.89 -30.36
CA ARG B 78 -19.69 -8.98 -31.52
C ARG B 78 -19.28 -9.74 -32.73
N ASP B 79 -19.19 -11.03 -32.60
CA ASP B 79 -18.81 -11.96 -33.70
C ASP B 79 -17.40 -11.68 -34.27
N GLU B 80 -16.51 -11.25 -33.39
CA GLU B 80 -15.14 -10.88 -33.78
C GLU B 80 -14.18 -12.04 -33.44
N VAL B 81 -14.13 -12.99 -34.33
CA VAL B 81 -13.58 -14.32 -33.99
C VAL B 81 -12.10 -14.41 -33.99
N TRP B 82 -11.44 -13.83 -35.01
CA TRP B 82 -9.97 -13.72 -35.03
C TRP B 82 -9.46 -13.02 -33.75
N GLN B 83 -10.12 -11.93 -33.37
CA GLN B 83 -9.78 -11.15 -32.17
C GLN B 83 -10.04 -11.95 -30.94
N CYS B 84 -11.21 -12.62 -30.88
CA CYS B 84 -11.40 -13.65 -29.84
C CYS B 84 -10.33 -14.77 -29.69
N ARG B 85 -9.89 -15.41 -30.80
CA ARG B 85 -8.93 -16.37 -30.71
C ARG B 85 -7.60 -15.80 -30.27
N LYS B 86 -7.27 -14.56 -30.68
CA LYS B 86 -6.03 -13.89 -30.31
C LYS B 86 -6.04 -13.68 -28.77
N VAL B 87 -7.16 -13.30 -28.16
CA VAL B 87 -7.22 -13.18 -26.67
C VAL B 87 -7.15 -14.50 -25.89
N LEU B 88 -7.75 -15.56 -26.45
CA LEU B 88 -7.60 -16.90 -25.90
C LEU B 88 -6.23 -17.48 -25.91
N ALA B 89 -5.43 -17.09 -26.90
CA ALA B 89 -4.01 -17.50 -27.01
C ALA B 89 -3.15 -16.86 -25.92
N ARG B 90 -3.32 -15.56 -25.67
CA ARG B 90 -2.79 -14.93 -24.42
C ARG B 90 -3.30 -15.60 -23.11
N SER B 91 -4.62 -15.82 -23.05
CA SER B 91 -5.25 -16.60 -21.99
C SER B 91 -4.67 -17.91 -21.65
N LYS B 92 -4.37 -18.76 -22.65
CA LYS B 92 -3.77 -20.02 -22.43
C LYS B 92 -2.33 -19.91 -21.97
N GLN B 93 -1.63 -18.85 -22.39
CA GLN B 93 -0.29 -18.59 -21.91
C GLN B 93 -0.24 -18.17 -20.44
N VAL B 94 -1.19 -17.42 -19.99
CA VAL B 94 -1.33 -17.09 -18.55
C VAL B 94 -1.55 -18.30 -17.71
N LEU B 95 -2.56 -19.09 -18.07
CA LEU B 95 -2.77 -20.45 -17.53
C LEU B 95 -1.53 -21.30 -17.54
N ARG B 96 -0.81 -21.32 -18.66
CA ARG B 96 0.44 -22.07 -18.80
C ARG B 96 1.52 -21.57 -17.80
N GLN B 97 1.63 -20.23 -17.49
CA GLN B 97 2.57 -19.78 -16.41
C GLN B 97 2.13 -20.14 -15.04
N LEU B 98 0.84 -19.98 -14.82
CA LEU B 98 0.22 -20.38 -13.58
C LEU B 98 0.46 -21.89 -13.24
N THR B 99 0.55 -22.72 -14.27
CA THR B 99 0.76 -24.15 -14.11
C THR B 99 2.22 -24.49 -13.89
N GLU B 100 3.08 -23.83 -14.61
CA GLU B 100 4.52 -23.92 -14.53
C GLU B 100 5.06 -23.45 -13.23
N GLN B 101 4.46 -22.50 -12.53
CA GLN B 101 5.14 -22.06 -11.30
C GLN B 101 5.11 -23.08 -10.20
N TRP B 102 4.19 -24.10 -10.26
CA TRP B 102 4.23 -25.18 -9.32
C TRP B 102 5.61 -25.69 -9.09
N SER B 103 6.47 -25.65 -10.14
CA SER B 103 7.87 -26.16 -10.06
C SER B 103 8.76 -25.50 -8.98
N VAL B 104 8.47 -24.24 -8.62
CA VAL B 104 9.12 -23.57 -7.51
C VAL B 104 8.69 -24.06 -6.09
N LEU B 105 7.40 -24.30 -5.90
CA LEU B 105 6.86 -24.69 -4.59
C LEU B 105 7.21 -26.10 -4.31
N GLU B 106 7.56 -26.85 -5.33
CA GLU B 106 7.96 -28.21 -5.11
C GLU B 106 9.35 -28.42 -4.47
N THR B 107 10.07 -27.31 -4.31
CA THR B 107 11.20 -27.25 -3.40
C THR B 107 10.85 -26.97 -1.94
N LEU B 108 9.55 -26.76 -1.60
CA LEU B 108 9.02 -26.70 -0.20
C LEU B 108 8.78 -28.11 0.33
N THR B 109 9.61 -28.60 1.24
CA THR B 109 9.39 -29.92 1.92
C THR B 109 8.36 -29.76 3.10
N PRO B 110 7.73 -30.87 3.56
CA PRO B 110 6.82 -30.83 4.70
C PRO B 110 7.41 -30.36 6.03
N SER B 111 8.67 -30.66 6.29
CA SER B 111 9.27 -30.15 7.53
C SER B 111 9.57 -28.68 7.52
N GLU B 112 10.00 -28.15 6.40
CA GLU B 112 9.99 -26.74 6.21
C GLU B 112 8.64 -26.13 6.53
N TYR B 113 7.58 -26.60 5.86
CA TYR B 113 6.25 -26.03 5.92
C TYR B 113 5.71 -26.01 7.29
N MET B 114 6.02 -27.05 8.09
CA MET B 114 5.53 -27.22 9.48
C MET B 114 5.97 -26.13 10.48
N GLY B 115 7.10 -25.46 10.28
CA GLY B 115 7.48 -24.27 11.14
C GLY B 115 6.69 -22.99 10.95
N PHE B 116 5.82 -22.91 9.95
CA PHE B 116 4.93 -21.71 9.72
C PHE B 116 3.45 -22.00 9.31
N ARG B 117 3.07 -23.21 8.91
CA ARG B 117 1.65 -23.44 8.55
C ARG B 117 0.62 -22.98 9.62
N ASP B 118 0.96 -23.16 10.89
CA ASP B 118 0.20 -22.62 12.03
C ASP B 118 -0.09 -21.09 11.96
N VAL B 119 0.81 -20.28 11.43
CA VAL B 119 0.68 -18.80 11.42
C VAL B 119 -0.47 -18.38 10.57
N LEU B 120 -0.88 -19.28 9.66
CA LEU B 120 -1.86 -19.04 8.56
C LEU B 120 -3.30 -19.02 9.06
N GLY B 121 -3.48 -19.57 10.23
CA GLY B 121 -4.78 -20.03 10.66
C GLY B 121 -5.65 -20.73 9.64
N PRO B 122 -6.87 -20.19 9.45
CA PRO B 122 -7.80 -20.69 8.47
C PRO B 122 -7.57 -20.22 7.05
N SER B 123 -6.53 -19.47 6.78
CA SER B 123 -6.31 -18.90 5.44
C SER B 123 -6.17 -19.99 4.32
N SER B 124 -6.82 -19.82 3.18
CA SER B 124 -6.83 -20.89 2.13
C SER B 124 -7.16 -20.29 0.78
N GLY B 125 -6.60 -20.82 -0.36
CA GLY B 125 -6.94 -20.24 -1.65
C GLY B 125 -8.35 -20.50 -2.01
N PHE B 126 -9.00 -21.41 -1.24
CA PHE B 126 -10.44 -21.59 -1.30
C PHE B 126 -11.16 -20.26 -1.17
N GLN B 127 -10.61 -19.35 -0.32
CA GLN B 127 -11.06 -17.93 -0.17
C GLN B 127 -10.55 -16.91 -1.23
N SER B 128 -10.00 -17.38 -2.34
CA SER B 128 -9.59 -16.50 -3.42
C SER B 128 -10.78 -16.11 -4.17
N LEU B 129 -11.20 -14.87 -4.02
CA LEU B 129 -12.15 -14.24 -4.93
C LEU B 129 -11.88 -14.30 -6.45
N GLN B 130 -10.67 -13.98 -6.88
CA GLN B 130 -10.39 -14.06 -8.35
C GLN B 130 -10.43 -15.45 -8.97
N TYR B 131 -9.90 -16.42 -8.27
CA TYR B 131 -10.01 -17.79 -8.71
C TYR B 131 -11.51 -18.12 -8.98
N ARG B 132 -12.38 -17.73 -8.04
CA ARG B 132 -13.79 -18.17 -8.06
C ARG B 132 -14.50 -17.41 -9.11
N TYR B 133 -14.12 -16.16 -9.25
CA TYR B 133 -14.57 -15.35 -10.39
C TYR B 133 -14.31 -16.01 -11.77
N ILE B 134 -13.17 -16.62 -11.94
CA ILE B 134 -12.85 -17.33 -13.17
C ILE B 134 -13.54 -18.67 -13.32
N GLU B 135 -13.77 -19.37 -12.19
CA GLU B 135 -14.47 -20.61 -12.26
C GLU B 135 -15.88 -20.34 -12.72
N PHE B 136 -16.50 -19.30 -12.18
CA PHE B 136 -17.86 -18.94 -12.42
C PHE B 136 -17.98 -18.45 -13.88
N LEU B 137 -17.01 -17.62 -14.29
CA LEU B 137 -16.87 -17.21 -15.70
C LEU B 137 -16.70 -18.37 -16.69
N LEU B 138 -15.88 -19.40 -16.38
CA LEU B 138 -15.86 -20.52 -17.29
C LEU B 138 -17.15 -21.40 -17.15
N GLY B 139 -18.04 -21.10 -16.21
CA GLY B 139 -19.30 -21.84 -16.12
C GLY B 139 -19.54 -22.75 -14.92
N ASN B 140 -18.55 -22.94 -14.06
CA ASN B 140 -18.70 -23.78 -12.85
C ASN B 140 -19.35 -23.01 -11.73
N LYS B 141 -20.63 -22.85 -11.86
CA LYS B 141 -21.24 -21.83 -11.07
C LYS B 141 -21.87 -22.57 -9.88
N ASN B 142 -21.30 -22.41 -8.69
CA ASN B 142 -21.88 -23.03 -7.54
C ASN B 142 -22.34 -21.96 -6.52
N PRO B 143 -23.66 -21.70 -6.34
CA PRO B 143 -24.15 -20.66 -5.40
C PRO B 143 -23.79 -20.90 -3.92
N GLN B 144 -23.52 -22.17 -3.55
CA GLN B 144 -22.92 -22.46 -2.25
C GLN B 144 -21.58 -21.72 -2.07
N MET B 145 -20.93 -21.31 -3.16
CA MET B 145 -19.70 -20.47 -3.02
C MET B 145 -19.92 -19.04 -2.52
N LEU B 146 -21.06 -18.46 -2.81
CA LEU B 146 -21.41 -17.15 -2.31
C LEU B 146 -21.46 -17.12 -0.80
N GLN B 147 -21.80 -18.25 -0.19
CA GLN B 147 -21.97 -18.23 1.28
C GLN B 147 -20.63 -18.29 2.05
N VAL B 148 -19.54 -18.75 1.37
CA VAL B 148 -18.16 -18.61 1.90
C VAL B 148 -17.59 -17.19 1.80
N PHE B 149 -18.28 -16.29 1.09
CA PHE B 149 -17.82 -14.91 0.99
C PHE B 149 -18.78 -13.93 1.75
N ALA B 150 -19.65 -14.46 2.63
CA ALA B 150 -20.62 -13.59 3.32
C ALA B 150 -19.90 -12.54 4.17
N TYR B 151 -18.72 -12.90 4.70
CA TYR B 151 -17.87 -11.96 5.50
C TYR B 151 -17.29 -10.76 4.74
N ASP B 152 -17.55 -10.71 3.43
CA ASP B 152 -17.08 -9.69 2.47
C ASP B 152 -18.20 -9.42 1.44
N PRO B 153 -19.17 -8.51 1.78
CA PRO B 153 -20.30 -8.25 0.84
C PRO B 153 -19.90 -7.75 -0.55
N ALA B 154 -18.91 -6.87 -0.61
CA ALA B 154 -18.41 -6.29 -1.86
C ALA B 154 -17.99 -7.33 -2.88
N GLY B 155 -17.23 -8.33 -2.49
CA GLY B 155 -16.78 -9.36 -3.43
C GLY B 155 -17.80 -10.49 -3.66
N GLN B 156 -18.55 -10.81 -2.62
CA GLN B 156 -19.84 -11.46 -2.76
C GLN B 156 -20.70 -10.83 -3.86
N ALA B 157 -20.72 -9.49 -3.99
CA ALA B 157 -21.52 -8.79 -4.98
C ALA B 157 -20.94 -8.96 -6.33
N ARG B 158 -19.61 -8.98 -6.42
CA ARG B 158 -18.90 -9.21 -7.69
C ARG B 158 -19.09 -10.64 -8.25
N LEU B 159 -19.01 -11.63 -7.38
CA LEU B 159 -19.41 -12.99 -7.71
C LEU B 159 -20.87 -13.14 -8.18
N ARG B 160 -21.84 -12.57 -7.63
CA ARG B 160 -23.20 -12.52 -8.17
C ARG B 160 -23.34 -11.88 -9.58
N GLU B 161 -22.64 -10.75 -9.90
CA GLU B 161 -22.69 -10.15 -11.22
C GLU B 161 -22.33 -11.24 -12.30
N VAL B 162 -21.26 -11.99 -12.03
CA VAL B 162 -20.80 -13.04 -12.95
C VAL B 162 -21.70 -14.26 -12.87
N LEU B 163 -22.00 -14.74 -11.66
CA LEU B 163 -23.05 -15.75 -11.48
C LEU B 163 -24.28 -15.47 -12.35
N GLU B 164 -24.68 -14.22 -12.48
CA GLU B 164 -25.88 -13.88 -13.22
C GLU B 164 -25.76 -13.67 -14.70
N ALA B 165 -24.53 -13.66 -15.25
CA ALA B 165 -24.29 -13.44 -16.72
C ALA B 165 -24.05 -14.81 -17.41
N PRO B 166 -24.24 -14.94 -18.72
CA PRO B 166 -23.81 -16.16 -19.45
C PRO B 166 -22.30 -16.46 -19.31
N SER B 167 -21.95 -17.73 -19.13
CA SER B 167 -20.55 -18.15 -19.07
C SER B 167 -19.88 -17.92 -20.41
N LEU B 168 -18.57 -18.10 -20.48
CA LEU B 168 -17.83 -18.12 -21.72
C LEU B 168 -18.33 -19.12 -22.74
N TYR B 169 -18.62 -20.33 -22.27
CA TYR B 169 -19.20 -21.42 -23.04
C TYR B 169 -20.60 -21.10 -23.63
N GLU B 170 -21.43 -20.48 -22.80
CA GLU B 170 -22.70 -20.02 -23.17
C GLU B 170 -22.59 -18.86 -24.14
N GLU B 171 -21.64 -17.95 -24.04
CA GLU B 171 -21.42 -16.99 -25.14
C GLU B 171 -20.98 -17.64 -26.43
N PHE B 172 -20.14 -18.68 -26.35
CA PHE B 172 -19.83 -19.49 -27.51
C PHE B 172 -21.08 -20.08 -28.21
N LEU B 173 -22.04 -20.64 -27.42
CA LEU B 173 -23.28 -21.25 -27.95
C LEU B 173 -24.14 -20.21 -28.61
N ARG B 174 -24.19 -19.02 -28.05
CA ARG B 174 -24.85 -17.89 -28.63
C ARG B 174 -24.29 -17.39 -29.98
N TYR B 175 -22.96 -17.37 -30.12
CA TYR B 175 -22.21 -17.12 -31.29
C TYR B 175 -22.60 -18.13 -32.35
N LEU B 176 -22.58 -19.41 -32.02
CA LEU B 176 -23.08 -20.50 -32.90
C LEU B 176 -24.54 -20.39 -33.39
N ALA B 177 -25.40 -19.94 -32.49
CA ALA B 177 -26.77 -19.57 -32.77
C ALA B 177 -26.94 -18.50 -33.87
N ARG B 178 -26.12 -17.43 -33.84
CA ARG B 178 -26.14 -16.36 -34.80
C ARG B 178 -25.69 -16.78 -36.15
N PHE B 179 -24.96 -17.88 -36.21
CA PHE B 179 -24.51 -18.52 -37.48
C PHE B 179 -25.26 -19.74 -38.01
N GLY B 180 -26.47 -19.90 -37.55
CA GLY B 180 -27.37 -20.87 -38.20
C GLY B 180 -27.16 -22.28 -37.70
N HIS B 181 -26.23 -22.47 -36.77
CA HIS B 181 -26.15 -23.80 -36.12
C HIS B 181 -27.44 -24.13 -35.30
N ALA B 182 -27.72 -25.40 -35.10
CA ALA B 182 -28.96 -25.88 -34.46
C ALA B 182 -28.94 -25.90 -32.93
N ILE B 183 -28.98 -24.72 -32.36
CA ILE B 183 -28.78 -24.49 -30.92
C ILE B 183 -30.18 -24.17 -30.33
N PRO B 184 -30.53 -24.90 -29.24
CA PRO B 184 -31.79 -24.68 -28.45
C PRO B 184 -31.96 -23.25 -28.02
N GLN B 185 -33.23 -22.81 -28.03
CA GLN B 185 -33.64 -21.50 -27.63
C GLN B 185 -33.29 -21.11 -26.21
N GLN B 186 -33.16 -22.08 -25.30
CA GLN B 186 -32.80 -21.72 -23.92
C GLN B 186 -31.51 -20.92 -23.80
N TYR B 187 -30.56 -21.14 -24.69
CA TYR B 187 -29.23 -20.45 -24.67
C TYR B 187 -29.42 -18.96 -24.92
N GLN B 188 -30.61 -18.56 -25.42
CA GLN B 188 -30.97 -17.17 -25.65
C GLN B 188 -31.35 -16.36 -24.41
N ALA B 189 -31.87 -17.07 -23.41
CA ALA B 189 -32.45 -16.53 -22.22
C ALA B 189 -32.79 -17.71 -21.28
N ARG B 190 -32.19 -17.74 -20.12
CA ARG B 190 -32.38 -18.86 -19.19
C ARG B 190 -31.89 -18.35 -17.85
N ASP B 191 -31.96 -19.20 -16.79
CA ASP B 191 -31.52 -18.71 -15.47
C ASP B 191 -30.03 -19.07 -15.41
N TRP B 192 -29.27 -18.04 -15.77
CA TRP B 192 -27.85 -18.13 -16.07
C TRP B 192 -27.06 -18.57 -14.86
N THR B 193 -27.61 -18.34 -13.65
CA THR B 193 -27.08 -18.80 -12.30
C THR B 193 -27.07 -20.32 -11.95
N ALA B 194 -27.89 -21.09 -12.69
CA ALA B 194 -27.74 -22.54 -12.76
C ALA B 194 -26.62 -22.93 -13.75
N ALA B 195 -25.66 -23.62 -13.20
CA ALA B 195 -24.59 -24.13 -13.94
C ALA B 195 -25.24 -24.97 -15.11
N HIS B 196 -24.68 -24.77 -16.28
CA HIS B 196 -25.03 -25.48 -17.48
C HIS B 196 -25.11 -27.00 -17.22
N VAL B 197 -26.22 -27.63 -17.62
CA VAL B 197 -26.39 -29.10 -17.63
C VAL B 197 -25.99 -29.65 -18.98
N ALA B 198 -25.28 -30.77 -19.00
CA ALA B 198 -24.95 -31.36 -20.30
C ALA B 198 -26.17 -31.56 -21.23
N ASP B 199 -25.98 -31.18 -22.47
CA ASP B 199 -27.07 -31.18 -23.46
C ASP B 199 -26.82 -32.09 -24.72
N ASP B 200 -27.45 -33.28 -24.75
CA ASP B 200 -27.38 -34.22 -25.91
C ASP B 200 -27.81 -33.63 -27.25
N THR B 201 -28.65 -32.64 -27.25
CA THR B 201 -28.92 -31.98 -28.55
C THR B 201 -27.81 -31.23 -29.24
N LEU B 202 -26.76 -30.93 -28.51
CA LEU B 202 -25.55 -30.21 -29.04
C LEU B 202 -24.51 -31.11 -29.75
N ARG B 203 -24.56 -32.39 -29.40
CA ARG B 203 -23.88 -33.46 -30.18
C ARG B 203 -23.93 -33.45 -31.72
N PRO B 204 -25.13 -33.48 -32.34
CA PRO B 204 -25.07 -33.23 -33.79
C PRO B 204 -24.50 -31.88 -34.26
N VAL B 205 -24.72 -30.76 -33.55
CA VAL B 205 -24.05 -29.50 -33.82
C VAL B 205 -22.47 -29.58 -33.99
N PHE B 206 -21.80 -30.13 -33.00
CA PHE B 206 -20.37 -30.21 -32.93
C PHE B 206 -19.89 -31.25 -33.87
N GLU B 207 -20.59 -32.37 -34.08
CA GLU B 207 -20.17 -33.33 -35.15
C GLU B 207 -20.16 -32.66 -36.50
N ARG B 208 -21.19 -31.88 -36.81
CA ARG B 208 -21.20 -31.11 -38.04
C ARG B 208 -19.96 -30.15 -38.23
N ILE B 209 -19.48 -29.55 -37.13
CA ILE B 209 -18.42 -28.63 -37.17
C ILE B 209 -17.13 -29.42 -37.41
N TYR B 210 -16.89 -30.47 -36.60
CA TYR B 210 -15.68 -31.23 -36.70
C TYR B 210 -15.55 -32.03 -38.04
N GLU B 211 -16.67 -32.27 -38.72
CA GLU B 211 -16.67 -33.12 -39.91
C GLU B 211 -16.71 -32.28 -41.15
N ASN B 212 -16.99 -31.03 -41.01
CA ASN B 212 -16.80 -30.21 -42.16
C ASN B 212 -15.98 -28.97 -41.82
N THR B 213 -14.69 -29.20 -41.54
CA THR B 213 -13.83 -28.10 -41.06
C THR B 213 -13.60 -27.06 -42.16
N ASP B 214 -13.65 -27.42 -43.44
CA ASP B 214 -13.57 -26.34 -44.49
C ASP B 214 -14.73 -25.32 -44.47
N ARG B 215 -15.99 -25.75 -44.38
CA ARG B 215 -17.14 -24.89 -44.07
C ARG B 215 -17.11 -24.18 -42.65
N TYR B 216 -16.83 -24.93 -41.58
CA TYR B 216 -16.97 -24.44 -40.18
C TYR B 216 -15.62 -24.20 -39.53
N TRP B 217 -14.68 -23.58 -40.26
CA TRP B 217 -13.32 -23.44 -39.68
C TRP B 217 -13.21 -22.54 -38.47
N ARG B 218 -13.85 -21.39 -38.53
CA ARG B 218 -13.96 -20.48 -37.42
C ARG B 218 -14.50 -21.25 -36.15
N GLU B 219 -15.73 -21.79 -36.21
CA GLU B 219 -16.30 -22.52 -35.09
C GLU B 219 -15.40 -23.64 -34.63
N TYR B 220 -14.80 -24.36 -35.57
CA TYR B 220 -13.96 -25.46 -35.27
C TYR B 220 -12.68 -25.11 -34.48
N SER B 221 -12.01 -24.05 -34.93
CA SER B 221 -10.85 -23.49 -34.26
C SER B 221 -11.23 -22.94 -32.85
N LEU B 222 -12.41 -22.41 -32.73
CA LEU B 222 -12.85 -21.95 -31.38
C LEU B 222 -13.23 -23.05 -30.41
N CYS B 223 -13.90 -24.11 -30.91
CA CYS B 223 -13.99 -25.43 -30.25
C CYS B 223 -12.64 -25.93 -29.72
N GLU B 224 -11.63 -26.08 -30.56
CA GLU B 224 -10.35 -26.50 -30.08
C GLU B 224 -9.67 -25.54 -29.04
N ASP B 225 -9.95 -24.24 -29.11
CA ASP B 225 -9.48 -23.21 -28.11
C ASP B 225 -10.01 -23.45 -26.73
N LEU B 226 -11.30 -23.73 -26.67
CA LEU B 226 -11.98 -24.05 -25.43
C LEU B 226 -11.55 -25.37 -24.82
N VAL B 227 -11.24 -26.38 -25.64
CA VAL B 227 -10.67 -27.64 -25.18
C VAL B 227 -9.28 -27.41 -24.63
N ASP B 228 -8.46 -26.65 -25.35
CA ASP B 228 -7.19 -26.14 -24.79
C ASP B 228 -7.35 -25.47 -23.46
N VAL B 229 -8.30 -24.58 -23.33
CA VAL B 229 -8.44 -23.77 -22.07
C VAL B 229 -8.80 -24.67 -20.92
N GLU B 230 -9.83 -25.49 -21.11
CA GLU B 230 -10.21 -26.56 -20.14
C GLU B 230 -9.07 -27.52 -19.77
N THR B 231 -8.27 -27.94 -20.76
CA THR B 231 -7.17 -28.84 -20.46
C THR B 231 -6.11 -28.20 -19.64
N GLN B 232 -5.73 -26.94 -19.97
CA GLN B 232 -4.72 -26.19 -19.20
C GLN B 232 -5.18 -25.92 -17.70
N PHE B 233 -6.44 -25.61 -17.55
CA PHE B 233 -6.99 -25.43 -16.19
C PHE B 233 -7.00 -26.71 -15.41
N GLN B 234 -7.36 -27.85 -16.02
CA GLN B 234 -7.21 -29.17 -15.38
C GLN B 234 -5.81 -29.46 -14.93
N LEU B 235 -4.87 -29.00 -15.71
CA LEU B 235 -3.50 -29.26 -15.37
C LEU B 235 -3.00 -28.40 -14.22
N TRP B 236 -3.47 -27.18 -14.14
CA TRP B 236 -3.21 -26.33 -12.99
C TRP B 236 -3.78 -27.03 -11.83
N ARG B 237 -5.02 -27.60 -11.95
CA ARG B 237 -5.65 -28.20 -10.76
C ARG B 237 -4.87 -29.42 -10.24
N PHE B 238 -4.42 -30.19 -11.21
CA PHE B 238 -3.74 -31.44 -10.99
C PHE B 238 -2.33 -31.15 -10.30
N ARG B 239 -1.62 -30.17 -10.81
CA ARG B 239 -0.32 -29.79 -10.26
C ARG B 239 -0.40 -29.17 -8.86
N HIS B 240 -1.43 -28.36 -8.64
CA HIS B 240 -1.74 -27.89 -7.31
C HIS B 240 -2.03 -29.09 -6.36
N MET B 241 -2.88 -30.02 -6.81
CA MET B 241 -3.20 -31.27 -6.02
C MET B 241 -1.94 -32.11 -5.73
N ARG B 242 -1.12 -32.36 -6.76
CA ARG B 242 0.08 -33.05 -6.52
C ARG B 242 1.02 -32.36 -5.54
N THR B 243 1.05 -31.02 -5.51
CA THR B 243 1.84 -30.30 -4.49
C THR B 243 1.24 -30.40 -3.09
N VAL B 244 -0.04 -30.32 -2.97
CA VAL B 244 -0.77 -30.60 -1.73
C VAL B 244 -0.33 -31.94 -1.13
N MET B 245 -0.40 -33.01 -1.91
CA MET B 245 0.12 -34.33 -1.53
C MET B 245 1.55 -34.38 -1.13
N ARG B 246 2.44 -33.64 -1.79
CA ARG B 246 3.80 -33.74 -1.32
C ARG B 246 4.07 -32.84 -0.06
N VAL B 247 3.29 -31.79 0.10
CA VAL B 247 3.52 -30.87 1.20
C VAL B 247 2.73 -31.22 2.50
N ILE B 248 1.43 -31.54 2.37
CA ILE B 248 0.63 -31.96 3.53
C ILE B 248 0.06 -33.36 3.55
N GLY B 249 0.27 -34.10 2.47
CA GLY B 249 -0.25 -35.48 2.38
C GLY B 249 -1.75 -35.41 2.44
N PHE B 250 -2.38 -36.18 3.37
CA PHE B 250 -3.83 -36.24 3.43
C PHE B 250 -4.35 -35.63 4.70
N LYS B 251 -3.61 -34.68 5.24
CA LYS B 251 -4.12 -33.78 6.27
C LYS B 251 -5.29 -32.92 5.66
N ARG B 252 -6.26 -32.63 6.50
CA ARG B 252 -7.23 -31.56 6.29
C ARG B 252 -6.57 -30.17 5.93
N GLY B 253 -7.23 -29.35 5.14
CA GLY B 253 -6.63 -28.11 4.68
C GLY B 253 -6.90 -27.06 5.74
N THR B 254 -6.14 -25.97 5.70
CA THR B 254 -6.29 -24.92 6.68
C THR B 254 -7.69 -24.32 6.58
N GLY B 255 -8.25 -24.24 5.35
CA GLY B 255 -9.62 -23.78 5.12
C GLY B 255 -10.82 -24.71 5.58
N GLY B 256 -10.49 -25.88 6.15
CA GLY B 256 -11.53 -26.69 6.78
C GLY B 256 -11.92 -27.92 5.97
N SER B 257 -11.50 -27.99 4.71
CA SER B 257 -11.79 -29.15 3.87
C SER B 257 -10.96 -30.34 4.14
N SER B 258 -11.32 -31.46 3.56
CA SER B 258 -10.56 -32.69 3.81
C SER B 258 -9.33 -32.71 2.90
N GLY B 259 -9.14 -31.65 2.14
CA GLY B 259 -7.92 -31.38 1.38
C GLY B 259 -7.86 -32.05 -0.01
N VAL B 260 -6.85 -32.91 -0.21
CA VAL B 260 -6.71 -33.69 -1.49
C VAL B 260 -8.06 -34.24 -2.02
N GLY B 261 -8.81 -34.98 -1.18
CA GLY B 261 -10.14 -35.54 -1.55
C GLY B 261 -11.07 -34.46 -2.10
N PHE B 262 -11.16 -33.33 -1.40
CA PHE B 262 -11.94 -32.13 -1.84
C PHE B 262 -11.50 -31.49 -3.20
N LEU B 263 -10.18 -31.40 -3.40
CA LEU B 263 -9.63 -30.93 -4.69
C LEU B 263 -9.82 -31.96 -5.77
N GLN B 264 -9.64 -33.25 -5.45
CA GLN B 264 -10.06 -34.33 -6.38
C GLN B 264 -11.52 -34.16 -7.00
N GLN B 265 -12.47 -33.62 -6.25
CA GLN B 265 -13.80 -33.52 -6.81
C GLN B 265 -13.97 -32.42 -7.86
N ALA B 266 -13.20 -31.34 -7.76
CA ALA B 266 -13.08 -30.32 -8.79
C ALA B 266 -12.39 -30.84 -10.07
N LEU B 267 -11.35 -31.69 -9.93
CA LEU B 267 -10.71 -32.36 -11.06
C LEU B 267 -11.69 -33.21 -11.89
N ALA B 268 -12.66 -33.80 -11.22
CA ALA B 268 -13.74 -34.58 -11.81
C ALA B 268 -14.74 -33.79 -12.66
N LEU B 269 -14.86 -32.50 -12.43
CA LEU B 269 -15.76 -31.66 -13.14
C LEU B 269 -15.25 -31.26 -14.49
N THR B 270 -16.16 -30.89 -15.38
CA THR B 270 -15.84 -30.56 -16.75
C THR B 270 -16.63 -29.33 -17.04
N PHE B 271 -15.97 -28.33 -17.65
CA PHE B 271 -16.52 -27.05 -18.01
C PHE B 271 -17.38 -27.15 -19.23
N PHE B 272 -16.88 -27.85 -20.27
CA PHE B 272 -17.45 -27.70 -21.63
C PHE B 272 -17.82 -29.11 -22.08
N PRO B 273 -18.82 -29.75 -21.38
CA PRO B 273 -19.00 -31.18 -21.52
C PRO B 273 -19.35 -31.73 -22.90
N GLU B 274 -20.17 -31.03 -23.70
CA GLU B 274 -20.54 -31.49 -25.01
C GLU B 274 -19.38 -31.55 -26.00
N LEU B 275 -18.41 -30.69 -25.80
CA LEU B 275 -17.08 -30.74 -26.48
C LEU B 275 -16.27 -31.99 -26.35
N PHE B 276 -16.13 -32.47 -25.12
CA PHE B 276 -15.51 -33.76 -24.86
C PHE B 276 -16.37 -35.00 -25.25
N ASP B 277 -17.70 -34.90 -25.05
CA ASP B 277 -18.69 -35.96 -25.38
C ASP B 277 -18.75 -36.23 -26.87
N VAL B 278 -18.62 -35.21 -27.70
CA VAL B 278 -18.64 -35.36 -29.13
C VAL B 278 -17.51 -36.32 -29.59
N ARG B 279 -16.47 -36.49 -28.78
CA ARG B 279 -15.36 -37.35 -29.20
C ARG B 279 -15.76 -38.77 -29.50
N THR B 280 -16.80 -39.19 -28.81
CA THR B 280 -17.34 -40.52 -28.85
C THR B 280 -18.04 -40.86 -30.17
N SER B 281 -18.41 -39.86 -30.96
CA SER B 281 -19.21 -40.08 -32.16
C SER B 281 -18.73 -39.38 -33.46
N VAL B 282 -17.71 -38.56 -33.31
CA VAL B 282 -17.25 -37.78 -34.41
C VAL B 282 -16.60 -38.73 -35.48
N GLY B 283 -16.85 -38.45 -36.77
CA GLY B 283 -16.19 -39.06 -37.96
C GLY B 283 -14.82 -38.40 -38.13
N VAL B 284 -13.94 -38.76 -39.09
CA VAL B 284 -13.93 -38.43 -40.52
C VAL B 284 -14.36 -37.04 -40.97
N ASP B 285 -13.32 -36.23 -41.16
CA ASP B 285 -13.43 -35.01 -41.92
C ASP B 285 -13.73 -35.24 -43.43
N ASN B 286 -14.83 -34.61 -43.86
CA ASN B 286 -15.32 -34.50 -45.26
C ASN B 286 -14.57 -33.50 -46.19
N LEU C 7 -1.69 -51.54 -6.64
CA LEU C 7 -2.61 -52.65 -7.10
C LEU C 7 -3.64 -52.53 -8.31
N ARG C 8 -3.24 -52.45 -9.61
CA ARG C 8 -4.26 -52.38 -10.75
C ARG C 8 -4.56 -53.69 -11.53
N ASP C 9 -5.79 -54.16 -11.43
CA ASP C 9 -6.27 -55.36 -12.13
C ASP C 9 -6.41 -55.17 -13.66
N LEU C 10 -6.03 -56.22 -14.40
CA LEU C 10 -6.28 -56.26 -15.82
C LEU C 10 -7.78 -56.39 -16.11
N GLU C 11 -8.30 -55.53 -16.98
CA GLU C 11 -9.70 -55.61 -17.32
C GLU C 11 -9.96 -56.85 -18.20
N PRO C 12 -11.13 -57.49 -18.01
CA PRO C 12 -11.40 -58.47 -19.06
C PRO C 12 -11.82 -57.59 -20.26
N GLY C 13 -11.45 -58.02 -21.46
CA GLY C 13 -11.65 -57.13 -22.60
C GLY C 13 -10.37 -56.67 -23.27
N ILE C 14 -9.28 -56.59 -22.50
CA ILE C 14 -8.00 -56.10 -23.00
C ILE C 14 -7.33 -57.22 -23.80
N HIS C 15 -6.94 -56.91 -25.03
CA HIS C 15 -6.36 -57.90 -25.90
C HIS C 15 -4.98 -58.38 -25.41
N THR C 16 -4.85 -59.65 -25.04
CA THR C 16 -3.57 -60.12 -24.45
C THR C 16 -2.95 -61.22 -25.31
N ASP C 17 -3.71 -61.67 -26.30
CA ASP C 17 -3.06 -62.49 -27.31
C ASP C 17 -2.90 -61.86 -28.68
N LEU C 18 -1.71 -61.26 -28.76
CA LEU C 18 -1.18 -60.54 -29.90
C LEU C 18 -0.21 -61.38 -30.73
N GLU C 19 -0.16 -62.69 -30.42
CA GLU C 19 0.77 -63.64 -31.02
C GLU C 19 0.81 -63.57 -32.53
N GLY C 20 -0.20 -63.02 -33.20
CA GLY C 20 -0.10 -62.89 -34.65
C GLY C 20 -0.55 -61.60 -35.27
N ARG C 21 -0.92 -60.63 -34.41
CA ARG C 21 -1.51 -59.34 -34.79
C ARG C 21 -0.51 -58.18 -34.77
N LEU C 22 -0.88 -57.12 -35.45
CA LEU C 22 -0.30 -55.76 -35.30
C LEU C 22 -0.20 -55.30 -33.84
N THR C 23 1.04 -55.14 -33.34
CA THR C 23 1.36 -54.60 -31.99
C THR C 23 1.96 -53.19 -32.07
N TYR C 24 2.01 -52.46 -30.94
CA TYR C 24 2.64 -51.16 -30.79
C TYR C 24 4.08 -51.10 -31.42
N GLY C 25 4.90 -51.99 -30.92
CA GLY C 25 6.24 -52.20 -31.40
C GLY C 25 6.44 -52.65 -32.82
N GLY C 26 5.49 -53.42 -33.42
CA GLY C 26 5.57 -53.75 -34.84
C GLY C 26 5.20 -52.52 -35.70
N TYR C 27 4.11 -51.85 -35.32
CA TYR C 27 3.74 -50.61 -35.93
C TYR C 27 4.77 -49.43 -35.89
N LEU C 28 5.36 -49.23 -34.75
CA LEU C 28 6.42 -48.23 -34.61
C LEU C 28 7.83 -48.67 -35.08
N ARG C 29 7.99 -49.96 -35.37
CA ARG C 29 9.28 -50.52 -35.88
C ARG C 29 10.28 -50.32 -34.77
N LEU C 30 9.86 -50.71 -33.56
CA LEU C 30 10.69 -50.38 -32.38
C LEU C 30 11.98 -51.18 -32.35
N ASP C 31 11.97 -52.42 -32.87
CA ASP C 31 13.20 -53.18 -33.13
C ASP C 31 14.28 -52.39 -33.91
N GLN C 32 13.93 -51.69 -34.99
CA GLN C 32 14.88 -51.04 -35.77
C GLN C 32 15.21 -49.65 -35.15
N LEU C 33 14.23 -49.00 -34.50
CA LEU C 33 14.48 -47.75 -33.73
C LEU C 33 15.31 -47.99 -32.56
N LEU C 34 14.97 -49.03 -31.81
CA LEU C 34 15.72 -49.33 -30.61
C LEU C 34 17.01 -50.12 -30.76
N SER C 35 17.45 -50.44 -31.97
CA SER C 35 18.78 -51.07 -32.18
C SER C 35 19.80 -50.09 -32.77
N ALA C 36 19.33 -48.84 -32.93
CA ALA C 36 20.06 -47.82 -33.58
C ALA C 36 20.94 -47.07 -32.65
N GLN C 37 21.06 -47.47 -31.39
CA GLN C 37 21.98 -46.78 -30.48
C GLN C 37 23.26 -47.64 -30.37
N GLN C 38 24.30 -47.17 -31.05
CA GLN C 38 25.53 -47.99 -31.23
C GLN C 38 26.80 -47.27 -30.65
N PRO C 39 26.86 -47.09 -29.29
CA PRO C 39 27.96 -46.40 -28.61
C PRO C 39 29.39 -46.96 -28.95
N LEU C 40 30.38 -46.09 -29.05
CA LEU C 40 31.68 -46.58 -29.44
C LEU C 40 32.73 -46.73 -28.32
N SER C 41 32.41 -46.31 -27.10
CA SER C 41 33.40 -46.35 -26.03
C SER C 41 33.75 -47.77 -25.66
N GLU C 42 35.04 -47.99 -25.44
CA GLU C 42 35.57 -49.26 -25.03
C GLU C 42 36.45 -48.93 -23.83
N PRO C 43 36.01 -49.22 -22.59
CA PRO C 43 34.75 -49.77 -22.10
C PRO C 43 33.63 -48.76 -22.28
N ALA C 44 32.40 -49.22 -22.11
CA ALA C 44 31.22 -48.36 -22.22
C ALA C 44 31.34 -47.16 -21.28
N HIS C 45 30.88 -46.03 -21.77
CA HIS C 45 30.85 -44.82 -20.96
C HIS C 45 29.37 -44.57 -20.73
N HIS C 46 29.03 -44.41 -19.46
CA HIS C 46 27.64 -44.25 -19.09
C HIS C 46 26.97 -43.08 -19.75
N ASP C 47 27.73 -42.01 -20.07
CA ASP C 47 27.14 -40.80 -20.71
C ASP C 47 26.99 -40.82 -22.20
N GLU C 48 27.57 -41.79 -22.85
CA GLU C 48 27.40 -41.85 -24.25
C GLU C 48 25.94 -42.07 -24.69
N MET C 49 25.14 -42.71 -23.87
CA MET C 49 23.75 -43.05 -24.28
C MET C 49 22.94 -41.80 -24.31
N LEU C 50 23.17 -40.93 -23.31
CA LEU C 50 22.52 -39.63 -23.29
C LEU C 50 22.83 -38.93 -24.57
N PHE C 51 24.12 -38.90 -24.88
CA PHE C 51 24.62 -38.15 -26.05
C PHE C 51 23.93 -38.57 -27.32
N ILE C 52 23.91 -39.87 -27.58
CA ILE C 52 23.22 -40.51 -28.69
C ILE C 52 21.67 -40.26 -28.75
N ILE C 53 20.95 -40.50 -27.67
CA ILE C 53 19.54 -40.27 -27.64
C ILE C 53 19.12 -38.79 -27.80
N GLN C 54 19.93 -37.89 -27.27
CA GLN C 54 19.61 -36.50 -27.39
C GLN C 54 19.62 -36.02 -28.84
N ALA C 55 20.64 -36.41 -29.54
CA ALA C 55 20.67 -36.10 -30.92
C ALA C 55 19.54 -36.78 -31.77
N GLN C 56 19.23 -38.03 -31.43
CA GLN C 56 18.29 -38.83 -32.22
C GLN C 56 16.84 -38.35 -32.05
N THR C 57 16.43 -38.04 -30.83
CA THR C 57 15.07 -37.50 -30.61
C THR C 57 14.96 -36.18 -31.40
N SER C 58 16.05 -35.41 -31.40
CA SER C 58 16.12 -34.19 -32.13
C SER C 58 16.00 -34.40 -33.63
N GLU C 59 16.73 -35.40 -34.14
CA GLU C 59 16.56 -35.74 -35.56
C GLU C 59 15.13 -36.19 -35.90
N LEU C 60 14.42 -36.90 -35.00
CA LEU C 60 13.07 -37.29 -35.21
C LEU C 60 12.16 -36.11 -35.21
N TRP C 61 12.29 -35.20 -34.23
CA TRP C 61 11.61 -33.92 -34.32
C TRP C 61 11.95 -33.02 -35.58
N LEU C 62 13.23 -32.87 -35.93
CA LEU C 62 13.57 -32.22 -37.28
C LEU C 62 12.84 -32.89 -38.45
N LYS C 63 12.80 -34.24 -38.43
CA LYS C 63 12.00 -34.93 -39.45
C LYS C 63 10.57 -34.55 -39.45
N LEU C 64 9.91 -34.52 -38.28
CA LEU C 64 8.53 -34.10 -38.25
C LEU C 64 8.34 -32.60 -38.74
N LEU C 65 9.26 -31.73 -38.37
CA LEU C 65 9.18 -30.31 -38.75
C LEU C 65 9.30 -30.08 -40.22
N ALA C 66 10.16 -30.82 -40.89
CA ALA C 66 10.30 -30.75 -42.39
C ALA C 66 8.96 -31.16 -43.06
N HIS C 67 8.40 -32.26 -42.62
CA HIS C 67 7.02 -32.64 -42.99
C HIS C 67 5.95 -31.63 -42.73
N GLU C 68 5.96 -30.93 -41.62
CA GLU C 68 4.94 -29.95 -41.38
C GLU C 68 5.15 -28.68 -42.15
N LEU C 69 6.39 -28.20 -42.17
CA LEU C 69 6.69 -27.04 -42.97
C LEU C 69 6.42 -27.19 -44.46
N ARG C 70 6.71 -28.34 -45.08
CA ARG C 70 6.30 -28.51 -46.54
C ARG C 70 4.80 -28.32 -46.78
N ALA C 71 4.02 -28.87 -45.85
CA ALA C 71 2.55 -28.78 -45.86
C ALA C 71 2.10 -27.38 -45.51
N ALA C 72 2.83 -26.63 -44.64
CA ALA C 72 2.48 -25.18 -44.59
C ALA C 72 2.67 -24.39 -45.91
N ILE C 73 3.79 -24.67 -46.60
CA ILE C 73 4.05 -24.15 -47.93
C ILE C 73 2.92 -24.51 -48.96
N VAL C 74 2.61 -25.81 -49.10
CA VAL C 74 1.46 -26.21 -49.91
C VAL C 74 0.15 -25.47 -49.57
N HIS C 75 -0.25 -25.40 -48.30
CA HIS C 75 -1.44 -24.58 -47.99
C HIS C 75 -1.31 -23.15 -48.41
N LEU C 76 -0.12 -22.59 -48.23
CA LEU C 76 0.15 -21.22 -48.66
C LEU C 76 0.01 -21.09 -50.17
N GLN C 77 0.57 -22.01 -50.94
CA GLN C 77 0.45 -21.94 -52.40
C GLN C 77 -0.97 -21.90 -52.80
N ARG C 78 -1.80 -22.48 -51.95
CA ARG C 78 -3.23 -22.65 -52.24
C ARG C 78 -4.15 -21.58 -51.62
N ASP C 79 -3.63 -20.64 -50.84
CA ASP C 79 -4.37 -19.50 -50.26
C ASP C 79 -5.20 -20.03 -49.09
N GLU C 80 -4.77 -21.17 -48.55
CA GLU C 80 -5.45 -21.87 -47.47
C GLU C 80 -4.78 -21.48 -46.20
N VAL C 81 -5.14 -20.29 -45.77
CA VAL C 81 -4.58 -19.61 -44.63
C VAL C 81 -4.85 -20.19 -43.24
N TRP C 82 -6.12 -20.51 -42.89
CA TRP C 82 -6.41 -21.15 -41.58
C TRP C 82 -5.60 -22.42 -41.35
N GLN C 83 -5.52 -23.23 -42.38
CA GLN C 83 -4.84 -24.49 -42.40
C GLN C 83 -3.37 -24.34 -42.35
N CYS C 84 -2.86 -23.35 -43.04
CA CYS C 84 -1.46 -22.99 -42.95
C CYS C 84 -1.11 -22.63 -41.51
N ARG C 85 -1.88 -21.74 -40.86
CA ARG C 85 -1.58 -21.41 -39.43
C ARG C 85 -1.73 -22.62 -38.44
N LYS C 86 -2.72 -23.49 -38.68
CA LYS C 86 -2.84 -24.72 -37.89
C LYS C 86 -1.59 -25.54 -38.00
N VAL C 87 -1.04 -25.63 -39.21
CA VAL C 87 0.25 -26.36 -39.42
C VAL C 87 1.42 -25.61 -38.84
N LEU C 88 1.40 -24.27 -38.89
CA LEU C 88 2.49 -23.47 -38.21
C LEU C 88 2.49 -23.56 -36.70
N ALA C 89 1.29 -23.82 -36.15
CA ALA C 89 1.03 -24.13 -34.72
C ALA C 89 1.64 -25.39 -34.21
N ARG C 90 1.60 -26.51 -34.98
CA ARG C 90 2.27 -27.71 -34.61
C ARG C 90 3.82 -27.55 -34.79
N SER C 91 4.26 -26.88 -35.83
CA SER C 91 5.63 -26.57 -36.14
C SER C 91 6.30 -25.85 -34.98
N LYS C 92 5.63 -24.82 -34.44
CA LYS C 92 6.01 -24.13 -33.22
C LYS C 92 6.18 -24.96 -32.02
N GLN C 93 5.30 -25.96 -31.87
CA GLN C 93 5.34 -26.85 -30.74
C GLN C 93 6.49 -27.81 -30.90
N VAL C 94 6.69 -28.32 -32.09
CA VAL C 94 7.89 -29.13 -32.38
C VAL C 94 9.16 -28.31 -32.12
N LEU C 95 9.33 -27.09 -32.68
CA LEU C 95 10.51 -26.22 -32.19
C LEU C 95 10.63 -26.04 -30.70
N ARG C 96 9.48 -25.97 -30.04
CA ARG C 96 9.51 -25.85 -28.58
C ARG C 96 10.04 -27.08 -27.84
N GLN C 97 9.71 -28.31 -28.31
CA GLN C 97 10.36 -29.52 -27.72
C GLN C 97 11.86 -29.51 -27.98
N LEU C 98 12.21 -29.15 -29.20
CA LEU C 98 13.62 -29.05 -29.56
C LEU C 98 14.41 -28.08 -28.65
N THR C 99 13.82 -26.90 -28.43
CA THR C 99 14.34 -25.99 -27.37
C THR C 99 14.39 -26.48 -25.94
N GLU C 100 13.32 -27.11 -25.45
CA GLU C 100 13.24 -27.66 -24.12
C GLU C 100 14.26 -28.76 -23.80
N GLN C 101 14.49 -29.71 -24.71
CA GLN C 101 15.33 -30.88 -24.33
C GLN C 101 16.78 -30.51 -24.00
N TRP C 102 17.25 -29.31 -24.37
CA TRP C 102 18.57 -28.82 -23.87
C TRP C 102 18.84 -28.94 -22.38
N SER C 103 17.78 -28.92 -21.54
CA SER C 103 17.91 -29.09 -20.10
C SER C 103 18.35 -30.45 -19.64
N VAL C 104 18.17 -31.47 -20.47
CA VAL C 104 18.74 -32.76 -20.15
C VAL C 104 20.27 -32.84 -20.31
N LEU C 105 20.73 -32.47 -21.52
CA LEU C 105 22.15 -32.50 -21.86
C LEU C 105 22.90 -31.49 -21.00
N GLU C 106 22.20 -30.59 -20.32
CA GLU C 106 22.85 -29.66 -19.46
C GLU C 106 23.30 -30.35 -18.14
N THR C 107 22.92 -31.62 -17.97
CA THR C 107 23.44 -32.49 -16.87
C THR C 107 24.75 -33.21 -17.26
N LEU C 108 25.30 -32.91 -18.44
CA LEU C 108 26.53 -33.48 -18.90
C LEU C 108 27.64 -32.53 -18.54
N THR C 109 28.56 -32.95 -17.68
CA THR C 109 29.75 -32.10 -17.44
C THR C 109 30.98 -32.33 -18.37
N PRO C 110 31.88 -31.35 -18.42
CA PRO C 110 32.99 -31.41 -19.39
C PRO C 110 33.97 -32.54 -19.08
N SER C 111 34.02 -33.01 -17.84
CA SER C 111 34.91 -34.05 -17.42
C SER C 111 34.33 -35.43 -17.73
N GLU C 112 32.98 -35.50 -17.69
CA GLU C 112 32.20 -36.55 -18.37
C GLU C 112 32.44 -36.66 -19.89
N TYR C 113 32.29 -35.52 -20.57
CA TYR C 113 32.35 -35.53 -21.94
C TYR C 113 33.75 -35.92 -22.48
N MET C 114 34.83 -35.58 -21.77
CA MET C 114 36.18 -35.87 -22.15
C MET C 114 36.48 -37.36 -22.10
N GLY C 115 35.67 -38.12 -21.36
CA GLY C 115 35.70 -39.60 -21.41
C GLY C 115 35.37 -40.29 -22.75
N PHE C 116 34.65 -39.60 -23.64
CA PHE C 116 34.30 -40.21 -24.92
C PHE C 116 34.23 -39.28 -26.08
N ARG C 117 34.54 -38.00 -25.87
CA ARG C 117 34.54 -37.08 -26.98
C ARG C 117 35.36 -37.59 -28.22
N ASP C 118 36.44 -38.31 -27.91
CA ASP C 118 37.44 -38.66 -28.94
C ASP C 118 37.03 -39.80 -29.85
N VAL C 119 36.19 -40.71 -29.35
CA VAL C 119 35.47 -41.70 -30.16
C VAL C 119 34.71 -41.17 -31.35
N LEU C 120 34.48 -39.86 -31.43
CA LEU C 120 33.44 -39.30 -32.31
C LEU C 120 34.02 -38.87 -33.61
N GLY C 121 35.35 -38.79 -33.62
CA GLY C 121 36.10 -38.39 -34.77
C GLY C 121 35.73 -36.96 -35.13
N PRO C 122 35.54 -36.68 -36.44
CA PRO C 122 35.08 -35.44 -37.02
C PRO C 122 33.55 -35.28 -37.11
N SER C 123 32.77 -36.18 -36.55
CA SER C 123 31.31 -36.03 -36.68
C SER C 123 30.68 -34.83 -35.84
N SER C 124 29.68 -34.13 -36.43
CA SER C 124 29.16 -32.90 -35.89
C SER C 124 27.77 -32.70 -36.44
N GLY C 125 26.86 -32.01 -35.69
CA GLY C 125 25.55 -31.63 -36.17
C GLY C 125 25.70 -30.70 -37.33
N PHE C 126 26.85 -30.09 -37.44
CA PHE C 126 27.12 -29.35 -38.65
C PHE C 126 26.86 -30.22 -39.94
N GLN C 127 27.09 -31.50 -39.86
CA GLN C 127 26.66 -32.32 -40.94
C GLN C 127 25.24 -33.02 -40.75
N SER C 128 24.34 -32.37 -39.99
CA SER C 128 22.95 -32.83 -39.93
C SER C 128 22.26 -32.37 -41.19
N LEU C 129 21.99 -33.33 -42.01
CA LEU C 129 21.17 -33.13 -43.20
C LEU C 129 19.74 -32.57 -42.93
N GLN C 130 19.05 -33.12 -41.94
CA GLN C 130 17.71 -32.61 -41.61
C GLN C 130 17.71 -31.19 -41.08
N TYR C 131 18.63 -30.90 -40.16
CA TYR C 131 18.87 -29.55 -39.69
C TYR C 131 18.99 -28.67 -40.91
N ARG C 132 19.88 -29.00 -41.84
CA ARG C 132 20.20 -28.06 -42.96
C ARG C 132 19.03 -27.93 -43.90
N TYR C 133 18.32 -29.04 -44.10
CA TYR C 133 17.07 -28.98 -44.83
C TYR C 133 16.18 -27.87 -44.23
N ILE C 134 16.00 -27.88 -42.90
CA ILE C 134 15.20 -26.84 -42.24
C ILE C 134 15.74 -25.40 -42.45
N GLU C 135 17.02 -25.18 -42.23
CA GLU C 135 17.65 -23.87 -42.52
C GLU C 135 17.32 -23.31 -43.91
N PHE C 136 17.33 -24.20 -44.94
CA PHE C 136 17.16 -23.80 -46.35
C PHE C 136 15.74 -23.45 -46.64
N LEU C 137 14.85 -24.30 -46.08
CA LEU C 137 13.42 -24.08 -45.98
C LEU C 137 13.04 -22.79 -45.40
N LEU C 138 13.68 -22.42 -44.30
CA LEU C 138 13.27 -21.14 -43.71
C LEU C 138 13.95 -19.96 -44.46
N GLY C 139 14.82 -20.29 -45.43
CA GLY C 139 15.42 -19.23 -46.31
C GLY C 139 16.93 -18.92 -46.10
N ASN C 140 17.57 -19.50 -45.08
CA ASN C 140 19.03 -19.34 -44.88
C ASN C 140 19.88 -20.31 -45.79
N LYS C 141 19.89 -19.98 -47.11
CA LYS C 141 20.42 -20.80 -48.21
C LYS C 141 21.91 -20.48 -48.34
N ASN C 142 22.80 -21.43 -48.09
CA ASN C 142 24.23 -21.22 -48.33
C ASN C 142 24.76 -22.38 -49.19
N PRO C 143 24.86 -22.17 -50.52
CA PRO C 143 25.39 -23.25 -51.44
C PRO C 143 26.71 -23.97 -50.99
N GLN C 144 27.56 -23.31 -50.20
CA GLN C 144 28.75 -23.95 -49.61
C GLN C 144 28.44 -25.17 -48.77
N MET C 145 27.20 -25.28 -48.29
CA MET C 145 26.82 -26.36 -47.37
C MET C 145 26.75 -27.68 -48.12
N LEU C 146 26.24 -27.65 -49.35
CA LEU C 146 26.29 -28.87 -50.19
C LEU C 146 27.59 -29.71 -50.13
N GLN C 147 28.77 -29.05 -50.03
CA GLN C 147 30.10 -29.73 -50.02
C GLN C 147 30.22 -30.73 -48.87
N VAL C 148 29.55 -30.42 -47.74
CA VAL C 148 29.80 -31.24 -46.55
C VAL C 148 29.12 -32.60 -46.67
N PHE C 149 28.21 -32.75 -47.63
CA PHE C 149 27.49 -33.97 -47.81
C PHE C 149 27.91 -34.69 -49.10
N ALA C 150 29.09 -34.40 -49.65
CA ALA C 150 29.45 -34.94 -50.95
C ALA C 150 29.71 -36.40 -50.75
N TYR C 151 30.07 -36.77 -49.50
CA TYR C 151 30.15 -38.17 -49.04
C TYR C 151 28.82 -38.96 -49.18
N ASP C 152 27.69 -38.24 -49.33
CA ASP C 152 26.34 -38.82 -49.40
C ASP C 152 25.50 -38.19 -50.50
N PRO C 153 25.69 -38.64 -51.78
CA PRO C 153 25.10 -37.94 -52.91
C PRO C 153 23.56 -37.99 -53.00
N ALA C 154 22.89 -39.02 -52.47
CA ALA C 154 21.42 -39.00 -52.44
C ALA C 154 20.89 -37.82 -51.60
N GLY C 155 21.49 -37.67 -50.41
CA GLY C 155 21.22 -36.63 -49.43
C GLY C 155 21.73 -35.30 -49.89
N GLN C 156 22.99 -35.27 -50.36
CA GLN C 156 23.46 -34.08 -51.06
C GLN C 156 22.53 -33.52 -52.12
N ALA C 157 22.10 -34.33 -53.10
CA ALA C 157 21.14 -33.92 -54.15
C ALA C 157 19.74 -33.55 -53.65
N ARG C 158 19.25 -34.23 -52.63
CA ARG C 158 17.97 -33.83 -51.99
C ARG C 158 18.10 -32.44 -51.38
N LEU C 159 19.22 -32.17 -50.71
CA LEU C 159 19.47 -30.87 -50.15
C LEU C 159 19.49 -29.81 -51.25
N ARG C 160 20.03 -30.16 -52.43
CA ARG C 160 20.11 -29.21 -53.51
C ARG C 160 18.73 -28.91 -54.04
N GLU C 161 17.83 -29.87 -54.04
CA GLU C 161 16.45 -29.55 -54.45
C GLU C 161 15.75 -28.45 -53.56
N VAL C 162 15.95 -28.52 -52.24
CA VAL C 162 15.46 -27.47 -51.29
C VAL C 162 16.15 -26.12 -51.54
N LEU C 163 17.43 -26.13 -51.91
CA LEU C 163 18.15 -24.89 -52.15
C LEU C 163 17.52 -24.15 -53.33
N GLU C 164 16.99 -24.87 -54.33
CA GLU C 164 16.54 -24.24 -55.59
C GLU C 164 15.03 -24.02 -55.68
N ALA C 165 14.34 -24.19 -54.57
CA ALA C 165 12.89 -23.90 -54.47
C ALA C 165 12.64 -22.65 -53.61
N PRO C 166 11.49 -21.90 -53.81
CA PRO C 166 11.25 -20.76 -52.87
C PRO C 166 11.16 -21.18 -51.40
N SER C 167 11.67 -20.33 -50.50
CA SER C 167 11.66 -20.66 -49.09
C SER C 167 10.24 -20.47 -48.60
N LEU C 168 9.94 -20.97 -47.40
CA LEU C 168 8.74 -20.52 -46.67
C LEU C 168 8.46 -19.00 -46.79
N TYR C 169 9.50 -18.15 -46.59
CA TYR C 169 9.31 -16.67 -46.66
C TYR C 169 8.89 -16.09 -48.04
N GLU C 170 9.46 -16.70 -49.08
CA GLU C 170 9.26 -16.34 -50.47
C GLU C 170 7.85 -16.71 -50.93
N GLU C 171 7.32 -17.80 -50.38
CA GLU C 171 5.93 -18.23 -50.60
C GLU C 171 4.84 -17.41 -49.89
N PHE C 172 5.11 -16.97 -48.65
CA PHE C 172 4.36 -15.84 -48.03
C PHE C 172 4.27 -14.54 -48.88
N LEU C 173 5.42 -13.99 -49.25
CA LEU C 173 5.47 -12.82 -50.12
C LEU C 173 4.68 -12.99 -51.44
N ARG C 174 4.78 -14.19 -52.03
CA ARG C 174 4.02 -14.55 -53.20
C ARG C 174 2.53 -14.68 -52.97
N TYR C 175 2.14 -15.12 -51.75
CA TYR C 175 0.76 -15.10 -51.27
C TYR C 175 0.29 -13.69 -51.15
N LEU C 176 1.05 -12.86 -50.45
CA LEU C 176 0.70 -11.44 -50.40
C LEU C 176 0.46 -10.78 -51.78
N ALA C 177 1.31 -11.10 -52.77
CA ALA C 177 1.16 -10.59 -54.12
C ALA C 177 -0.22 -10.92 -54.76
N ARG C 178 -0.78 -12.13 -54.50
CA ARG C 178 -2.06 -12.65 -55.08
C ARG C 178 -3.19 -12.01 -54.43
N PHE C 179 -2.89 -11.38 -53.27
CA PHE C 179 -3.88 -10.58 -52.60
C PHE C 179 -3.73 -9.07 -52.65
N GLY C 180 -3.03 -8.55 -53.66
CA GLY C 180 -3.11 -7.11 -53.93
C GLY C 180 -2.16 -6.28 -53.11
N HIS C 181 -1.18 -6.93 -52.52
CA HIS C 181 -0.06 -6.24 -51.78
C HIS C 181 1.00 -5.84 -52.76
N ALA C 182 1.57 -4.67 -52.55
CA ALA C 182 2.53 -4.11 -53.49
C ALA C 182 3.87 -4.79 -53.36
N ILE C 183 3.90 -6.09 -53.70
CA ILE C 183 5.11 -6.96 -53.71
C ILE C 183 5.87 -6.76 -55.04
N PRO C 184 7.23 -6.53 -55.02
CA PRO C 184 8.02 -6.38 -56.27
C PRO C 184 7.76 -7.48 -57.24
N GLN C 185 7.74 -7.17 -58.55
CA GLN C 185 7.56 -8.17 -59.64
C GLN C 185 8.71 -9.18 -59.61
N GLN C 186 9.87 -8.69 -59.18
CA GLN C 186 11.03 -9.50 -58.83
C GLN C 186 10.65 -10.72 -58.00
N ASP C 191 16.39 -17.57 -59.46
CA ASP C 191 17.40 -18.31 -58.71
C ASP C 191 17.21 -18.13 -57.20
N TRP C 192 16.59 -19.17 -56.63
CA TRP C 192 16.22 -19.18 -55.23
C TRP C 192 17.39 -19.68 -54.38
N THR C 193 18.37 -20.40 -54.97
CA THR C 193 19.62 -20.84 -54.29
C THR C 193 20.39 -19.72 -53.53
N ALA C 194 20.29 -18.46 -53.95
CA ALA C 194 20.87 -17.28 -53.22
C ALA C 194 20.03 -16.96 -51.98
N ALA C 195 20.68 -16.45 -50.94
CA ALA C 195 19.87 -15.92 -49.81
C ALA C 195 19.00 -14.76 -50.32
N HIS C 196 17.82 -14.62 -49.73
CA HIS C 196 16.94 -13.50 -49.99
C HIS C 196 17.64 -12.26 -49.42
N VAL C 197 17.89 -11.30 -50.30
CA VAL C 197 18.39 -10.01 -49.86
C VAL C 197 17.16 -9.21 -49.50
N ALA C 198 17.20 -8.75 -48.22
CA ALA C 198 16.40 -7.66 -47.65
C ALA C 198 16.09 -6.52 -48.61
N ASP C 199 14.87 -5.99 -48.46
CA ASP C 199 14.23 -5.19 -49.47
C ASP C 199 13.47 -4.01 -48.79
N ASP C 200 14.02 -2.79 -48.85
CA ASP C 200 13.35 -1.66 -48.19
C ASP C 200 12.03 -1.21 -48.85
N THR C 201 11.71 -1.78 -50.00
CA THR C 201 10.46 -1.45 -50.66
C THR C 201 9.30 -2.33 -50.12
N LEU C 202 9.63 -3.31 -49.26
CA LEU C 202 8.63 -4.10 -48.52
C LEU C 202 8.20 -3.33 -47.27
N ARG C 203 9.02 -2.43 -46.72
CA ARG C 203 8.57 -1.59 -45.60
C ARG C 203 7.11 -1.11 -45.70
N PRO C 204 6.76 -0.38 -46.77
CA PRO C 204 5.36 0.05 -46.69
C PRO C 204 4.29 -1.06 -46.79
N VAL C 205 4.63 -2.26 -47.30
CA VAL C 205 3.71 -3.40 -47.42
C VAL C 205 3.40 -3.86 -45.99
N PHE C 206 4.45 -4.13 -45.20
CA PHE C 206 4.30 -4.48 -43.79
C PHE C 206 3.65 -3.42 -42.88
N GLU C 207 3.95 -2.13 -43.12
CA GLU C 207 3.36 -1.06 -42.39
C GLU C 207 1.87 -1.04 -42.63
N ARG C 208 1.45 -1.31 -43.83
CA ARG C 208 0.01 -1.32 -44.11
C ARG C 208 -0.69 -2.48 -43.40
N ILE C 209 -0.12 -3.68 -43.51
CA ILE C 209 -0.65 -4.81 -42.76
C ILE C 209 -0.85 -4.50 -41.22
N TYR C 210 0.19 -3.98 -40.53
CA TYR C 210 0.18 -3.83 -39.09
C TYR C 210 -0.66 -2.64 -38.69
N GLU C 211 -0.82 -1.68 -39.60
CA GLU C 211 -1.67 -0.55 -39.30
C GLU C 211 -3.19 -0.73 -39.57
N ASN C 212 -3.66 -1.78 -40.21
CA ASN C 212 -5.10 -1.99 -40.30
C ASN C 212 -5.27 -3.46 -40.19
N THR C 213 -5.10 -3.94 -38.97
CA THR C 213 -5.37 -5.34 -38.63
C THR C 213 -6.77 -5.85 -38.95
N ASP C 214 -7.80 -5.02 -38.98
CA ASP C 214 -9.13 -5.57 -39.34
C ASP C 214 -9.33 -5.85 -40.82
N ARG C 215 -8.65 -5.13 -41.71
CA ARG C 215 -8.60 -5.51 -43.10
C ARG C 215 -7.60 -6.65 -43.29
N TYR C 216 -6.38 -6.55 -42.73
CA TYR C 216 -5.33 -7.54 -43.15
C TYR C 216 -5.12 -8.57 -42.04
N TRP C 217 -6.20 -8.92 -41.33
CA TRP C 217 -6.09 -9.90 -40.23
C TRP C 217 -5.43 -11.22 -40.57
N ARG C 218 -5.75 -11.82 -41.71
CA ARG C 218 -4.99 -12.97 -42.27
C ARG C 218 -3.55 -12.74 -42.45
N GLU C 219 -3.08 -11.67 -42.97
CA GLU C 219 -1.64 -11.37 -43.26
C GLU C 219 -0.85 -11.03 -41.99
N TYR C 220 -1.49 -10.23 -41.16
CA TYR C 220 -1.10 -9.87 -39.81
C TYR C 220 -0.83 -11.11 -38.94
N SER C 221 -1.79 -12.06 -38.91
CA SER C 221 -1.62 -13.39 -38.21
C SER C 221 -0.40 -14.16 -38.64
N LEU C 222 -0.30 -14.35 -39.98
CA LEU C 222 0.81 -15.04 -40.53
C LEU C 222 2.14 -14.34 -40.31
N CYS C 223 2.16 -13.02 -40.35
CA CYS C 223 3.40 -12.24 -40.15
C CYS C 223 3.87 -12.51 -38.76
N GLU C 224 2.88 -12.56 -37.85
CA GLU C 224 3.15 -12.94 -36.45
C GLU C 224 3.53 -14.40 -36.16
N ASP C 225 2.88 -15.36 -36.84
CA ASP C 225 3.42 -16.72 -36.93
C ASP C 225 4.85 -16.85 -37.44
N LEU C 226 5.27 -16.14 -38.46
CA LEU C 226 6.66 -16.18 -38.86
C LEU C 226 7.64 -15.51 -37.90
N VAL C 227 7.29 -14.39 -37.33
CA VAL C 227 8.08 -13.84 -36.19
C VAL C 227 8.23 -14.87 -35.10
N ASP C 228 7.18 -15.56 -34.69
CA ASP C 228 7.25 -16.59 -33.64
C ASP C 228 8.23 -17.70 -33.97
N VAL C 229 8.15 -18.24 -35.20
CA VAL C 229 8.99 -19.34 -35.70
C VAL C 229 10.47 -18.96 -35.68
N GLU C 230 10.74 -17.74 -36.15
CA GLU C 230 12.11 -17.26 -36.17
C GLU C 230 12.65 -17.13 -34.78
N THR C 231 11.86 -16.51 -33.94
CA THR C 231 12.18 -16.39 -32.48
C THR C 231 12.46 -17.73 -31.78
N GLN C 232 11.56 -18.68 -31.95
CA GLN C 232 11.75 -20.07 -31.42
C GLN C 232 13.01 -20.66 -32.04
N PHE C 233 13.25 -20.40 -33.33
CA PHE C 233 14.46 -21.02 -33.91
C PHE C 233 15.76 -20.44 -33.25
N GLN C 234 15.76 -19.09 -33.13
CA GLN C 234 16.91 -18.40 -32.48
C GLN C 234 17.14 -18.90 -31.06
N LEU C 235 16.06 -19.15 -30.37
CA LEU C 235 16.07 -19.71 -29.00
C LEU C 235 16.73 -21.07 -29.03
N TRP C 236 16.30 -21.98 -29.94
CA TRP C 236 17.08 -23.22 -30.20
C TRP C 236 18.62 -22.99 -30.37
N ARG C 237 19.03 -22.11 -31.30
CA ARG C 237 20.45 -21.85 -31.54
C ARG C 237 21.16 -21.38 -30.30
N PHE C 238 20.52 -20.53 -29.50
CA PHE C 238 21.07 -19.98 -28.31
C PHE C 238 21.28 -21.02 -27.24
N ARG C 239 20.24 -21.83 -26.96
CA ARG C 239 20.38 -22.99 -25.96
C ARG C 239 21.42 -24.02 -26.38
N HIS C 240 21.44 -24.35 -27.65
CA HIS C 240 22.54 -25.20 -28.15
C HIS C 240 23.89 -24.49 -27.92
N MET C 241 23.98 -23.22 -28.28
CA MET C 241 25.23 -22.51 -28.05
C MET C 241 25.62 -22.39 -26.53
N ARG C 242 24.67 -22.18 -25.63
CA ARG C 242 25.03 -22.04 -24.26
C ARG C 242 25.48 -23.38 -23.70
N THR C 243 24.93 -24.45 -24.31
CA THR C 243 25.25 -25.82 -23.93
C THR C 243 26.65 -26.17 -24.41
N VAL C 244 26.94 -25.80 -25.64
CA VAL C 244 28.34 -25.76 -26.12
C VAL C 244 29.34 -25.05 -25.17
N MET C 245 28.98 -23.87 -24.57
CA MET C 245 29.92 -23.21 -23.69
C MET C 245 30.08 -23.94 -22.41
N ARG C 246 29.00 -24.54 -21.94
CA ARG C 246 29.16 -25.32 -20.70
C ARG C 246 29.94 -26.62 -20.80
N VAL C 247 29.93 -27.24 -21.95
CA VAL C 247 30.52 -28.57 -22.14
C VAL C 247 31.88 -28.54 -22.81
N ILE C 248 32.10 -27.71 -23.85
CA ILE C 248 33.49 -27.63 -24.42
C ILE C 248 34.13 -26.24 -24.36
N GLY C 249 33.46 -25.32 -23.72
CA GLY C 249 33.90 -23.97 -23.67
C GLY C 249 34.23 -23.43 -25.03
N PHE C 250 35.37 -22.77 -25.13
CA PHE C 250 35.79 -22.29 -26.43
C PHE C 250 36.72 -23.21 -27.26
N LYS C 251 36.78 -24.51 -26.96
CA LYS C 251 37.49 -25.49 -27.81
C LYS C 251 36.99 -25.42 -29.23
N ARG C 252 37.85 -25.75 -30.22
CA ARG C 252 37.40 -25.94 -31.61
C ARG C 252 36.41 -27.11 -31.68
N GLY C 253 35.45 -27.01 -32.56
CA GLY C 253 34.48 -28.07 -32.73
C GLY C 253 35.08 -29.34 -33.36
N THR C 254 34.49 -30.50 -33.08
CA THR C 254 34.89 -31.72 -33.79
C THR C 254 34.76 -31.68 -35.28
N GLY C 255 33.76 -30.98 -35.80
CA GLY C 255 33.63 -30.68 -37.20
C GLY C 255 34.66 -29.75 -37.80
N GLY C 256 35.68 -29.37 -37.03
CA GLY C 256 36.69 -28.41 -37.53
C GLY C 256 36.50 -26.89 -37.49
N SER C 257 35.34 -26.44 -36.99
CA SER C 257 35.04 -25.02 -36.80
C SER C 257 35.55 -24.37 -35.53
N SER C 258 35.51 -23.04 -35.50
CA SER C 258 35.94 -22.34 -34.28
C SER C 258 35.08 -22.56 -33.01
N GLY C 259 33.89 -23.13 -33.13
CA GLY C 259 33.13 -23.56 -31.96
C GLY C 259 32.01 -22.59 -31.68
N VAL C 260 31.94 -22.08 -30.45
CA VAL C 260 30.95 -21.05 -30.09
C VAL C 260 30.91 -19.82 -31.01
N GLY C 261 32.11 -19.35 -31.41
CA GLY C 261 32.24 -18.28 -32.41
C GLY C 261 31.52 -18.44 -33.73
N PHE C 262 31.67 -19.61 -34.35
CA PHE C 262 31.00 -20.00 -35.58
C PHE C 262 29.44 -20.11 -35.41
N LEU C 263 29.00 -20.51 -34.21
CA LEU C 263 27.55 -20.57 -33.87
C LEU C 263 26.97 -19.24 -33.64
N GLN C 264 27.75 -18.32 -33.02
CA GLN C 264 27.32 -16.91 -32.88
C GLN C 264 27.09 -16.23 -34.18
N GLN C 265 27.68 -16.70 -35.25
CA GLN C 265 27.59 -15.98 -36.56
C GLN C 265 26.25 -16.29 -37.20
N ALA C 266 25.73 -17.44 -36.78
CA ALA C 266 24.42 -17.94 -37.16
C ALA C 266 23.27 -17.27 -36.35
N LEU C 267 23.47 -17.11 -35.05
CA LEU C 267 22.61 -16.26 -34.24
C LEU C 267 22.39 -14.83 -34.75
N ALA C 268 23.40 -14.23 -35.38
CA ALA C 268 23.30 -12.85 -35.91
C ALA C 268 22.54 -12.80 -37.23
N LEU C 269 22.26 -13.95 -37.82
CA LEU C 269 21.54 -14.00 -39.07
C LEU C 269 20.04 -13.82 -38.86
N THR C 270 19.34 -13.34 -39.87
CA THR C 270 17.88 -13.17 -39.80
C THR C 270 17.16 -13.87 -40.98
N PHE C 271 16.23 -14.77 -40.69
CA PHE C 271 15.42 -15.39 -41.70
C PHE C 271 14.48 -14.35 -42.38
N PHE C 272 13.77 -13.58 -41.58
CA PHE C 272 12.68 -12.71 -42.18
C PHE C 272 13.02 -11.25 -41.87
N PRO C 273 14.06 -10.71 -42.60
CA PRO C 273 14.61 -9.37 -42.23
C PRO C 273 13.55 -8.31 -42.17
N GLU C 274 12.68 -8.28 -43.17
CA GLU C 274 11.77 -7.14 -43.27
C GLU C 274 10.67 -7.14 -42.28
N LEU C 275 10.40 -8.29 -41.65
CA LEU C 275 9.48 -8.40 -40.50
C LEU C 275 9.94 -7.70 -39.27
N PHE C 276 11.21 -7.87 -38.92
CA PHE C 276 11.80 -7.18 -37.81
C PHE C 276 12.04 -5.74 -38.10
N ASP C 277 12.50 -5.46 -39.30
CA ASP C 277 12.79 -4.09 -39.75
C ASP C 277 11.62 -3.14 -39.62
N VAL C 278 10.37 -3.64 -39.83
CA VAL C 278 9.15 -2.81 -39.89
C VAL C 278 8.71 -2.25 -38.51
N ARG C 279 9.29 -2.81 -37.46
CA ARG C 279 8.96 -2.39 -36.10
C ARG C 279 9.45 -0.98 -35.85
N THR C 280 10.48 -0.55 -36.58
CA THR C 280 11.00 0.78 -36.40
C THR C 280 10.05 1.87 -36.97
N SER C 281 9.16 1.53 -37.89
CA SER C 281 8.16 2.45 -38.50
C SER C 281 6.65 2.24 -38.26
N VAL C 282 6.23 1.08 -37.78
CA VAL C 282 4.82 0.82 -37.52
C VAL C 282 4.12 1.85 -36.66
N LEU D 22 34.21 -41.04 -40.36
CA LEU D 22 33.11 -41.11 -39.26
C LEU D 22 32.19 -39.90 -39.27
N THR D 23 30.92 -40.08 -39.63
CA THR D 23 30.04 -38.94 -39.75
C THR D 23 28.95 -38.96 -38.70
N TYR D 24 28.38 -37.77 -38.45
CA TYR D 24 27.16 -37.55 -37.67
C TYR D 24 26.12 -38.63 -38.00
N GLY D 25 25.63 -38.60 -39.26
CA GLY D 25 24.64 -39.56 -39.77
C GLY D 25 25.00 -41.03 -39.61
N GLY D 26 26.30 -41.35 -39.69
CA GLY D 26 26.77 -42.69 -39.53
C GLY D 26 26.92 -43.06 -38.10
N TYR D 27 27.55 -42.16 -37.33
CA TYR D 27 27.58 -42.34 -35.85
C TYR D 27 26.18 -42.61 -35.13
N LEU D 28 25.19 -41.86 -35.56
CA LEU D 28 23.88 -41.95 -34.92
C LEU D 28 22.93 -42.90 -35.70
N ARG D 29 23.49 -43.73 -36.59
CA ARG D 29 22.72 -44.76 -37.28
C ARG D 29 21.48 -44.13 -37.90
N LEU D 30 21.67 -42.98 -38.57
CA LEU D 30 20.47 -42.24 -38.95
C LEU D 30 19.71 -42.85 -40.13
N ASP D 31 20.42 -43.58 -40.99
CA ASP D 31 19.68 -44.48 -41.92
C ASP D 31 18.70 -45.47 -41.29
N GLN D 32 19.05 -46.21 -40.24
CA GLN D 32 17.97 -47.09 -39.74
C GLN D 32 16.95 -46.35 -38.89
N LEU D 33 17.39 -45.25 -38.28
CA LEU D 33 16.54 -44.38 -37.43
C LEU D 33 15.57 -43.70 -38.30
N LEU D 34 16.05 -43.11 -39.39
CA LEU D 34 15.13 -42.34 -40.20
C LEU D 34 14.40 -43.11 -41.29
N SER D 35 14.41 -44.42 -41.25
CA SER D 35 13.53 -45.12 -42.15
C SER D 35 12.58 -45.97 -41.29
N ALA D 36 12.52 -45.68 -39.98
CA ALA D 36 11.63 -46.50 -39.12
C ALA D 36 10.25 -45.95 -39.01
N GLN D 37 9.92 -44.94 -39.82
CA GLN D 37 8.60 -44.36 -39.83
C GLN D 37 7.87 -44.86 -41.11
N GLN D 38 6.92 -45.76 -40.89
CA GLN D 38 6.13 -46.28 -41.99
C GLN D 38 4.66 -46.16 -41.67
N PRO D 39 4.06 -45.01 -42.02
CA PRO D 39 2.63 -44.85 -41.95
C PRO D 39 1.93 -45.93 -42.80
N LEU D 40 0.83 -46.45 -42.29
CA LEU D 40 0.06 -47.45 -43.03
C LEU D 40 -1.14 -46.95 -43.76
N SER D 41 -1.55 -45.68 -43.56
CA SER D 41 -2.79 -45.21 -44.14
C SER D 41 -2.58 -45.02 -45.61
N GLU D 42 -3.63 -45.41 -46.37
CA GLU D 42 -3.77 -45.28 -47.81
C GLU D 42 -5.07 -44.62 -48.14
N PRO D 43 -5.05 -43.47 -48.85
CA PRO D 43 -3.86 -42.69 -49.21
C PRO D 43 -3.26 -42.19 -47.88
N ALA D 44 -1.98 -41.79 -47.88
CA ALA D 44 -1.27 -41.50 -46.63
C ALA D 44 -1.92 -40.31 -45.88
N HIS D 45 -1.98 -40.40 -44.58
CA HIS D 45 -2.64 -39.31 -43.87
C HIS D 45 -1.57 -38.40 -43.31
N HIS D 46 -1.76 -37.09 -43.51
CA HIS D 46 -0.78 -36.07 -43.07
C HIS D 46 -0.40 -36.18 -41.57
N ASP D 47 -1.43 -36.38 -40.75
CA ASP D 47 -1.26 -36.52 -39.29
C ASP D 47 -0.71 -37.82 -38.74
N GLU D 48 -0.52 -38.81 -39.62
CA GLU D 48 0.06 -40.07 -39.20
C GLU D 48 1.53 -39.95 -38.75
N MET D 49 2.27 -38.94 -39.31
CA MET D 49 3.71 -38.77 -39.04
C MET D 49 3.87 -38.15 -37.68
N LEU D 50 3.00 -37.18 -37.34
CA LEU D 50 3.04 -36.67 -35.94
C LEU D 50 2.89 -37.86 -35.00
N PHE D 51 1.83 -38.61 -35.24
CA PHE D 51 1.54 -39.73 -34.39
C PHE D 51 2.72 -40.73 -34.15
N ILE D 52 3.35 -41.19 -35.24
CA ILE D 52 4.49 -42.05 -35.21
C ILE D 52 5.63 -41.42 -34.48
N ILE D 53 6.07 -40.24 -34.91
CA ILE D 53 7.20 -39.52 -34.20
C ILE D 53 7.02 -39.25 -32.69
N GLN D 54 5.79 -38.97 -32.24
CA GLN D 54 5.56 -38.70 -30.88
C GLN D 54 5.82 -39.95 -30.04
N ALA D 55 5.25 -41.08 -30.46
CA ALA D 55 5.48 -42.27 -29.71
C ALA D 55 6.95 -42.76 -29.75
N GLN D 56 7.60 -42.57 -30.89
CA GLN D 56 9.04 -42.92 -31.10
C GLN D 56 9.99 -42.05 -30.33
N THR D 57 9.76 -40.74 -30.32
CA THR D 57 10.66 -39.91 -29.43
C THR D 57 10.54 -40.33 -27.96
N SER D 58 9.30 -40.65 -27.55
CA SER D 58 8.94 -41.08 -26.18
C SER D 58 9.64 -42.37 -25.84
N GLU D 59 9.58 -43.33 -26.74
CA GLU D 59 10.32 -44.58 -26.61
C GLU D 59 11.83 -44.40 -26.42
N LEU D 60 12.47 -43.50 -27.18
CA LEU D 60 13.92 -43.15 -27.09
C LEU D 60 14.21 -42.48 -25.72
N TRP D 61 13.31 -41.60 -25.32
CA TRP D 61 13.46 -41.08 -23.93
C TRP D 61 13.27 -42.20 -22.87
N LEU D 62 12.27 -43.07 -23.06
CA LEU D 62 12.09 -44.17 -22.07
C LEU D 62 13.28 -45.13 -22.00
N LYS D 63 13.89 -45.40 -23.18
CA LYS D 63 15.18 -46.06 -23.19
C LYS D 63 16.28 -45.35 -22.41
N LEU D 64 16.50 -44.07 -22.63
CA LEU D 64 17.41 -43.35 -21.73
C LEU D 64 17.01 -43.44 -20.23
N LEU D 65 15.73 -43.20 -19.87
CA LEU D 65 15.27 -43.25 -18.49
C LEU D 65 15.64 -44.59 -17.84
N ALA D 66 15.32 -45.72 -18.49
CA ALA D 66 15.82 -47.02 -17.98
C ALA D 66 17.37 -47.12 -17.77
N HIS D 67 18.16 -46.69 -18.77
CA HIS D 67 19.65 -46.63 -18.70
C HIS D 67 20.05 -45.84 -17.45
N GLU D 68 19.42 -44.67 -17.22
CA GLU D 68 19.77 -43.92 -16.00
C GLU D 68 19.26 -44.58 -14.70
N LEU D 69 17.98 -45.02 -14.59
CA LEU D 69 17.54 -45.52 -13.26
C LEU D 69 18.30 -46.78 -12.85
N ARG D 70 18.75 -47.59 -13.80
CA ARG D 70 19.60 -48.78 -13.45
C ARG D 70 20.93 -48.38 -12.83
N ALA D 71 21.57 -47.40 -13.49
CA ALA D 71 22.73 -46.74 -12.96
C ALA D 71 22.49 -46.19 -11.58
N ALA D 72 21.38 -45.47 -11.37
CA ALA D 72 21.09 -45.00 -10.02
C ALA D 72 20.92 -46.11 -8.98
N ILE D 73 20.33 -47.24 -9.34
CA ILE D 73 20.25 -48.42 -8.45
C ILE D 73 21.64 -48.95 -8.07
N VAL D 74 22.53 -49.06 -9.09
CA VAL D 74 23.90 -49.50 -8.89
C VAL D 74 24.64 -48.54 -7.91
N HIS D 75 24.54 -47.22 -8.13
CA HIS D 75 25.02 -46.24 -7.10
C HIS D 75 24.48 -46.44 -5.66
N LEU D 76 23.16 -46.55 -5.46
CA LEU D 76 22.59 -46.93 -4.12
C LEU D 76 23.15 -48.21 -3.46
N GLN D 77 23.25 -49.28 -4.25
CA GLN D 77 23.87 -50.54 -3.85
C GLN D 77 25.28 -50.29 -3.32
N ARG D 78 25.97 -49.30 -3.91
CA ARG D 78 27.32 -48.95 -3.53
C ARG D 78 27.41 -47.82 -2.45
N ASP D 79 26.28 -47.20 -2.05
CA ASP D 79 26.25 -46.19 -0.96
C ASP D 79 26.80 -44.84 -1.50
N GLU D 80 26.81 -44.75 -2.84
CA GLU D 80 27.24 -43.59 -3.60
C GLU D 80 26.09 -42.61 -3.87
N VAL D 81 25.80 -41.82 -2.85
CA VAL D 81 24.62 -40.95 -2.74
C VAL D 81 24.63 -39.75 -3.63
N TRP D 82 25.72 -39.01 -3.64
CA TRP D 82 25.96 -37.89 -4.54
C TRP D 82 25.92 -38.34 -6.04
N GLN D 83 26.62 -39.45 -6.41
CA GLN D 83 26.39 -40.00 -7.75
C GLN D 83 24.99 -40.46 -8.00
N CYS D 84 24.33 -41.07 -7.03
CA CYS D 84 22.95 -41.46 -7.26
C CYS D 84 22.01 -40.24 -7.51
N ARG D 85 22.05 -39.22 -6.65
CA ARG D 85 21.39 -38.00 -6.84
C ARG D 85 21.67 -37.31 -8.17
N LYS D 86 22.99 -37.33 -8.55
CA LYS D 86 23.20 -36.69 -9.96
C LYS D 86 22.42 -37.44 -11.08
N VAL D 87 22.42 -38.77 -11.07
CA VAL D 87 21.69 -39.55 -12.13
C VAL D 87 20.18 -39.41 -12.03
N LEU D 88 19.64 -39.28 -10.81
CA LEU D 88 18.22 -38.97 -10.52
C LEU D 88 17.88 -37.54 -11.01
N ALA D 89 18.86 -36.62 -10.93
CA ALA D 89 18.70 -35.28 -11.57
C ALA D 89 18.50 -35.31 -13.10
N ARG D 90 19.34 -36.08 -13.80
CA ARG D 90 19.13 -36.31 -15.26
C ARG D 90 17.79 -37.06 -15.57
N SER D 91 17.52 -38.08 -14.78
CA SER D 91 16.26 -38.89 -14.82
C SER D 91 14.98 -38.04 -14.68
N LYS D 92 14.89 -37.09 -13.73
CA LYS D 92 13.83 -36.06 -13.68
C LYS D 92 13.74 -35.16 -14.88
N GLN D 93 14.90 -34.83 -15.45
CA GLN D 93 14.91 -34.04 -16.67
C GLN D 93 14.38 -34.83 -17.88
N VAL D 94 14.70 -36.12 -17.97
CA VAL D 94 14.09 -36.96 -19.03
C VAL D 94 12.52 -37.08 -18.91
N LEU D 95 12.06 -37.40 -17.72
CA LEU D 95 10.61 -37.39 -17.29
C LEU D 95 9.89 -36.11 -17.62
N ARG D 96 10.66 -35.04 -17.54
CA ARG D 96 10.28 -33.70 -17.89
C ARG D 96 10.07 -33.44 -19.39
N GLN D 97 10.94 -33.98 -20.23
CA GLN D 97 10.76 -33.92 -21.71
C GLN D 97 9.55 -34.73 -22.11
N LEU D 98 9.46 -35.88 -21.49
CA LEU D 98 8.32 -36.83 -21.66
C LEU D 98 6.96 -36.25 -21.37
N THR D 99 6.87 -35.43 -20.31
CA THR D 99 5.65 -34.75 -19.90
C THR D 99 5.37 -33.52 -20.83
N GLU D 100 6.40 -32.76 -21.16
CA GLU D 100 6.32 -31.59 -21.96
C GLU D 100 5.85 -31.90 -23.39
N GLN D 101 6.16 -33.06 -23.89
CA GLN D 101 5.90 -33.25 -25.29
C GLN D 101 4.43 -33.45 -25.64
N TRP D 102 3.58 -33.80 -24.68
CA TRP D 102 2.12 -33.76 -24.89
C TRP D 102 1.54 -32.58 -25.58
N SER D 103 2.20 -31.44 -25.48
CA SER D 103 1.84 -30.24 -26.23
C SER D 103 1.81 -30.25 -27.79
N VAL D 104 2.59 -31.10 -28.41
CA VAL D 104 2.60 -31.23 -29.84
C VAL D 104 1.38 -32.08 -30.20
N LEU D 105 1.18 -33.21 -29.49
CA LEU D 105 0.11 -34.19 -29.79
C LEU D 105 -1.32 -33.62 -29.67
N GLU D 106 -1.50 -32.61 -28.84
CA GLU D 106 -2.73 -31.88 -28.64
C GLU D 106 -3.14 -30.87 -29.79
N THR D 107 -2.29 -30.74 -30.82
CA THR D 107 -2.69 -30.14 -32.14
C THR D 107 -3.42 -31.18 -33.07
N LEU D 108 -3.57 -32.40 -32.56
CA LEU D 108 -4.27 -33.41 -33.30
C LEU D 108 -5.69 -33.39 -32.73
N THR D 109 -6.62 -33.10 -33.64
CA THR D 109 -8.02 -33.15 -33.35
C THR D 109 -8.62 -34.58 -33.69
N PRO D 110 -9.72 -34.94 -33.00
CA PRO D 110 -10.36 -36.25 -33.08
C PRO D 110 -10.87 -36.64 -34.50
N SER D 111 -11.35 -35.66 -35.29
CA SER D 111 -11.62 -35.85 -36.69
C SER D 111 -10.41 -36.12 -37.56
N GLU D 112 -9.25 -35.55 -37.22
CA GLU D 112 -7.97 -35.87 -37.87
C GLU D 112 -7.54 -37.31 -37.51
N TYR D 113 -7.62 -37.67 -36.23
CA TYR D 113 -7.31 -39.01 -35.76
C TYR D 113 -8.14 -40.10 -36.48
N MET D 114 -9.44 -39.84 -36.66
CA MET D 114 -10.38 -40.73 -37.29
C MET D 114 -10.02 -41.09 -38.68
N GLY D 115 -9.11 -40.33 -39.31
CA GLY D 115 -8.56 -40.62 -40.59
C GLY D 115 -7.61 -41.80 -40.62
N PHE D 116 -7.07 -42.18 -39.46
CA PHE D 116 -6.09 -43.30 -39.47
C PHE D 116 -6.22 -44.17 -38.24
N ARG D 117 -7.11 -43.85 -37.27
CA ARG D 117 -7.19 -44.70 -36.07
C ARG D 117 -7.31 -46.22 -36.43
N ASP D 118 -8.12 -46.49 -37.44
CA ASP D 118 -8.37 -47.85 -37.93
C ASP D 118 -7.22 -48.68 -38.41
N VAL D 119 -6.15 -48.07 -38.92
CA VAL D 119 -4.97 -48.79 -39.43
C VAL D 119 -4.19 -49.43 -38.29
N LEU D 120 -4.57 -49.11 -37.07
CA LEU D 120 -3.72 -49.30 -35.94
C LEU D 120 -3.95 -50.66 -35.34
N GLY D 121 -5.11 -51.22 -35.69
CA GLY D 121 -5.58 -52.51 -35.21
C GLY D 121 -5.76 -52.39 -33.70
N PRO D 122 -5.26 -53.42 -32.95
CA PRO D 122 -5.23 -53.48 -31.48
C PRO D 122 -3.91 -52.89 -30.86
N SER D 123 -3.05 -52.26 -31.65
CA SER D 123 -1.79 -51.76 -31.08
C SER D 123 -2.07 -50.63 -30.07
N SER D 124 -1.34 -50.65 -28.96
CA SER D 124 -1.51 -49.69 -27.90
C SER D 124 -0.21 -49.47 -27.14
N GLY D 125 0.01 -48.25 -26.64
CA GLY D 125 1.10 -48.03 -25.70
C GLY D 125 1.06 -48.96 -24.50
N PHE D 126 -0.08 -49.58 -24.22
CA PHE D 126 -0.17 -50.69 -23.23
C PHE D 126 0.78 -51.88 -23.48
N GLN D 127 1.10 -52.08 -24.77
CA GLN D 127 2.15 -53.00 -25.21
C GLN D 127 3.55 -52.35 -25.27
N SER D 128 3.81 -51.21 -24.61
CA SER D 128 5.19 -50.65 -24.65
C SER D 128 6.03 -51.45 -23.72
N LEU D 129 6.97 -52.24 -24.24
CA LEU D 129 7.91 -52.93 -23.35
C LEU D 129 8.66 -52.01 -22.36
N GLN D 130 9.16 -50.91 -22.90
CA GLN D 130 9.97 -49.96 -22.13
C GLN D 130 9.26 -49.18 -21.06
N TYR D 131 8.08 -48.68 -21.35
CA TYR D 131 7.15 -48.19 -20.32
C TYR D 131 7.03 -49.17 -19.18
N ARG D 132 6.85 -50.44 -19.52
CA ARG D 132 6.59 -51.42 -18.51
C ARG D 132 7.85 -51.71 -17.67
N TYR D 133 8.99 -51.71 -18.34
CA TYR D 133 10.23 -51.88 -17.64
C TYR D 133 10.34 -50.86 -16.51
N ILE D 134 10.05 -49.61 -16.82
CA ILE D 134 10.13 -48.52 -15.90
C ILE D 134 9.08 -48.59 -14.79
N GLU D 135 7.84 -48.88 -15.16
CA GLU D 135 6.79 -49.14 -14.16
C GLU D 135 7.25 -50.14 -13.12
N PHE D 136 7.96 -51.20 -13.55
CA PHE D 136 8.37 -52.30 -12.72
C PHE D 136 9.62 -51.92 -11.85
N LEU D 137 10.61 -51.24 -12.44
CA LEU D 137 11.76 -50.62 -11.74
C LEU D 137 11.35 -49.68 -10.59
N LEU D 138 10.31 -48.91 -10.84
CA LEU D 138 9.77 -47.92 -9.89
C LEU D 138 8.93 -48.69 -8.87
N GLY D 139 8.37 -49.82 -9.29
CA GLY D 139 7.99 -50.89 -8.34
C GLY D 139 6.51 -51.20 -8.29
N ASN D 140 5.80 -50.65 -9.28
CA ASN D 140 4.43 -51.03 -9.64
C ASN D 140 4.53 -52.39 -10.46
N LYS D 141 4.86 -53.47 -9.74
CA LYS D 141 5.01 -54.79 -10.34
C LYS D 141 3.62 -55.39 -10.39
N ASN D 142 3.16 -55.74 -11.59
CA ASN D 142 1.94 -56.51 -11.79
C ASN D 142 2.27 -57.70 -12.71
N PRO D 143 2.33 -58.93 -12.12
CA PRO D 143 2.64 -60.14 -12.92
C PRO D 143 1.64 -60.42 -14.07
N GLN D 144 0.38 -60.03 -13.91
CA GLN D 144 -0.60 -59.98 -15.02
C GLN D 144 -0.11 -59.44 -16.36
N MET D 145 0.80 -58.43 -16.33
CA MET D 145 1.37 -57.75 -17.53
C MET D 145 2.12 -58.64 -18.48
N LEU D 146 2.81 -59.63 -17.95
CA LEU D 146 3.68 -60.50 -18.75
C LEU D 146 2.95 -61.21 -19.90
N GLN D 147 1.64 -61.44 -19.73
CA GLN D 147 0.81 -62.09 -20.73
C GLN D 147 0.77 -61.31 -22.03
N VAL D 148 0.72 -59.98 -21.91
CA VAL D 148 0.50 -59.06 -23.08
C VAL D 148 1.64 -59.24 -24.05
N PHE D 149 2.73 -59.76 -23.49
CA PHE D 149 3.99 -59.88 -24.15
C PHE D 149 4.37 -61.33 -24.45
N ALA D 150 3.42 -62.26 -24.58
CA ALA D 150 3.80 -63.66 -24.83
C ALA D 150 4.26 -63.86 -26.29
N TYR D 151 3.71 -63.02 -27.18
CA TYR D 151 4.13 -62.88 -28.59
C TYR D 151 5.62 -62.57 -28.81
N ASP D 152 6.25 -61.96 -27.81
CA ASP D 152 7.67 -61.57 -27.82
C ASP D 152 8.28 -62.19 -26.56
N PRO D 153 8.88 -63.42 -26.68
CA PRO D 153 9.10 -64.29 -25.47
C PRO D 153 10.36 -63.91 -24.69
N ALA D 154 11.23 -63.20 -25.39
CA ALA D 154 12.55 -62.82 -24.97
C ALA D 154 12.56 -61.39 -24.47
N GLY D 155 11.47 -60.68 -24.73
CA GLY D 155 11.22 -59.36 -24.17
C GLY D 155 10.40 -59.58 -22.92
N GLN D 156 9.51 -60.57 -22.99
CA GLN D 156 8.80 -61.11 -21.81
C GLN D 156 9.73 -61.64 -20.74
N ALA D 157 10.93 -62.08 -21.13
CA ALA D 157 11.91 -62.61 -20.17
C ALA D 157 12.80 -61.50 -19.63
N ARG D 158 12.98 -60.43 -20.41
CA ARG D 158 13.64 -59.19 -19.95
C ARG D 158 12.80 -58.58 -18.82
N LEU D 159 11.50 -58.68 -18.96
CA LEU D 159 10.56 -58.10 -18.03
C LEU D 159 10.58 -58.85 -16.78
N ARG D 160 10.55 -60.16 -16.91
CA ARG D 160 10.60 -61.03 -15.74
C ARG D 160 11.86 -60.82 -14.92
N GLU D 161 12.98 -60.48 -15.55
CA GLU D 161 14.21 -60.09 -14.82
C GLU D 161 14.05 -58.81 -13.94
N VAL D 162 13.30 -57.83 -14.42
CA VAL D 162 13.01 -56.62 -13.61
C VAL D 162 11.86 -56.86 -12.61
N LEU D 163 10.97 -57.81 -12.89
CA LEU D 163 10.01 -58.17 -11.87
C LEU D 163 10.72 -58.87 -10.70
N GLU D 164 11.73 -59.69 -10.97
CA GLU D 164 12.48 -60.43 -9.91
C GLU D 164 13.54 -59.70 -9.03
N ALA D 165 13.95 -58.50 -9.45
CA ALA D 165 14.92 -57.67 -8.71
C ALA D 165 14.20 -56.64 -7.80
N PRO D 166 14.82 -56.21 -6.69
CA PRO D 166 14.25 -55.08 -5.90
C PRO D 166 13.99 -53.84 -6.79
N SER D 167 12.90 -53.14 -6.49
CA SER D 167 12.62 -51.87 -7.15
C SER D 167 13.74 -50.89 -6.78
N LEU D 168 13.79 -49.71 -7.43
CA LEU D 168 14.42 -48.51 -6.94
C LEU D 168 14.05 -48.14 -5.48
N TYR D 169 12.78 -48.25 -5.10
CA TYR D 169 12.34 -48.01 -3.68
C TYR D 169 12.86 -48.98 -2.65
N GLU D 170 12.78 -50.27 -2.98
CA GLU D 170 13.37 -51.31 -2.17
C GLU D 170 14.89 -51.20 -2.02
N GLU D 171 15.58 -50.73 -3.03
CA GLU D 171 17.01 -50.48 -2.91
C GLU D 171 17.37 -49.27 -2.00
N PHE D 172 16.53 -48.25 -2.03
CA PHE D 172 16.59 -47.16 -1.11
C PHE D 172 16.38 -47.70 0.32
N LEU D 173 15.40 -48.56 0.55
CA LEU D 173 15.16 -49.04 1.92
C LEU D 173 16.32 -49.92 2.34
N ARG D 174 16.86 -50.81 1.49
CA ARG D 174 18.16 -51.45 1.81
C ARG D 174 19.41 -50.58 2.16
N TYR D 175 19.56 -49.47 1.44
CA TYR D 175 20.44 -48.30 1.75
C TYR D 175 20.23 -47.74 3.13
N LEU D 176 19.02 -47.33 3.44
CA LEU D 176 18.76 -46.92 4.80
C LEU D 176 19.20 -47.98 5.83
N ALA D 177 18.90 -49.26 5.60
CA ALA D 177 19.28 -50.33 6.56
C ALA D 177 20.80 -50.42 6.86
N ARG D 178 21.68 -50.36 5.86
CA ARG D 178 23.14 -50.29 6.09
C ARG D 178 23.57 -49.14 7.00
N PHE D 179 22.78 -48.06 6.98
CA PHE D 179 23.12 -46.84 7.64
C PHE D 179 22.36 -46.62 8.91
N GLY D 180 21.81 -47.71 9.46
CA GLY D 180 21.39 -47.72 10.86
C GLY D 180 19.97 -47.33 11.11
N HIS D 181 19.20 -47.17 10.05
CA HIS D 181 17.75 -46.98 10.17
C HIS D 181 17.08 -48.31 10.46
N ALA D 182 16.02 -48.20 11.27
CA ALA D 182 15.26 -49.34 11.75
C ALA D 182 14.34 -49.88 10.69
N ILE D 183 14.93 -50.34 9.60
CA ILE D 183 14.24 -51.00 8.47
C ILE D 183 13.93 -52.49 8.80
N PRO D 184 12.65 -52.92 8.73
CA PRO D 184 12.42 -54.39 8.91
C PRO D 184 13.46 -55.36 8.25
N GLN D 185 13.62 -56.52 8.85
CA GLN D 185 14.36 -57.61 8.24
C GLN D 185 13.79 -58.10 6.86
N GLN D 186 12.49 -57.86 6.55
CA GLN D 186 11.84 -58.28 5.28
C GLN D 186 12.72 -57.89 4.11
N TYR D 187 13.05 -56.60 4.12
CA TYR D 187 13.71 -55.97 2.99
C TYR D 187 15.15 -56.39 2.80
N GLN D 188 15.69 -57.32 3.60
CA GLN D 188 17.05 -57.86 3.29
C GLN D 188 17.12 -58.86 2.09
N ALA D 189 16.00 -59.57 1.85
CA ALA D 189 15.82 -60.50 0.72
C ALA D 189 14.42 -61.05 0.81
N ARG D 190 13.81 -61.37 -0.33
CA ARG D 190 12.37 -61.57 -0.36
C ARG D 190 11.93 -61.84 -1.78
N ASP D 191 10.60 -62.01 -1.97
CA ASP D 191 10.07 -62.15 -3.34
C ASP D 191 9.67 -60.83 -4.01
N TRP D 192 10.68 -60.31 -4.70
CA TRP D 192 10.59 -59.08 -5.36
C TRP D 192 9.49 -59.03 -6.39
N THR D 193 8.95 -60.16 -6.90
CA THR D 193 7.93 -60.10 -7.99
C THR D 193 6.59 -59.51 -7.57
N ALA D 194 6.39 -59.38 -6.26
CA ALA D 194 5.25 -58.65 -5.66
C ALA D 194 5.47 -57.14 -5.47
N ALA D 195 4.51 -56.37 -5.94
CA ALA D 195 4.37 -54.95 -5.61
C ALA D 195 4.58 -54.85 -4.11
N HIS D 196 5.44 -53.91 -3.68
CA HIS D 196 5.60 -53.48 -2.28
C HIS D 196 4.23 -53.15 -1.68
N VAL D 197 4.03 -53.48 -0.40
CA VAL D 197 2.74 -53.36 0.23
C VAL D 197 3.03 -52.42 1.36
N ALA D 198 2.23 -51.34 1.46
CA ALA D 198 2.51 -50.24 2.37
C ALA D 198 2.72 -50.80 3.79
N ASP D 199 3.74 -50.24 4.43
CA ASP D 199 4.29 -50.75 5.66
C ASP D 199 4.37 -49.66 6.76
N ASP D 200 3.39 -49.64 7.67
CA ASP D 200 3.32 -48.70 8.81
C ASP D 200 4.56 -48.59 9.66
N THR D 201 5.39 -49.65 9.65
CA THR D 201 6.58 -49.59 10.50
C THR D 201 7.70 -48.71 9.93
N LEU D 202 7.61 -48.34 8.65
CA LEU D 202 8.52 -47.37 8.07
C LEU D 202 8.21 -45.95 8.52
N ARG D 203 6.98 -45.65 8.96
CA ARG D 203 6.64 -44.30 9.49
C ARG D 203 7.64 -43.64 10.48
N PRO D 204 7.90 -44.21 11.70
CA PRO D 204 8.96 -43.65 12.54
C PRO D 204 10.31 -43.47 11.83
N VAL D 205 10.64 -44.34 10.87
CA VAL D 205 11.82 -44.15 10.03
C VAL D 205 11.82 -42.78 9.37
N PHE D 206 10.77 -42.47 8.61
CA PHE D 206 10.74 -41.29 7.82
C PHE D 206 10.60 -40.04 8.70
N GLU D 207 9.99 -40.19 9.88
CA GLU D 207 9.81 -39.10 10.79
C GLU D 207 11.13 -38.64 11.30
N ARG D 208 12.03 -39.57 11.64
CA ARG D 208 13.41 -39.28 12.14
C ARG D 208 14.18 -38.46 11.09
N ILE D 209 14.09 -38.96 9.86
CA ILE D 209 14.80 -38.37 8.73
C ILE D 209 14.35 -36.89 8.51
N TYR D 210 13.02 -36.64 8.38
CA TYR D 210 12.42 -35.32 8.12
C TYR D 210 12.48 -34.30 9.27
N GLU D 211 12.66 -34.82 10.48
CA GLU D 211 12.76 -34.06 11.70
C GLU D 211 14.18 -33.76 12.16
N ASN D 212 15.16 -34.36 11.52
CA ASN D 212 16.61 -34.14 11.76
C ASN D 212 17.33 -34.09 10.46
N THR D 213 16.97 -33.09 9.67
CA THR D 213 17.62 -32.90 8.32
C THR D 213 19.12 -32.77 8.32
N ASP D 214 19.64 -32.20 9.41
CA ASP D 214 21.02 -31.86 9.60
C ASP D 214 21.82 -33.12 9.87
N ARG D 215 21.31 -34.03 10.70
CA ARG D 215 21.76 -35.42 10.75
C ARG D 215 21.65 -36.25 9.43
N TYR D 216 20.50 -36.18 8.76
CA TYR D 216 20.14 -37.17 7.70
C TYR D 216 19.91 -36.49 6.39
N TRP D 217 20.74 -35.50 6.15
CA TRP D 217 20.68 -34.72 4.94
C TRP D 217 20.71 -35.64 3.71
N ARG D 218 21.54 -36.65 3.73
CA ARG D 218 21.63 -37.53 2.59
C ARG D 218 20.32 -38.28 2.30
N GLU D 219 19.72 -38.83 3.35
CA GLU D 219 18.54 -39.67 3.31
C GLU D 219 17.42 -38.78 2.94
N TYR D 220 17.39 -37.60 3.58
CA TYR D 220 16.34 -36.56 3.39
C TYR D 220 16.26 -36.11 1.90
N SER D 221 17.43 -35.88 1.34
CA SER D 221 17.49 -35.44 -0.08
C SER D 221 17.11 -36.53 -1.06
N LEU D 222 17.52 -37.77 -0.80
CA LEU D 222 17.05 -38.97 -1.50
C LEU D 222 15.56 -39.21 -1.42
N CYS D 223 14.98 -39.02 -0.23
CA CYS D 223 13.56 -39.10 -0.02
C CYS D 223 12.76 -38.10 -0.90
N GLU D 224 13.23 -36.86 -0.92
CA GLU D 224 12.71 -35.80 -1.75
C GLU D 224 12.90 -35.97 -3.25
N ASP D 225 14.02 -36.55 -3.68
CA ASP D 225 14.21 -36.99 -5.12
C ASP D 225 13.18 -38.02 -5.61
N LEU D 226 12.89 -39.03 -4.79
CA LEU D 226 11.90 -40.05 -5.15
C LEU D 226 10.48 -39.50 -5.22
N VAL D 227 10.15 -38.58 -4.31
CA VAL D 227 8.94 -37.78 -4.38
C VAL D 227 8.84 -36.94 -5.61
N ASP D 228 9.93 -36.29 -6.06
CA ASP D 228 10.05 -35.64 -7.36
C ASP D 228 9.86 -36.62 -8.54
N VAL D 229 10.53 -37.78 -8.50
CA VAL D 229 10.31 -38.83 -9.61
C VAL D 229 8.82 -39.23 -9.68
N GLU D 230 8.25 -39.54 -8.51
CA GLU D 230 6.85 -39.97 -8.46
C GLU D 230 5.84 -38.95 -9.02
N THR D 231 5.91 -37.71 -8.53
CA THR D 231 5.11 -36.56 -9.01
C THR D 231 5.23 -36.28 -10.52
N GLN D 232 6.45 -36.22 -11.01
CA GLN D 232 6.64 -36.09 -12.43
C GLN D 232 6.08 -37.27 -13.23
N PHE D 233 6.17 -38.48 -12.73
CA PHE D 233 5.63 -39.64 -13.47
C PHE D 233 4.06 -39.55 -13.41
N GLN D 234 3.52 -39.04 -12.33
CA GLN D 234 2.08 -38.94 -12.24
C GLN D 234 1.60 -37.86 -13.19
N LEU D 235 2.41 -36.86 -13.35
CA LEU D 235 2.16 -35.74 -14.32
C LEU D 235 2.20 -36.22 -15.77
N TRP D 236 3.23 -36.97 -16.18
CA TRP D 236 3.10 -37.76 -17.45
C TRP D 236 1.79 -38.57 -17.61
N ARG D 237 1.44 -39.44 -16.67
CA ARG D 237 0.15 -40.11 -16.73
C ARG D 237 -1.04 -39.21 -16.95
N PHE D 238 -1.08 -38.11 -16.25
CA PHE D 238 -2.23 -37.22 -16.27
C PHE D 238 -2.35 -36.49 -17.62
N ARG D 239 -1.20 -36.04 -18.17
CA ARG D 239 -1.18 -35.34 -19.48
C ARG D 239 -1.50 -36.33 -20.60
N HIS D 240 -1.05 -37.59 -20.47
CA HIS D 240 -1.46 -38.65 -21.38
C HIS D 240 -2.98 -38.85 -21.30
N MET D 241 -3.50 -38.93 -20.07
CA MET D 241 -4.94 -39.15 -19.91
C MET D 241 -5.77 -38.02 -20.48
N ARG D 242 -5.34 -36.75 -20.32
CA ARG D 242 -6.01 -35.57 -20.77
C ARG D 242 -5.96 -35.52 -22.30
N THR D 243 -4.86 -35.99 -22.88
CA THR D 243 -4.75 -36.11 -24.33
C THR D 243 -5.72 -37.17 -24.90
N VAL D 244 -5.71 -38.37 -24.33
CA VAL D 244 -6.74 -39.38 -24.66
C VAL D 244 -8.19 -38.84 -24.66
N MET D 245 -8.54 -37.99 -23.67
CA MET D 245 -9.84 -37.26 -23.61
C MET D 245 -10.12 -36.36 -24.73
N ARG D 246 -9.14 -35.60 -25.15
CA ARG D 246 -9.49 -34.68 -26.21
C ARG D 246 -9.44 -35.32 -27.56
N VAL D 247 -8.75 -36.43 -27.65
CA VAL D 247 -8.57 -37.13 -28.92
C VAL D 247 -9.63 -38.25 -29.23
N ILE D 248 -9.81 -39.22 -28.30
CA ILE D 248 -10.90 -40.25 -28.35
C ILE D 248 -11.96 -40.13 -27.25
N GLY D 249 -11.78 -39.21 -26.31
CA GLY D 249 -12.82 -39.01 -25.31
C GLY D 249 -13.05 -40.28 -24.51
N PHE D 250 -14.31 -40.66 -24.34
CA PHE D 250 -14.60 -41.89 -23.57
C PHE D 250 -14.68 -43.27 -24.32
N LYS D 251 -14.22 -43.27 -25.60
CA LYS D 251 -14.22 -44.52 -26.39
C LYS D 251 -13.31 -45.56 -25.77
N ARG D 252 -13.52 -46.84 -26.11
CA ARG D 252 -12.63 -47.95 -25.62
C ARG D 252 -11.27 -47.80 -26.35
N GLY D 253 -10.18 -48.23 -25.76
CA GLY D 253 -8.90 -48.10 -26.37
C GLY D 253 -8.73 -49.16 -27.45
N THR D 254 -7.88 -48.86 -28.43
CA THR D 254 -7.46 -49.90 -29.37
C THR D 254 -6.96 -51.19 -28.69
N GLY D 255 -6.27 -51.08 -27.55
CA GLY D 255 -5.82 -52.22 -26.75
C GLY D 255 -6.91 -52.96 -26.00
N GLY D 256 -8.15 -52.49 -26.09
CA GLY D 256 -9.19 -53.33 -25.45
C GLY D 256 -9.70 -52.92 -24.06
N SER D 257 -9.05 -51.94 -23.42
CA SER D 257 -9.54 -51.38 -22.15
C SER D 257 -10.67 -50.41 -22.32
N SER D 258 -11.29 -50.02 -21.21
CA SER D 258 -12.20 -48.92 -21.23
C SER D 258 -11.61 -47.54 -21.61
N GLY D 259 -10.27 -47.38 -21.61
CA GLY D 259 -9.59 -46.12 -22.05
C GLY D 259 -9.36 -45.24 -20.83
N VAL D 260 -9.95 -44.01 -20.79
CA VAL D 260 -9.79 -43.07 -19.63
C VAL D 260 -9.95 -43.68 -18.24
N GLY D 261 -11.03 -44.43 -18.01
CA GLY D 261 -11.25 -45.11 -16.73
C GLY D 261 -10.11 -45.99 -16.31
N PHE D 262 -9.56 -46.79 -17.22
CA PHE D 262 -8.42 -47.70 -16.90
C PHE D 262 -7.12 -46.97 -16.58
N LEU D 263 -6.84 -45.89 -17.28
CA LEU D 263 -5.68 -45.02 -17.06
C LEU D 263 -5.77 -44.29 -15.75
N GLN D 264 -7.00 -43.82 -15.43
CA GLN D 264 -7.37 -43.17 -14.15
C GLN D 264 -7.10 -44.15 -12.97
N GLN D 265 -7.25 -45.45 -13.17
CA GLN D 265 -6.91 -46.47 -12.16
C GLN D 265 -5.41 -46.55 -11.81
N ALA D 266 -4.51 -46.44 -12.83
CA ALA D 266 -3.01 -46.26 -12.64
C ALA D 266 -2.61 -44.97 -11.92
N LEU D 267 -3.32 -43.89 -12.24
CA LEU D 267 -3.13 -42.60 -11.55
C LEU D 267 -3.47 -42.64 -10.09
N ALA D 268 -4.31 -43.59 -9.61
CA ALA D 268 -4.65 -43.64 -8.20
C ALA D 268 -3.62 -44.52 -7.50
N LEU D 269 -2.73 -45.10 -8.23
CA LEU D 269 -1.69 -45.97 -7.65
C LEU D 269 -0.55 -45.14 -6.99
N THR D 270 0.16 -45.65 -5.98
CA THR D 270 1.28 -44.86 -5.45
C THR D 270 2.54 -45.75 -5.51
N PHE D 271 3.62 -45.21 -6.00
CA PHE D 271 4.90 -45.89 -6.06
C PHE D 271 5.49 -46.04 -4.66
N PHE D 272 5.52 -44.94 -3.91
CA PHE D 272 6.30 -44.92 -2.71
C PHE D 272 5.42 -44.52 -1.53
N PRO D 273 4.42 -45.39 -1.14
CA PRO D 273 3.34 -44.88 -0.24
C PRO D 273 3.78 -44.18 1.05
N GLU D 274 4.68 -44.83 1.74
CA GLU D 274 5.25 -44.39 2.97
C GLU D 274 5.83 -43.01 2.88
N LEU D 275 6.34 -42.55 1.75
CA LEU D 275 6.90 -41.19 1.68
C LEU D 275 5.81 -40.17 1.76
N PHE D 276 4.68 -40.50 1.15
CA PHE D 276 3.51 -39.60 1.16
C PHE D 276 2.75 -39.80 2.46
N ASP D 277 2.67 -41.03 2.93
CA ASP D 277 1.97 -41.24 4.18
C ASP D 277 2.57 -40.41 5.27
N VAL D 278 3.90 -40.37 5.35
CA VAL D 278 4.60 -39.63 6.38
C VAL D 278 4.26 -38.12 6.55
N ARG D 279 3.78 -37.41 5.51
CA ARG D 279 3.39 -36.00 5.62
C ARG D 279 2.38 -35.77 6.75
N THR D 280 1.66 -36.83 7.08
CA THR D 280 0.59 -36.79 8.09
C THR D 280 1.03 -36.51 9.50
N SER D 281 2.21 -37.00 9.87
CA SER D 281 2.74 -36.89 11.21
C SER D 281 4.02 -36.00 11.40
N VAL D 282 4.72 -35.68 10.33
CA VAL D 282 5.94 -34.89 10.50
C VAL D 282 5.70 -33.48 11.20
N GLY D 283 6.59 -33.10 12.14
CA GLY D 283 6.62 -31.77 12.80
C GLY D 283 5.53 -31.41 13.81
N THR E 23 21.30 18.37 33.58
CA THR E 23 20.20 19.28 34.10
C THR E 23 19.31 19.90 33.01
N TYR E 24 18.11 20.31 33.45
CA TYR E 24 17.07 20.96 32.61
C TYR E 24 17.50 22.31 31.97
N GLY E 25 17.98 23.25 32.77
CA GLY E 25 18.56 24.52 32.24
C GLY E 25 19.84 24.37 31.47
N GLY E 26 20.64 23.39 31.85
CA GLY E 26 21.83 23.01 31.08
C GLY E 26 21.49 22.55 29.66
N TYR E 27 20.61 21.54 29.53
CA TYR E 27 20.21 21.00 28.20
C TYR E 27 19.52 21.97 27.25
N LEU E 28 18.73 22.87 27.83
CA LEU E 28 17.96 23.92 27.07
C LEU E 28 18.69 25.24 26.94
N ARG E 29 19.92 25.29 27.45
CA ARG E 29 20.75 26.47 27.43
C ARG E 29 19.93 27.69 27.98
N LEU E 30 19.31 27.53 29.14
CA LEU E 30 18.51 28.66 29.64
C LEU E 30 19.36 29.88 30.05
N ASP E 31 20.57 29.70 30.58
CA ASP E 31 21.46 30.85 30.76
C ASP E 31 21.38 31.76 29.53
N GLN E 32 21.47 31.16 28.35
CA GLN E 32 21.48 31.82 27.01
C GLN E 32 20.13 32.37 26.51
N LEU E 33 19.10 31.53 26.55
CA LEU E 33 17.70 31.87 26.19
C LEU E 33 17.18 33.03 27.00
N LEU E 34 17.40 32.99 28.32
CA LEU E 34 16.68 33.86 29.23
C LEU E 34 17.49 35.08 29.58
N SER E 35 18.46 35.39 28.72
CA SER E 35 19.14 36.67 28.80
C SER E 35 19.14 37.39 27.44
N ALA E 36 18.26 36.90 26.55
CA ALA E 36 18.04 37.41 25.19
C ALA E 36 16.97 38.52 25.17
N GLN E 37 16.46 38.82 26.37
CA GLN E 37 15.40 39.80 26.56
C GLN E 37 16.05 41.03 27.07
N GLN E 38 16.11 42.04 26.20
CA GLN E 38 16.78 43.28 26.55
C GLN E 38 15.94 44.55 26.24
N PRO E 39 14.96 44.85 27.10
CA PRO E 39 14.20 46.09 26.86
C PRO E 39 15.14 47.35 26.67
N LEU E 40 14.70 48.31 25.84
CA LEU E 40 15.48 49.49 25.54
C LEU E 40 14.91 50.77 26.19
N SER E 41 13.64 50.78 26.59
CA SER E 41 13.09 51.95 27.27
C SER E 41 13.78 52.27 28.64
N GLU E 42 13.98 53.59 28.86
CA GLU E 42 14.44 54.15 30.14
C GLU E 42 13.51 55.34 30.52
N PRO E 43 12.82 55.27 31.70
CA PRO E 43 12.92 54.12 32.59
C PRO E 43 12.18 52.89 31.94
N ALA E 44 12.55 51.65 32.32
CA ALA E 44 11.81 50.42 31.91
C ALA E 44 10.25 50.56 31.85
N HIS E 45 9.64 50.25 30.71
CA HIS E 45 8.17 50.29 30.60
C HIS E 45 7.67 48.88 30.79
N HIS E 46 6.74 48.66 31.72
CA HIS E 46 6.14 47.32 32.00
C HIS E 46 5.90 46.46 30.77
N ASP E 47 5.36 47.07 29.72
CA ASP E 47 4.70 46.34 28.61
C ASP E 47 5.64 45.92 27.51
N GLU E 48 6.90 46.35 27.64
CA GLU E 48 7.90 45.97 26.67
C GLU E 48 8.39 44.51 26.83
N MET E 49 8.32 43.92 28.04
CA MET E 49 8.57 42.48 28.17
C MET E 49 7.61 41.60 27.31
N LEU E 50 6.29 41.83 27.47
CA LEU E 50 5.23 41.33 26.52
C LEU E 50 5.65 41.31 25.07
N PHE E 51 6.03 42.47 24.63
CA PHE E 51 6.37 42.70 23.28
C PHE E 51 7.53 41.82 22.73
N ILE E 52 8.60 41.79 23.50
CA ILE E 52 9.78 41.05 23.16
C ILE E 52 9.52 39.52 23.12
N ILE E 53 8.90 39.02 24.20
CA ILE E 53 8.67 37.64 24.39
C ILE E 53 7.61 37.10 23.42
N GLN E 54 6.58 37.89 23.11
CA GLN E 54 5.65 37.63 22.03
C GLN E 54 6.39 37.34 20.73
N ALA E 55 7.27 38.27 20.34
CA ALA E 55 7.96 38.11 19.09
C ALA E 55 8.91 36.92 19.17
N GLN E 56 9.59 36.74 20.28
CA GLN E 56 10.58 35.66 20.47
C GLN E 56 9.93 34.29 20.45
N THR E 57 8.77 34.15 21.08
CA THR E 57 8.14 32.82 21.06
C THR E 57 7.68 32.52 19.64
N SER E 58 7.22 33.54 18.88
CA SER E 58 6.91 33.32 17.40
C SER E 58 8.13 32.83 16.62
N GLU E 59 9.32 33.26 17.07
CA GLU E 59 10.54 32.99 16.34
C GLU E 59 10.97 31.59 16.63
N LEU E 60 10.82 31.16 17.87
CA LEU E 60 11.08 29.74 18.12
C LEU E 60 10.11 28.76 17.35
N TRP E 61 8.80 29.06 17.44
CA TRP E 61 7.82 28.36 16.64
C TRP E 61 8.13 28.38 15.16
N LEU E 62 8.55 29.50 14.63
CA LEU E 62 8.90 29.56 13.24
C LEU E 62 10.21 28.82 12.87
N LYS E 63 11.20 28.81 13.76
CA LYS E 63 12.28 27.90 13.54
C LYS E 63 11.82 26.43 13.57
N LEU E 64 10.97 26.01 14.52
CA LEU E 64 10.50 24.66 14.49
C LEU E 64 9.73 24.40 13.14
N LEU E 65 8.89 25.35 12.71
CA LEU E 65 8.07 25.20 11.52
C LEU E 65 8.96 24.98 10.28
N ALA E 66 10.15 25.59 10.21
CA ALA E 66 11.09 25.35 9.10
C ALA E 66 11.69 23.99 9.09
N HIS E 67 12.14 23.54 10.25
CA HIS E 67 12.71 22.23 10.49
C HIS E 67 11.75 21.11 10.01
N GLU E 68 10.46 21.19 10.33
CA GLU E 68 9.41 20.26 9.94
C GLU E 68 9.01 20.37 8.45
N LEU E 69 8.65 21.57 7.95
CA LEU E 69 8.45 21.80 6.49
C LEU E 69 9.61 21.28 5.58
N ARG E 70 10.89 21.40 6.01
CA ARG E 70 12.02 20.82 5.27
C ARG E 70 11.95 19.30 5.27
N ALA E 71 11.82 18.67 6.44
CA ALA E 71 11.59 17.20 6.48
C ALA E 71 10.33 16.74 5.69
N ALA E 72 9.23 17.48 5.78
CA ALA E 72 8.03 17.17 4.97
C ALA E 72 8.39 17.02 3.48
N ILE E 73 9.20 17.97 2.97
CA ILE E 73 9.62 18.03 1.60
C ILE E 73 10.48 16.87 1.13
N VAL E 74 11.45 16.49 1.94
CA VAL E 74 12.22 15.27 1.84
C VAL E 74 11.42 13.98 1.85
N HIS E 75 10.35 13.89 2.67
CA HIS E 75 9.44 12.72 2.59
C HIS E 75 8.65 12.78 1.28
N LEU E 76 8.09 13.91 0.91
CA LEU E 76 7.51 14.01 -0.44
C LEU E 76 8.46 13.66 -1.61
N GLN E 77 9.74 14.12 -1.60
CA GLN E 77 10.74 13.68 -2.56
C GLN E 77 10.97 12.15 -2.68
N ARG E 78 10.78 11.44 -1.58
CA ARG E 78 11.15 10.04 -1.42
C ARG E 78 9.84 9.19 -1.60
N ASP E 79 8.74 9.84 -1.94
CA ASP E 79 7.38 9.31 -2.16
C ASP E 79 6.81 8.75 -0.87
N GLU E 80 7.25 9.31 0.27
CA GLU E 80 6.84 8.83 1.60
C GLU E 80 5.63 9.57 2.10
N VAL E 81 4.45 9.17 1.58
CA VAL E 81 3.21 9.94 1.76
C VAL E 81 2.76 9.98 3.22
N TRP E 82 2.72 8.85 3.89
CA TRP E 82 2.14 8.86 5.22
C TRP E 82 3.06 9.60 6.18
N GLN E 83 4.36 9.55 5.99
CA GLN E 83 5.33 10.31 6.82
C GLN E 83 5.28 11.79 6.51
N CYS E 84 5.18 12.19 5.23
CA CYS E 84 4.90 13.58 4.88
C CYS E 84 3.61 14.11 5.57
N ARG E 85 2.50 13.36 5.45
CA ARG E 85 1.29 13.71 6.07
C ARG E 85 1.42 13.91 7.58
N LYS E 86 2.23 13.07 8.30
CA LYS E 86 2.44 13.20 9.77
C LYS E 86 3.29 14.47 10.15
N VAL E 87 4.24 14.80 9.29
CA VAL E 87 5.06 16.01 9.46
C VAL E 87 4.16 17.22 9.24
N LEU E 88 3.35 17.20 8.20
CA LEU E 88 2.41 18.24 7.90
C LEU E 88 1.38 18.46 9.03
N ALA E 89 0.93 17.36 9.65
CA ALA E 89 0.17 17.39 10.90
C ALA E 89 0.85 18.15 12.09
N ARG E 90 2.14 17.89 12.40
CA ARG E 90 2.77 18.67 13.42
C ARG E 90 2.84 20.14 12.93
N SER E 91 3.31 20.35 11.69
CA SER E 91 3.32 21.66 11.02
C SER E 91 2.06 22.47 11.17
N LYS E 92 0.89 21.87 10.97
CA LYS E 92 -0.37 22.59 11.20
C LYS E 92 -0.57 22.99 12.66
N GLN E 93 -0.06 22.20 13.58
CA GLN E 93 -0.24 22.44 14.99
C GLN E 93 0.68 23.63 15.44
N VAL E 94 1.88 23.72 14.86
CA VAL E 94 2.74 24.86 15.10
C VAL E 94 2.14 26.14 14.55
N LEU E 95 1.76 26.09 13.30
CA LEU E 95 0.94 27.18 12.75
C LEU E 95 -0.30 27.53 13.59
N ARG E 96 -0.91 26.54 14.25
CA ARG E 96 -2.01 26.82 15.15
C ARG E 96 -1.59 27.60 16.45
N GLN E 97 -0.41 27.25 17.01
CA GLN E 97 0.20 28.00 18.12
C GLN E 97 0.47 29.44 17.74
N LEU E 98 1.06 29.64 16.58
CA LEU E 98 1.37 30.96 16.01
C LEU E 98 0.19 31.90 15.89
N THR E 99 -0.91 31.38 15.34
CA THR E 99 -2.17 32.04 15.17
C THR E 99 -2.88 32.28 16.50
N GLU E 100 -2.86 31.32 17.42
CA GLU E 100 -3.48 31.44 18.74
C GLU E 100 -2.92 32.57 19.63
N GLN E 101 -1.62 32.78 19.53
CA GLN E 101 -0.91 33.53 20.55
C GLN E 101 -1.18 35.04 20.40
N TRP E 102 -1.74 35.46 19.24
CA TRP E 102 -2.29 36.81 19.09
C TRP E 102 -3.18 37.30 20.23
N SER E 103 -3.73 36.37 21.04
CA SER E 103 -4.63 36.79 22.12
C SER E 103 -3.94 37.37 23.31
N VAL E 104 -2.61 37.19 23.40
CA VAL E 104 -1.86 37.78 24.50
C VAL E 104 -1.69 39.37 24.21
N LEU E 105 -1.18 39.58 22.97
CA LEU E 105 -0.99 40.94 22.46
C LEU E 105 -2.34 41.77 22.32
N GLU E 106 -3.51 41.11 22.21
CA GLU E 106 -4.86 41.73 22.47
C GLU E 106 -4.89 42.63 23.72
N THR E 107 -4.16 42.26 24.77
CA THR E 107 -4.26 43.00 26.04
C THR E 107 -3.34 44.25 26.09
N LEU E 108 -2.69 44.55 24.96
CA LEU E 108 -1.80 45.67 24.80
C LEU E 108 -2.59 46.87 24.17
N THR E 109 -2.73 47.99 24.89
CA THR E 109 -3.51 49.14 24.37
C THR E 109 -2.67 50.16 23.55
N PRO E 110 -3.31 50.99 22.67
CA PRO E 110 -2.54 52.02 21.96
C PRO E 110 -1.74 52.94 22.93
N SER E 111 -2.41 53.52 23.94
CA SER E 111 -1.77 54.25 25.06
C SER E 111 -0.47 53.60 25.65
N GLU E 112 -0.58 52.31 26.01
CA GLU E 112 0.55 51.48 26.41
C GLU E 112 1.67 51.36 25.35
N TYR E 113 1.34 50.90 24.13
CA TYR E 113 2.34 50.89 23.02
C TYR E 113 3.05 52.30 22.80
N MET E 114 2.31 53.40 23.00
CA MET E 114 2.85 54.79 22.81
C MET E 114 4.07 55.10 23.76
N GLY E 115 4.21 54.35 24.87
CA GLY E 115 5.24 54.55 25.88
C GLY E 115 6.62 53.96 25.66
N PHE E 116 6.74 53.07 24.66
CA PHE E 116 8.00 52.41 24.21
C PHE E 116 8.15 52.21 22.66
N ARG E 117 7.08 52.39 21.87
CA ARG E 117 7.16 52.30 20.40
C ARG E 117 8.34 53.10 19.87
N ASP E 118 8.58 54.24 20.50
CA ASP E 118 9.74 55.12 20.24
C ASP E 118 11.14 54.41 20.19
N VAL E 119 11.38 53.45 21.09
CA VAL E 119 12.69 52.78 21.19
C VAL E 119 12.98 51.72 20.11
N LEU E 120 11.99 51.35 19.33
CA LEU E 120 12.24 50.40 18.24
C LEU E 120 12.85 51.33 17.20
N GLY E 121 13.44 50.84 16.15
CA GLY E 121 13.99 51.88 15.30
C GLY E 121 13.06 51.85 14.14
N PRO E 122 13.68 51.55 12.98
CA PRO E 122 13.11 51.01 11.79
C PRO E 122 12.79 49.48 12.00
N SER E 123 13.04 48.93 13.20
CA SER E 123 12.83 47.50 13.39
C SER E 123 11.35 47.13 13.15
N SER E 124 11.18 45.99 12.49
CA SER E 124 9.89 45.52 12.02
C SER E 124 9.97 44.00 11.76
N GLY E 125 8.91 43.27 12.17
CA GLY E 125 8.72 41.90 11.70
C GLY E 125 8.88 41.71 10.18
N PHE E 126 8.59 42.76 9.38
CA PHE E 126 9.03 42.77 7.97
C PHE E 126 10.47 42.27 7.72
N GLN E 127 11.33 42.42 8.71
CA GLN E 127 12.68 41.99 8.53
C GLN E 127 12.99 40.71 9.38
N SER E 128 11.91 39.92 9.54
CA SER E 128 12.04 38.56 10.08
C SER E 128 12.53 37.63 9.01
N LEU E 129 13.73 37.09 9.23
CA LEU E 129 14.32 36.11 8.34
C LEU E 129 13.58 34.76 8.31
N GLN E 130 13.23 34.29 9.48
CA GLN E 130 12.53 33.05 9.80
C GLN E 130 11.16 32.99 9.12
N TYR E 131 10.44 34.08 9.28
CA TYR E 131 9.19 34.28 8.60
C TYR E 131 9.41 34.24 7.09
N ARG E 132 10.38 35.01 6.58
CA ARG E 132 10.65 35.02 5.15
C ARG E 132 11.04 33.65 4.57
N TYR E 133 11.79 32.87 5.34
CA TYR E 133 12.07 31.47 5.04
C TYR E 133 10.80 30.67 4.88
N ILE E 134 9.80 30.91 5.75
CA ILE E 134 8.56 30.17 5.60
C ILE E 134 7.78 30.55 4.34
N GLU E 135 7.60 31.88 4.12
CA GLU E 135 6.94 32.37 2.91
C GLU E 135 7.51 31.76 1.60
N PHE E 136 8.85 31.70 1.51
CA PHE E 136 9.61 31.17 0.36
C PHE E 136 9.32 29.70 0.18
N LEU E 137 9.50 28.89 1.24
CA LEU E 137 9.25 27.44 1.18
C LEU E 137 7.86 27.05 0.77
N LEU E 138 6.86 27.84 1.16
CA LEU E 138 5.50 27.62 0.67
C LEU E 138 5.24 28.19 -0.74
N GLY E 139 6.13 29.07 -1.20
CA GLY E 139 6.18 29.39 -2.60
C GLY E 139 5.81 30.79 -2.89
N ASN E 140 5.63 31.60 -1.83
CA ASN E 140 5.55 33.06 -1.99
C ASN E 140 6.98 33.65 -2.25
N LYS E 141 7.49 33.50 -3.49
CA LYS E 141 8.96 33.91 -3.82
C LYS E 141 8.99 35.35 -4.21
N ASN E 142 9.93 36.06 -3.62
CA ASN E 142 10.17 37.45 -3.98
C ASN E 142 11.66 37.76 -3.89
N PRO E 143 12.37 37.66 -5.03
CA PRO E 143 13.79 38.03 -4.96
C PRO E 143 14.08 39.45 -4.45
N GLN E 144 13.11 40.39 -4.49
CA GLN E 144 13.26 41.75 -3.81
C GLN E 144 13.54 41.71 -2.31
N MET E 145 13.37 40.55 -1.68
CA MET E 145 13.45 40.45 -0.22
C MET E 145 14.88 40.27 0.23
N LEU E 146 15.70 39.69 -0.63
CA LEU E 146 17.12 39.44 -0.35
C LEU E 146 17.90 40.71 -0.02
N GLN E 147 17.42 41.87 -0.48
CA GLN E 147 18.15 43.13 -0.25
C GLN E 147 18.03 43.51 1.23
N VAL E 148 16.90 43.17 1.87
CA VAL E 148 16.67 43.49 3.31
C VAL E 148 17.64 42.71 4.24
N PHE E 149 18.18 41.60 3.78
CA PHE E 149 19.00 40.74 4.62
C PHE E 149 20.47 40.90 4.25
N ALA E 150 20.70 41.93 3.45
CA ALA E 150 22.03 42.28 2.97
C ALA E 150 23.08 42.50 4.08
N TYR E 151 22.73 43.20 5.17
CA TYR E 151 23.57 43.31 6.37
C TYR E 151 23.95 41.95 7.05
N ASP E 152 23.32 40.86 6.65
CA ASP E 152 23.72 39.57 7.23
C ASP E 152 23.73 38.47 6.13
N PRO E 153 24.96 38.24 5.59
CA PRO E 153 25.21 37.49 4.36
C PRO E 153 24.95 35.99 4.52
N ALA E 154 25.25 35.44 5.71
CA ALA E 154 24.92 34.07 6.12
C ALA E 154 23.42 33.91 6.00
N GLY E 155 22.65 34.71 6.72
CA GLY E 155 21.17 34.67 6.69
C GLY E 155 20.59 34.88 5.31
N GLN E 156 21.07 35.88 4.59
CA GLN E 156 20.66 36.12 3.21
C GLN E 156 20.94 34.88 2.28
N ALA E 157 22.05 34.17 2.58
CA ALA E 157 22.42 32.93 1.89
C ALA E 157 21.42 31.78 2.07
N ARG E 158 20.86 31.60 3.26
CA ARG E 158 19.96 30.47 3.39
C ARG E 158 18.56 30.91 3.03
N LEU E 159 18.36 32.21 2.85
CA LEU E 159 17.17 32.70 2.16
C LEU E 159 17.33 32.42 0.69
N ARG E 160 18.51 32.66 0.12
CA ARG E 160 18.67 32.48 -1.33
C ARG E 160 18.58 30.99 -1.78
N GLU E 161 19.02 30.10 -0.92
CA GLU E 161 18.97 28.73 -1.25
C GLU E 161 17.56 28.13 -1.27
N VAL E 162 16.67 28.66 -0.44
CA VAL E 162 15.25 28.33 -0.44
C VAL E 162 14.53 28.98 -1.61
N LEU E 163 15.00 30.16 -2.00
CA LEU E 163 14.44 30.89 -3.13
C LEU E 163 14.64 30.10 -4.35
N GLU E 164 15.78 29.40 -4.41
CA GLU E 164 16.18 28.66 -5.61
C GLU E 164 15.83 27.17 -5.70
N ALA E 165 15.26 26.55 -4.65
CA ALA E 165 14.76 25.16 -4.72
C ALA E 165 13.19 25.16 -4.96
N PRO E 166 12.63 24.03 -5.51
CA PRO E 166 11.20 24.00 -5.59
C PRO E 166 10.52 24.28 -4.22
N SER E 167 9.39 24.93 -4.27
CA SER E 167 8.63 25.07 -3.06
C SER E 167 7.96 23.74 -2.63
N LEU E 168 7.19 23.82 -1.54
CA LEU E 168 6.35 22.69 -1.13
C LEU E 168 5.27 22.37 -2.17
N TYR E 169 4.63 23.37 -2.74
CA TYR E 169 3.63 23.01 -3.72
C TYR E 169 4.19 22.38 -5.06
N GLU E 170 5.43 22.89 -5.53
CA GLU E 170 6.10 22.28 -6.60
C GLU E 170 6.68 20.95 -6.31
N GLU E 171 7.13 20.73 -5.08
CA GLU E 171 7.53 19.34 -4.67
C GLU E 171 6.32 18.34 -4.76
N PHE E 172 5.17 18.80 -4.33
CA PHE E 172 3.88 18.15 -4.66
C PHE E 172 3.61 17.89 -6.14
N LEU E 173 3.78 18.88 -7.04
CA LEU E 173 3.44 18.71 -8.44
C LEU E 173 4.37 17.72 -9.11
N ARG E 174 5.60 17.65 -8.58
CA ARG E 174 6.64 16.74 -9.07
C ARG E 174 6.42 15.26 -8.61
N TYR E 175 6.01 15.16 -7.42
CA TYR E 175 5.33 13.89 -6.85
C TYR E 175 4.16 13.43 -7.75
N LEU E 176 3.28 14.33 -8.12
CA LEU E 176 2.23 13.88 -9.08
C LEU E 176 2.69 13.45 -10.44
N ALA E 177 3.72 14.12 -10.98
CA ALA E 177 4.44 13.66 -12.23
C ALA E 177 5.05 12.25 -12.16
N ARG E 178 5.79 11.97 -11.09
CA ARG E 178 6.34 10.65 -10.77
C ARG E 178 5.45 9.44 -10.84
N PHE E 179 4.14 9.72 -10.70
CA PHE E 179 3.01 8.79 -10.55
C PHE E 179 2.01 8.97 -11.71
N GLY E 180 2.46 9.63 -12.77
CA GLY E 180 1.80 9.62 -14.04
C GLY E 180 0.57 10.49 -14.13
N HIS E 181 0.49 11.48 -13.25
CA HIS E 181 -0.38 12.62 -13.50
C HIS E 181 0.20 13.52 -14.62
N ALA E 182 -0.70 14.17 -15.34
CA ALA E 182 -0.43 15.00 -16.50
C ALA E 182 0.13 16.40 -16.16
N ILE E 183 1.32 16.43 -15.57
CA ILE E 183 2.01 17.63 -15.09
C ILE E 183 2.90 18.15 -16.27
N PRO E 184 2.64 19.41 -16.75
CA PRO E 184 3.43 20.07 -17.84
C PRO E 184 4.95 19.80 -17.65
N GLN E 185 5.65 19.65 -18.76
CA GLN E 185 7.10 19.49 -18.79
C GLN E 185 7.91 20.54 -17.97
N GLN E 186 7.41 21.76 -17.89
CA GLN E 186 8.20 22.84 -17.28
C GLN E 186 8.44 22.57 -15.80
N TYR E 187 7.62 21.72 -15.17
CA TYR E 187 7.76 21.43 -13.71
C TYR E 187 8.91 20.57 -13.40
N GLN E 188 9.52 19.98 -14.45
CA GLN E 188 10.73 19.20 -14.32
C GLN E 188 12.04 19.99 -14.11
N ALA E 189 12.20 21.10 -14.80
CA ALA E 189 13.29 22.06 -14.52
C ALA E 189 12.76 23.39 -14.90
N ARG E 190 12.77 24.33 -13.97
CA ARG E 190 12.50 25.71 -14.25
C ARG E 190 13.32 26.57 -13.30
N ASP E 191 13.25 27.90 -13.47
CA ASP E 191 13.78 28.83 -12.50
C ASP E 191 12.78 28.98 -11.30
N TRP E 192 13.17 28.31 -10.22
CA TRP E 192 12.33 28.18 -9.03
C TRP E 192 12.21 29.49 -8.23
N THR E 193 13.07 30.47 -8.52
CA THR E 193 13.07 31.78 -7.79
C THR E 193 11.87 32.61 -8.17
N ALA E 194 11.34 32.36 -9.35
CA ALA E 194 10.13 33.00 -9.79
C ALA E 194 8.88 32.36 -9.20
N ALA E 195 8.08 33.15 -8.51
CA ALA E 195 6.93 32.67 -7.82
C ALA E 195 5.89 32.13 -8.80
N HIS E 196 5.25 31.08 -8.32
CA HIS E 196 4.53 30.19 -9.21
C HIS E 196 3.35 31.00 -9.70
N VAL E 197 3.06 31.01 -11.00
CA VAL E 197 1.74 31.52 -11.44
C VAL E 197 0.76 30.43 -11.77
N ALA E 198 -0.52 30.74 -11.50
CA ALA E 198 -1.68 29.89 -11.83
C ALA E 198 -1.65 29.39 -13.27
N ASP E 199 -1.82 28.08 -13.40
CA ASP E 199 -1.53 27.31 -14.59
C ASP E 199 -2.83 26.53 -14.82
N ASP E 200 -3.70 26.98 -15.75
CA ASP E 200 -4.97 26.26 -15.98
C ASP E 200 -4.85 24.87 -16.68
N THR E 201 -3.64 24.45 -17.07
CA THR E 201 -3.47 23.08 -17.53
C THR E 201 -3.48 22.10 -16.31
N LEU E 202 -3.37 22.64 -15.08
CA LEU E 202 -3.44 21.84 -13.86
C LEU E 202 -4.83 21.48 -13.35
N ARG E 203 -5.85 22.27 -13.74
CA ARG E 203 -7.25 21.99 -13.43
C ARG E 203 -7.75 20.51 -13.67
N PRO E 204 -7.52 19.88 -14.89
CA PRO E 204 -7.90 18.47 -15.12
C PRO E 204 -7.18 17.43 -14.26
N VAL E 205 -5.94 17.71 -13.86
CA VAL E 205 -5.23 16.93 -12.93
C VAL E 205 -6.01 16.94 -11.63
N PHE E 206 -6.34 18.13 -11.14
CA PHE E 206 -6.99 18.21 -9.85
C PHE E 206 -8.45 17.74 -9.92
N GLU E 207 -9.14 17.96 -11.04
CA GLU E 207 -10.43 17.31 -11.20
C GLU E 207 -10.33 15.80 -11.15
N ARG E 208 -9.40 15.19 -11.87
CA ARG E 208 -9.36 13.72 -11.94
C ARG E 208 -9.18 13.14 -10.53
N ILE E 209 -8.35 13.78 -9.67
CA ILE E 209 -8.11 13.44 -8.25
C ILE E 209 -9.37 13.62 -7.34
N TYR E 210 -10.02 14.79 -7.44
CA TYR E 210 -11.23 15.06 -6.64
C TYR E 210 -12.46 14.26 -7.13
N GLU E 211 -12.49 13.86 -8.41
CA GLU E 211 -13.59 13.05 -8.99
C GLU E 211 -13.49 11.51 -8.71
N ASN E 212 -12.30 11.04 -8.35
CA ASN E 212 -12.09 9.64 -7.98
C ASN E 212 -11.20 9.49 -6.72
N THR E 213 -11.72 9.93 -5.60
CA THR E 213 -10.92 9.98 -4.34
C THR E 213 -10.48 8.57 -3.76
N ASP E 214 -11.31 7.63 -4.24
CA ASP E 214 -11.04 6.23 -3.95
C ASP E 214 -9.74 5.70 -4.60
N ARG E 215 -9.57 5.99 -5.88
CA ARG E 215 -8.35 5.66 -6.60
C ARG E 215 -7.16 6.54 -6.19
N TYR E 216 -7.38 7.82 -5.95
CA TYR E 216 -6.31 8.80 -5.75
C TYR E 216 -6.36 9.36 -4.34
N TRP E 217 -6.62 8.48 -3.39
CA TRP E 217 -6.78 8.87 -2.00
C TRP E 217 -5.51 9.55 -1.49
N ARG E 218 -4.32 9.07 -1.87
CA ARG E 218 -3.04 9.69 -1.51
C ARG E 218 -2.87 11.14 -1.99
N GLU E 219 -3.15 11.35 -3.27
CA GLU E 219 -3.19 12.68 -3.84
C GLU E 219 -4.25 13.54 -3.16
N TYR E 220 -5.43 12.95 -2.87
CA TYR E 220 -6.54 13.56 -2.20
C TYR E 220 -6.24 14.07 -0.79
N SER E 221 -5.69 13.18 0.05
CA SER E 221 -5.16 13.50 1.38
C SER E 221 -4.19 14.67 1.35
N LEU E 222 -3.21 14.62 0.44
CA LEU E 222 -2.17 15.68 0.30
C LEU E 222 -2.68 16.99 -0.25
N CYS E 223 -3.58 17.00 -1.25
CA CYS E 223 -4.25 18.26 -1.62
C CYS E 223 -4.97 18.93 -0.45
N GLU E 224 -5.76 18.17 0.34
CA GLU E 224 -6.44 18.71 1.50
C GLU E 224 -5.48 19.23 2.64
N ASP E 225 -4.35 18.58 2.87
CA ASP E 225 -3.40 19.11 3.85
C ASP E 225 -2.73 20.44 3.48
N LEU E 226 -2.45 20.60 2.20
CA LEU E 226 -1.96 21.86 1.64
C LEU E 226 -2.99 22.98 1.72
N VAL E 227 -4.24 22.70 1.34
CA VAL E 227 -5.33 23.68 1.61
C VAL E 227 -5.41 24.05 3.13
N ASP E 228 -5.27 23.07 4.02
CA ASP E 228 -5.24 23.32 5.47
C ASP E 228 -4.07 24.24 5.91
N VAL E 229 -2.87 23.94 5.41
CA VAL E 229 -1.65 24.73 5.68
C VAL E 229 -1.85 26.15 5.18
N GLU E 230 -2.24 26.30 3.93
CA GLU E 230 -2.58 27.62 3.44
C GLU E 230 -3.67 28.38 4.28
N THR E 231 -4.76 27.71 4.64
CA THR E 231 -5.82 28.42 5.44
C THR E 231 -5.30 28.93 6.77
N GLN E 232 -4.48 28.13 7.41
CA GLN E 232 -3.95 28.45 8.68
C GLN E 232 -2.93 29.62 8.63
N PHE E 233 -2.07 29.62 7.60
CA PHE E 233 -1.13 30.72 7.38
C PHE E 233 -1.85 32.08 7.15
N GLN E 234 -2.85 32.08 6.28
CA GLN E 234 -3.75 33.24 6.08
C GLN E 234 -4.43 33.73 7.36
N LEU E 235 -4.87 32.80 8.19
CA LEU E 235 -5.44 33.18 9.45
C LEU E 235 -4.39 33.89 10.30
N TRP E 236 -3.13 33.42 10.27
CA TRP E 236 -2.05 34.06 11.02
C TRP E 236 -1.86 35.51 10.57
N ARG E 237 -1.79 35.70 9.24
CA ARG E 237 -1.87 37.02 8.50
C ARG E 237 -3.01 37.90 8.91
N PHE E 238 -4.24 37.38 8.90
CA PHE E 238 -5.38 38.12 9.35
C PHE E 238 -5.38 38.62 10.85
N ARG E 239 -5.00 37.73 11.77
CA ARG E 239 -5.01 37.91 13.20
C ARG E 239 -3.96 38.92 13.52
N HIS E 240 -2.82 38.79 12.86
CA HIS E 240 -1.77 39.82 12.93
C HIS E 240 -2.16 41.27 12.46
N MET E 241 -2.73 41.32 11.24
CA MET E 241 -3.39 42.48 10.64
C MET E 241 -4.43 43.18 11.58
N ARG E 242 -5.32 42.38 12.16
CA ARG E 242 -6.26 42.92 13.15
C ARG E 242 -5.61 43.47 14.42
N THR E 243 -4.46 42.87 14.79
CA THR E 243 -3.73 43.33 15.97
C THR E 243 -2.98 44.63 15.74
N VAL E 244 -2.36 44.74 14.56
CA VAL E 244 -1.89 46.00 14.01
C VAL E 244 -2.95 47.12 14.07
N MET E 245 -4.12 46.88 13.45
CA MET E 245 -5.28 47.76 13.50
C MET E 245 -5.67 48.26 14.92
N ARG E 246 -5.86 47.37 15.90
CA ARG E 246 -6.17 47.78 17.27
C ARG E 246 -4.98 48.42 18.04
N VAL E 247 -3.76 48.21 17.59
CA VAL E 247 -2.56 48.75 18.27
C VAL E 247 -2.06 50.08 17.64
N ILE E 248 -1.82 50.14 16.34
CA ILE E 248 -1.40 51.36 15.68
C ILE E 248 -2.43 51.94 14.70
N GLY E 249 -3.59 51.31 14.55
CA GLY E 249 -4.64 51.81 13.65
C GLY E 249 -4.08 51.81 12.25
N PHE E 250 -4.33 52.91 11.55
CA PHE E 250 -3.83 53.12 10.19
C PHE E 250 -2.48 53.86 10.05
N LYS E 251 -1.72 54.01 11.15
CA LYS E 251 -0.38 54.57 11.11
C LYS E 251 0.57 53.76 10.23
N ARG E 252 1.52 54.49 9.63
CA ARG E 252 2.61 53.90 8.84
C ARG E 252 3.57 53.11 9.73
N GLY E 253 4.21 52.09 9.18
CA GLY E 253 4.90 51.13 10.05
C GLY E 253 6.28 51.58 10.39
N THR E 254 6.90 50.96 11.40
CA THR E 254 8.25 51.31 11.77
C THR E 254 9.19 50.91 10.65
N GLY E 255 8.85 49.82 9.95
CA GLY E 255 9.68 49.31 8.86
C GLY E 255 9.58 50.11 7.58
N GLY E 256 8.81 51.21 7.60
CA GLY E 256 8.71 52.12 6.47
C GLY E 256 7.45 51.97 5.62
N SER E 257 6.67 50.92 5.84
CA SER E 257 5.48 50.69 4.99
C SER E 257 4.28 51.40 5.53
N SER E 258 3.23 51.39 4.72
CA SER E 258 1.93 51.96 4.94
C SER E 258 1.07 51.27 6.05
N GLY E 259 1.60 50.21 6.67
CA GLY E 259 0.99 49.46 7.74
C GLY E 259 -0.07 48.47 7.28
N VAL E 260 -1.31 48.66 7.75
CA VAL E 260 -2.35 47.68 7.41
C VAL E 260 -2.61 47.39 5.89
N GLY E 261 -2.83 48.42 5.05
CA GLY E 261 -2.92 48.20 3.59
C GLY E 261 -1.77 47.40 2.95
N PHE E 262 -0.51 47.54 3.40
CA PHE E 262 0.61 46.65 2.95
C PHE E 262 0.42 45.17 3.39
N LEU E 263 -0.05 44.96 4.63
CA LEU E 263 -0.46 43.65 5.11
C LEU E 263 -1.73 43.08 4.41
N GLN E 264 -2.74 43.92 4.08
CA GLN E 264 -3.92 43.49 3.23
C GLN E 264 -3.46 42.85 1.90
N GLN E 265 -2.31 43.31 1.35
CA GLN E 265 -1.72 42.83 0.10
C GLN E 265 -1.22 41.40 0.12
N ALA E 266 -0.50 41.02 1.18
CA ALA E 266 -0.06 39.62 1.34
C ALA E 266 -1.30 38.72 1.59
N LEU E 267 -2.23 39.23 2.39
CA LEU E 267 -3.52 38.59 2.52
C LEU E 267 -4.21 38.34 1.15
N ALA E 268 -3.85 39.02 0.09
CA ALA E 268 -4.68 38.93 -1.10
C ALA E 268 -4.15 37.91 -2.09
N LEU E 269 -2.93 37.42 -1.78
CA LEU E 269 -2.29 36.35 -2.53
C LEU E 269 -2.57 34.93 -2.03
N THR E 270 -2.22 33.96 -2.87
CA THR E 270 -2.60 32.54 -2.69
C THR E 270 -1.29 31.78 -2.88
N PHE E 271 -1.07 30.70 -2.13
CA PHE E 271 0.13 29.90 -2.34
C PHE E 271 -0.18 28.86 -3.45
N PHE E 272 -1.33 28.19 -3.33
CA PHE E 272 -1.64 26.92 -4.08
C PHE E 272 -2.87 27.16 -4.94
N PRO E 273 -2.81 28.13 -5.91
CA PRO E 273 -4.03 28.67 -6.48
C PRO E 273 -4.92 27.67 -7.24
N GLU E 274 -4.34 26.63 -7.86
CA GLU E 274 -5.14 25.75 -8.66
C GLU E 274 -5.88 24.81 -7.70
N LEU E 275 -5.31 24.53 -6.49
CA LEU E 275 -6.07 23.78 -5.45
C LEU E 275 -7.42 24.47 -5.14
N PHE E 276 -7.40 25.79 -4.97
CA PHE E 276 -8.57 26.55 -4.63
C PHE E 276 -9.48 26.82 -5.95
N ASP E 277 -8.87 27.01 -7.14
CA ASP E 277 -9.61 27.15 -8.44
C ASP E 277 -10.39 25.93 -8.84
N VAL E 278 -9.98 24.73 -8.41
CA VAL E 278 -10.64 23.53 -8.85
C VAL E 278 -12.03 23.40 -8.22
N ARG E 279 -12.31 24.23 -7.20
CA ARG E 279 -13.59 24.12 -6.46
C ARG E 279 -14.78 24.59 -7.34
N THR E 280 -14.51 25.41 -8.33
CA THR E 280 -15.62 25.77 -9.21
C THR E 280 -15.91 24.70 -10.29
N SER E 281 -15.09 23.66 -10.47
CA SER E 281 -15.45 22.67 -11.48
C SER E 281 -15.50 21.21 -11.06
N VAL E 282 -15.17 20.89 -9.80
CA VAL E 282 -15.36 19.51 -9.27
C VAL E 282 -16.85 19.22 -9.09
N THR F 23 17.56 47.04 14.00
CA THR F 23 16.90 45.88 13.22
C THR F 23 16.11 44.92 14.11
N TYR F 24 15.13 44.26 13.53
CA TYR F 24 14.35 43.25 14.30
C TYR F 24 15.22 42.17 15.05
N GLY F 25 16.11 41.53 14.28
CA GLY F 25 16.97 40.46 14.79
C GLY F 25 17.83 41.02 15.90
N GLY F 26 18.28 42.28 15.70
CA GLY F 26 19.03 43.06 16.69
C GLY F 26 18.31 43.33 18.01
N TYR F 27 17.17 43.95 17.93
CA TYR F 27 16.38 44.29 19.10
C TYR F 27 16.08 43.06 19.90
N LEU F 28 15.80 41.95 19.16
CA LEU F 28 15.30 40.71 19.72
C LEU F 28 16.37 39.74 20.13
N ARG F 29 17.64 40.17 20.06
CA ARG F 29 18.80 39.30 20.32
C ARG F 29 18.63 37.88 19.72
N LEU F 30 18.17 37.82 18.48
CA LEU F 30 17.87 36.56 17.80
C LEU F 30 19.12 35.77 17.47
N ASP F 31 20.25 36.43 17.25
CA ASP F 31 21.52 35.66 17.22
C ASP F 31 21.77 34.78 18.50
N GLN F 32 21.37 35.28 19.64
CA GLN F 32 21.63 34.57 20.85
C GLN F 32 20.53 33.59 21.09
N LEU F 33 19.29 34.07 20.95
CA LEU F 33 18.06 33.25 21.10
C LEU F 33 18.03 32.01 20.21
N LEU F 34 18.37 32.20 18.93
CA LEU F 34 18.33 31.11 17.93
C LEU F 34 19.66 30.35 17.82
N SER F 35 20.58 30.65 18.73
CA SER F 35 21.65 29.76 18.89
C SER F 35 21.58 28.87 20.13
N ALA F 36 20.47 28.92 20.90
CA ALA F 36 20.30 28.13 22.16
C ALA F 36 19.63 26.69 22.01
N GLN F 37 19.46 26.21 20.77
CA GLN F 37 18.82 24.93 20.48
C GLN F 37 19.96 24.05 20.05
N GLN F 38 20.42 23.22 20.98
CA GLN F 38 21.62 22.45 20.80
C GLN F 38 21.24 21.01 21.17
N PRO F 39 20.57 20.30 20.20
CA PRO F 39 20.17 18.89 20.34
C PRO F 39 21.37 17.97 20.59
N LEU F 40 21.17 16.97 21.46
CA LEU F 40 22.26 16.11 21.81
C LEU F 40 22.39 14.77 21.06
N SER F 41 21.34 14.28 20.41
CA SER F 41 21.33 12.93 19.87
C SER F 41 22.35 12.82 18.73
N GLU F 42 22.90 11.60 18.54
CA GLU F 42 23.86 11.24 17.44
C GLU F 42 23.60 9.88 16.78
N PRO F 43 23.30 9.86 15.46
CA PRO F 43 23.01 10.99 14.55
C PRO F 43 21.86 11.90 15.13
N ALA F 44 21.74 13.10 14.62
CA ALA F 44 20.60 13.94 14.95
C ALA F 44 19.29 13.13 14.75
N HIS F 45 18.40 13.26 15.71
CA HIS F 45 17.08 12.64 15.65
C HIS F 45 16.13 13.79 15.30
N HIS F 46 15.30 13.61 14.24
CA HIS F 46 14.28 14.63 13.84
C HIS F 46 13.39 15.23 14.99
N ASP F 47 13.00 14.39 15.95
CA ASP F 47 12.04 14.87 16.93
C ASP F 47 12.66 15.65 18.10
N GLU F 48 13.99 15.66 18.18
CA GLU F 48 14.68 16.35 19.19
C GLU F 48 14.43 17.90 19.22
N MET F 49 14.46 18.56 18.07
CA MET F 49 14.11 19.93 17.94
C MET F 49 12.72 20.27 18.46
N LEU F 50 11.71 19.43 18.22
CA LEU F 50 10.38 19.79 18.73
C LEU F 50 10.45 19.93 20.23
N PHE F 51 11.01 18.92 20.86
CA PHE F 51 11.23 18.86 22.28
C PHE F 51 12.01 20.06 22.84
N ILE F 52 13.20 20.34 22.32
CA ILE F 52 13.86 21.60 22.73
C ILE F 52 12.89 22.81 22.66
N ILE F 53 12.30 23.11 21.48
CA ILE F 53 11.44 24.34 21.23
C ILE F 53 10.18 24.48 22.08
N GLN F 54 9.54 23.35 22.33
CA GLN F 54 8.33 23.23 23.18
C GLN F 54 8.59 23.74 24.62
N ALA F 55 9.74 23.29 25.17
CA ALA F 55 10.07 23.68 26.53
C ALA F 55 10.68 25.08 26.56
N GLN F 56 11.40 25.43 25.51
CA GLN F 56 11.89 26.82 25.37
C GLN F 56 10.82 27.89 25.26
N THR F 57 9.76 27.66 24.48
CA THR F 57 8.70 28.62 24.38
C THR F 57 7.93 28.70 25.70
N SER F 58 7.65 27.54 26.35
CA SER F 58 7.12 27.50 27.71
C SER F 58 7.93 28.34 28.67
N GLU F 59 9.26 28.18 28.64
CA GLU F 59 10.14 28.99 29.49
C GLU F 59 9.99 30.52 29.23
N LEU F 60 9.95 30.93 27.96
CA LEU F 60 9.71 32.34 27.66
C LEU F 60 8.37 32.80 28.21
N TRP F 61 7.33 31.97 28.05
CA TRP F 61 6.00 32.35 28.55
C TRP F 61 5.98 32.47 30.09
N LEU F 62 6.64 31.52 30.74
CA LEU F 62 6.84 31.52 32.20
C LEU F 62 7.55 32.75 32.72
N LYS F 63 8.65 33.16 32.05
CA LYS F 63 9.27 34.47 32.26
C LYS F 63 8.30 35.64 32.22
N LEU F 64 7.59 35.87 31.10
CA LEU F 64 6.58 36.90 31.06
C LEU F 64 5.51 36.72 32.16
N LEU F 65 5.19 35.49 32.53
CA LEU F 65 4.20 35.27 33.53
C LEU F 65 4.67 35.82 34.90
N ALA F 66 5.90 35.55 35.32
CA ALA F 66 6.42 36.10 36.57
C ALA F 66 6.38 37.60 36.52
N HIS F 67 6.78 38.15 35.34
CA HIS F 67 6.89 39.59 35.12
C HIS F 67 5.50 40.21 35.36
N GLU F 68 4.45 39.59 34.80
CA GLU F 68 3.08 40.06 35.03
C GLU F 68 2.60 39.82 36.52
N LEU F 69 2.69 38.57 37.02
CA LEU F 69 2.35 38.29 38.46
C LEU F 69 3.03 39.15 39.51
N ARG F 70 4.24 39.64 39.23
CA ARG F 70 4.96 40.55 40.18
C ARG F 70 4.33 41.94 40.15
N ALA F 71 3.99 42.41 38.96
CA ALA F 71 3.20 43.64 38.73
C ALA F 71 1.76 43.62 39.33
N ALA F 72 1.01 42.55 39.14
CA ALA F 72 -0.29 42.40 39.77
C ALA F 72 -0.22 42.63 41.28
N ILE F 73 0.80 42.05 41.91
CA ILE F 73 1.05 42.17 43.35
C ILE F 73 1.38 43.59 43.79
N VAL F 74 2.19 44.33 43.00
CA VAL F 74 2.45 45.76 43.24
C VAL F 74 1.15 46.57 43.18
N HIS F 75 0.41 46.48 42.07
CA HIS F 75 -0.95 47.09 42.01
C HIS F 75 -1.88 46.78 43.23
N LEU F 76 -1.86 45.55 43.75
CA LEU F 76 -2.68 45.19 44.89
C LEU F 76 -2.22 45.77 46.21
N GLN F 77 -0.88 45.81 46.43
CA GLN F 77 -0.31 46.49 47.62
C GLN F 77 -0.70 47.98 47.66
N ARG F 78 -1.03 48.55 46.50
CA ARG F 78 -1.36 49.97 46.34
C ARG F 78 -2.86 50.21 46.22
N ASP F 79 -3.65 49.22 46.62
CA ASP F 79 -5.13 49.21 46.39
C ASP F 79 -5.62 49.55 44.95
N GLU F 80 -4.86 49.10 43.96
CA GLU F 80 -5.01 49.49 42.56
C GLU F 80 -5.68 48.39 41.74
N VAL F 81 -7.01 48.38 41.77
CA VAL F 81 -7.80 47.23 41.45
C VAL F 81 -8.03 47.10 39.99
N TRP F 82 -8.51 48.17 39.31
CA TRP F 82 -8.71 48.07 37.89
C TRP F 82 -7.38 47.65 37.20
N GLN F 83 -6.26 48.16 37.70
CA GLN F 83 -4.96 47.90 37.05
C GLN F 83 -4.55 46.43 37.32
N CYS F 84 -4.72 45.97 38.58
CA CYS F 84 -4.59 44.50 38.92
C CYS F 84 -5.32 43.52 37.97
N ARG F 85 -6.60 43.79 37.69
CA ARG F 85 -7.42 42.93 36.86
C ARG F 85 -6.95 42.89 35.43
N LYS F 86 -6.66 44.06 34.84
CA LYS F 86 -5.91 44.20 33.58
C LYS F 86 -4.64 43.33 33.49
N VAL F 87 -3.80 43.30 34.53
CA VAL F 87 -2.68 42.43 34.33
C VAL F 87 -3.02 40.97 34.61
N LEU F 88 -3.94 40.72 35.54
CA LEU F 88 -4.46 39.37 35.69
C LEU F 88 -5.15 38.88 34.41
N ALA F 89 -5.77 39.75 33.64
CA ALA F 89 -6.27 39.33 32.35
C ALA F 89 -5.14 38.91 31.41
N ARG F 90 -4.03 39.65 31.33
CA ARG F 90 -2.84 39.19 30.53
C ARG F 90 -2.16 37.90 31.07
N SER F 91 -2.09 37.77 32.39
CA SER F 91 -1.58 36.56 33.05
C SER F 91 -2.34 35.29 32.68
N LYS F 92 -3.67 35.41 32.56
CA LYS F 92 -4.56 34.40 32.07
C LYS F 92 -4.41 34.06 30.62
N GLN F 93 -4.27 35.06 29.75
CA GLN F 93 -3.94 34.85 28.38
C GLN F 93 -2.62 34.08 28.19
N VAL F 94 -1.60 34.35 29.02
CA VAL F 94 -0.32 33.64 29.01
C VAL F 94 -0.50 32.18 29.38
N LEU F 95 -1.21 31.91 30.47
CA LEU F 95 -1.42 30.55 30.98
C LEU F 95 -2.25 29.76 29.98
N ARG F 96 -3.12 30.49 29.25
CA ARG F 96 -3.86 29.92 28.10
C ARG F 96 -2.92 29.49 26.94
N GLN F 97 -1.90 30.31 26.60
CA GLN F 97 -0.81 29.84 25.68
C GLN F 97 -0.03 28.62 26.17
N LEU F 98 0.55 28.70 27.39
CA LEU F 98 1.14 27.51 28.05
C LEU F 98 0.39 26.12 27.88
N THR F 99 -0.94 26.21 27.93
CA THR F 99 -1.85 25.08 28.01
C THR F 99 -2.15 24.56 26.57
N GLU F 100 -2.38 25.50 25.66
CA GLU F 100 -2.80 25.29 24.30
C GLU F 100 -1.63 24.62 23.48
N GLN F 101 -0.37 24.95 23.84
CA GLN F 101 0.76 24.34 23.20
C GLN F 101 0.97 22.83 23.40
N TRP F 102 0.38 22.22 24.44
CA TRP F 102 0.35 20.74 24.51
C TRP F 102 -0.14 20.03 23.25
N SER F 103 -1.11 20.60 22.52
CA SER F 103 -1.55 20.00 21.27
C SER F 103 -0.37 19.75 20.24
N VAL F 104 0.76 20.43 20.38
CA VAL F 104 1.86 20.31 19.40
C VAL F 104 2.57 18.98 19.70
N LEU F 105 2.73 18.78 20.99
CA LEU F 105 3.46 17.69 21.57
C LEU F 105 2.63 16.44 21.64
N GLU F 106 1.36 16.56 21.31
CA GLU F 106 0.53 15.36 21.10
C GLU F 106 0.89 14.61 19.82
N THR F 107 1.63 15.28 18.94
CA THR F 107 2.19 14.66 17.68
C THR F 107 3.53 13.90 17.88
N LEU F 108 4.10 13.96 19.08
CA LEU F 108 5.19 13.13 19.51
C LEU F 108 4.66 11.73 19.96
N THR F 109 5.23 10.67 19.37
CA THR F 109 4.81 9.31 19.66
C THR F 109 5.87 8.64 20.54
N PRO F 110 5.47 7.59 21.28
CA PRO F 110 6.48 6.90 22.10
C PRO F 110 7.67 6.25 21.30
N SER F 111 7.43 5.86 20.06
CA SER F 111 8.51 5.28 19.31
C SER F 111 9.44 6.40 18.78
N GLU F 112 8.95 7.61 18.45
CA GLU F 112 9.90 8.75 18.29
C GLU F 112 10.75 9.10 19.55
N TYR F 113 10.11 9.21 20.72
CA TYR F 113 10.80 9.61 21.96
C TYR F 113 11.90 8.65 22.48
N MET F 114 11.70 7.38 22.22
CA MET F 114 12.72 6.44 22.59
C MET F 114 13.97 6.59 21.69
N GLY F 115 13.87 7.30 20.57
CA GLY F 115 15.03 7.73 19.80
C GLY F 115 16.08 8.54 20.52
N PHE F 116 15.66 9.42 21.44
CA PHE F 116 16.55 10.39 22.04
C PHE F 116 16.42 10.53 23.61
N ARG F 117 15.37 9.98 24.21
CA ARG F 117 15.15 10.11 25.66
C ARG F 117 16.36 9.84 26.54
N ASP F 118 17.17 8.87 26.11
CA ASP F 118 18.43 8.54 26.77
C ASP F 118 19.51 9.66 26.82
N VAL F 119 19.62 10.51 25.78
CA VAL F 119 20.54 11.68 25.86
C VAL F 119 20.24 12.77 26.93
N LEU F 120 19.02 12.80 27.50
CA LEU F 120 18.60 13.85 28.48
C LEU F 120 19.17 13.63 29.91
N GLY F 121 19.75 12.45 30.16
CA GLY F 121 20.22 12.12 31.50
C GLY F 121 19.06 12.33 32.48
N PRO F 122 19.36 12.92 33.69
CA PRO F 122 18.37 13.21 34.75
C PRO F 122 17.67 14.59 34.61
N SER F 123 17.71 15.20 33.43
CA SER F 123 17.09 16.48 33.19
C SER F 123 15.55 16.43 33.02
N SER F 124 14.85 17.33 33.72
CA SER F 124 13.37 17.38 33.78
C SER F 124 12.88 18.78 34.16
N GLY F 125 11.69 19.10 33.65
CA GLY F 125 10.94 20.33 34.02
C GLY F 125 10.74 20.57 35.53
N PHE F 126 10.92 19.52 36.33
CA PHE F 126 11.03 19.60 37.79
C PHE F 126 12.19 20.48 38.30
N GLN F 127 13.20 20.64 37.45
CA GLN F 127 14.27 21.58 37.70
C GLN F 127 14.03 22.88 36.92
N SER F 128 12.78 23.14 36.52
CA SER F 128 12.42 24.48 36.06
C SER F 128 12.31 25.45 37.24
N LEU F 129 13.35 26.28 37.38
CA LEU F 129 13.42 27.37 38.30
C LEU F 129 12.25 28.32 38.10
N GLN F 130 11.94 28.71 36.86
CA GLN F 130 10.77 29.63 36.54
C GLN F 130 9.41 29.06 36.84
N TYR F 131 9.21 27.80 36.49
CA TYR F 131 8.01 27.17 36.85
C TYR F 131 7.82 27.28 38.37
N ARG F 132 8.81 26.82 39.15
CA ARG F 132 8.80 26.84 40.64
C ARG F 132 8.63 28.27 41.21
N TYR F 133 9.35 29.21 40.62
CA TYR F 133 9.18 30.63 40.95
C TYR F 133 7.66 31.00 41.00
N ILE F 134 6.92 30.65 39.93
CA ILE F 134 5.51 30.88 39.84
C ILE F 134 4.62 30.01 40.75
N GLU F 135 4.93 28.72 40.86
CA GLU F 135 4.21 27.88 41.86
C GLU F 135 4.27 28.56 43.23
N PHE F 136 5.44 29.08 43.60
CA PHE F 136 5.75 29.74 44.89
C PHE F 136 4.95 31.16 45.07
N LEU F 137 5.03 31.91 43.98
CA LEU F 137 4.22 33.12 43.87
C LEU F 137 2.72 32.92 44.04
N LEU F 138 2.15 31.92 43.38
CA LEU F 138 0.73 31.60 43.52
C LEU F 138 0.42 31.18 44.96
N GLY F 139 1.42 30.60 45.64
CA GLY F 139 1.22 30.06 46.99
C GLY F 139 1.64 28.63 47.32
N ASN F 140 1.98 27.83 46.32
CA ASN F 140 2.44 26.47 46.56
C ASN F 140 3.94 26.42 46.93
N LYS F 141 4.20 27.04 48.08
CA LYS F 141 5.49 27.13 48.69
C LYS F 141 5.76 25.75 49.28
N ASN F 142 6.84 25.14 48.81
CA ASN F 142 7.43 23.98 49.42
C ASN F 142 8.93 24.15 49.39
N PRO F 143 9.57 24.32 50.58
CA PRO F 143 10.98 24.72 50.70
C PRO F 143 12.01 23.52 50.64
N GLN F 144 11.51 22.29 50.52
CA GLN F 144 12.28 21.09 50.12
C GLN F 144 12.69 21.25 48.64
N MET F 145 12.03 22.18 47.93
CA MET F 145 12.39 22.52 46.56
C MET F 145 13.73 23.24 46.42
N LEU F 146 14.17 23.92 47.47
CA LEU F 146 15.47 24.59 47.45
C LEU F 146 16.70 23.67 47.28
N GLN F 147 16.58 22.38 47.61
CA GLN F 147 17.63 21.35 47.38
C GLN F 147 17.93 21.09 45.89
N VAL F 148 16.90 20.70 45.12
CA VAL F 148 17.03 20.54 43.66
C VAL F 148 17.75 21.68 42.87
N PHE F 149 17.92 22.85 43.51
CA PHE F 149 18.71 23.95 42.96
C PHE F 149 20.03 24.21 43.72
N ALA F 150 20.47 23.28 44.58
CA ALA F 150 21.81 23.40 45.23
C ALA F 150 22.93 23.60 44.17
N TYR F 151 22.93 22.80 43.09
CA TYR F 151 23.88 22.99 41.98
C TYR F 151 23.89 24.46 41.44
N ASP F 152 22.89 25.26 41.79
CA ASP F 152 22.78 26.64 41.24
C ASP F 152 22.47 27.77 42.30
N PRO F 153 23.54 28.35 42.94
CA PRO F 153 23.49 29.41 43.98
C PRO F 153 22.56 30.64 43.73
N ALA F 154 22.90 31.50 42.76
CA ALA F 154 22.14 32.74 42.49
C ALA F 154 20.61 32.54 42.16
N GLY F 155 20.31 31.48 41.39
CA GLY F 155 18.92 31.06 41.15
C GLY F 155 18.22 30.46 42.39
N GLN F 156 18.97 29.79 43.25
CA GLN F 156 18.39 29.31 44.51
C GLN F 156 18.09 30.45 45.55
N ALA F 157 18.92 31.50 45.56
CA ALA F 157 18.70 32.69 46.36
C ALA F 157 17.47 33.47 45.86
N ARG F 158 17.28 33.56 44.53
CA ARG F 158 16.09 34.17 43.93
C ARG F 158 14.77 33.42 44.26
N LEU F 159 14.86 32.10 44.52
CA LEU F 159 13.71 31.31 44.96
C LEU F 159 13.39 31.46 46.44
N ARG F 160 14.43 31.53 47.29
CA ARG F 160 14.27 31.77 48.75
C ARG F 160 13.54 33.09 49.06
N GLU F 161 13.80 34.09 48.21
CA GLU F 161 13.13 35.34 48.27
C GLU F 161 11.62 35.32 47.92
N VAL F 162 11.20 34.57 46.90
CA VAL F 162 9.75 34.50 46.60
C VAL F 162 9.19 33.66 47.74
N LEU F 163 10.00 32.72 48.23
CA LEU F 163 9.58 31.93 49.37
C LEU F 163 9.36 32.80 50.67
N GLU F 164 10.17 33.83 50.90
CA GLU F 164 10.05 34.59 52.15
C GLU F 164 8.99 35.66 52.13
N ALA F 165 8.42 35.93 50.95
CA ALA F 165 7.42 36.98 50.75
C ALA F 165 5.98 36.40 50.68
N PRO F 166 4.97 37.21 51.06
CA PRO F 166 3.58 36.77 50.89
C PRO F 166 3.23 36.40 49.44
N SER F 167 2.43 35.36 49.29
CA SER F 167 1.91 34.95 47.99
C SER F 167 0.90 35.94 47.38
N LEU F 168 0.54 35.74 46.11
CA LEU F 168 -0.55 36.56 45.57
C LEU F 168 -1.89 36.35 46.35
N TYR F 169 -2.14 35.15 46.91
CA TYR F 169 -3.35 34.93 47.72
C TYR F 169 -3.26 35.79 49.01
N GLU F 170 -2.09 35.75 49.67
CA GLU F 170 -1.77 36.50 50.89
C GLU F 170 -1.73 38.01 50.74
N GLU F 171 -1.31 38.47 49.56
CA GLU F 171 -1.45 39.85 49.15
C GLU F 171 -2.93 40.25 48.87
N PHE F 172 -3.69 39.41 48.20
CA PHE F 172 -5.16 39.47 48.27
C PHE F 172 -5.77 39.63 49.67
N LEU F 173 -5.40 38.81 50.63
CA LEU F 173 -6.12 38.82 51.91
C LEU F 173 -5.80 40.04 52.73
N ARG F 174 -4.59 40.59 52.51
CA ARG F 174 -4.09 41.80 53.13
C ARG F 174 -4.84 43.00 52.57
N TYR F 175 -5.12 42.97 51.25
CA TYR F 175 -5.96 43.97 50.62
C TYR F 175 -7.38 43.95 51.28
N LEU F 176 -7.96 42.77 51.45
CA LEU F 176 -9.24 42.67 52.07
C LEU F 176 -9.25 43.20 53.57
N ALA F 177 -8.22 42.86 54.34
CA ALA F 177 -8.00 43.42 55.69
C ALA F 177 -7.95 44.98 55.70
N ARG F 178 -7.23 45.56 54.74
CA ARG F 178 -7.13 47.00 54.61
C ARG F 178 -8.49 47.73 54.48
N PHE F 179 -9.49 47.04 53.97
CA PHE F 179 -10.80 47.58 53.65
C PHE F 179 -11.93 47.09 54.57
N GLY F 180 -11.53 46.55 55.72
CA GLY F 180 -12.39 46.17 56.82
C GLY F 180 -13.08 44.84 56.64
N HIS F 181 -12.69 43.98 55.67
CA HIS F 181 -13.12 42.58 55.74
C HIS F 181 -12.61 41.89 57.05
N ALA F 182 -13.36 40.87 57.50
CA ALA F 182 -12.98 40.14 58.76
C ALA F 182 -11.84 39.12 58.59
N ILE F 183 -10.61 39.59 58.38
CA ILE F 183 -9.49 38.71 58.13
C ILE F 183 -8.72 38.54 59.44
N PRO F 184 -8.53 37.28 59.93
CA PRO F 184 -7.59 36.96 61.04
C PRO F 184 -6.32 37.83 61.07
N GLN F 185 -5.98 38.31 62.28
CA GLN F 185 -4.81 39.19 62.55
C GLN F 185 -3.48 38.55 62.19
N GLN F 186 -3.45 37.23 62.13
CA GLN F 186 -2.20 36.46 61.84
C GLN F 186 -1.48 36.91 60.57
N TYR F 187 -2.27 37.41 59.61
CA TYR F 187 -1.85 37.59 58.22
C TYR F 187 -0.86 38.74 57.99
N ASP F 199 -8.37 27.75 55.75
CA ASP F 199 -8.74 28.57 56.90
C ASP F 199 -10.25 28.81 57.09
N ASP F 200 -10.86 28.15 58.07
CA ASP F 200 -12.36 28.14 58.26
C ASP F 200 -12.99 29.53 58.60
N THR F 201 -12.15 30.45 59.09
CA THR F 201 -12.57 31.77 59.49
C THR F 201 -12.59 32.74 58.32
N LEU F 202 -12.21 32.25 57.12
CA LEU F 202 -12.37 33.06 55.87
C LEU F 202 -13.68 32.81 55.11
N ARG F 203 -14.39 31.70 55.43
CA ARG F 203 -15.69 31.34 54.79
C ARG F 203 -16.74 32.48 54.87
N PRO F 204 -16.97 33.07 56.13
CA PRO F 204 -17.84 34.19 56.33
C PRO F 204 -17.38 35.43 55.55
N VAL F 205 -16.09 35.67 55.50
CA VAL F 205 -15.57 36.73 54.63
C VAL F 205 -16.04 36.54 53.15
N PHE F 206 -15.87 35.33 52.61
CA PHE F 206 -16.12 35.12 51.16
C PHE F 206 -17.57 35.00 50.91
N GLU F 207 -18.26 34.36 51.85
CA GLU F 207 -19.72 34.32 51.81
C GLU F 207 -20.30 35.69 51.68
N ARG F 208 -19.77 36.63 52.45
CA ARG F 208 -20.29 37.98 52.41
C ARG F 208 -20.10 38.63 51.05
N ILE F 209 -18.88 38.52 50.52
CA ILE F 209 -18.52 39.09 49.21
C ILE F 209 -19.47 38.55 48.11
N TYR F 210 -19.60 37.21 48.05
CA TYR F 210 -20.39 36.52 47.04
C TYR F 210 -21.90 36.72 47.16
N GLU F 211 -22.40 36.97 48.37
CA GLU F 211 -23.86 37.21 48.61
C GLU F 211 -24.26 38.72 48.56
N ASN F 212 -23.33 39.65 48.33
CA ASN F 212 -23.70 41.05 48.02
C ASN F 212 -22.77 41.58 47.01
N THR F 213 -22.93 41.06 45.80
CA THR F 213 -21.98 41.26 44.71
C THR F 213 -21.93 42.74 44.33
N ASP F 214 -23.08 43.38 44.56
CA ASP F 214 -23.32 44.86 44.47
C ASP F 214 -22.39 45.78 45.28
N ARG F 215 -22.26 45.55 46.58
CA ARG F 215 -21.43 46.39 47.41
C ARG F 215 -19.98 46.02 47.21
N TYR F 216 -19.73 44.71 47.11
CA TYR F 216 -18.39 44.16 47.05
C TYR F 216 -17.99 43.75 45.64
N TRP F 217 -18.31 44.59 44.64
CA TRP F 217 -18.07 44.22 43.25
C TRP F 217 -16.58 44.07 42.96
N ARG F 218 -15.74 44.92 43.54
CA ARG F 218 -14.33 44.84 43.29
C ARG F 218 -13.76 43.52 43.76
N GLU F 219 -14.04 43.18 45.02
CA GLU F 219 -13.49 41.98 45.68
C GLU F 219 -13.97 40.69 44.95
N TYR F 220 -15.25 40.69 44.59
CA TYR F 220 -15.91 39.66 43.84
C TYR F 220 -15.26 39.40 42.48
N SER F 221 -15.23 40.44 41.63
CA SER F 221 -14.48 40.38 40.38
C SER F 221 -13.02 39.92 40.57
N LEU F 222 -12.35 40.35 41.64
CA LEU F 222 -11.02 39.71 42.08
C LEU F 222 -11.04 38.22 42.54
N CYS F 223 -12.06 37.81 43.31
CA CYS F 223 -12.18 36.41 43.70
C CYS F 223 -12.27 35.59 42.44
N GLU F 224 -13.03 36.09 41.45
CA GLU F 224 -13.28 35.45 40.16
C GLU F 224 -12.04 35.30 39.22
N ASP F 225 -11.30 36.39 39.03
CA ASP F 225 -9.94 36.40 38.50
C ASP F 225 -9.06 35.36 39.16
N LEU F 226 -8.99 35.35 40.49
CA LEU F 226 -8.17 34.33 41.21
C LEU F 226 -8.56 32.84 40.94
N VAL F 227 -9.89 32.59 40.83
CA VAL F 227 -10.44 31.29 40.52
C VAL F 227 -10.13 30.89 39.04
N ASP F 228 -10.26 31.87 38.10
CA ASP F 228 -9.78 31.78 36.67
C ASP F 228 -8.32 31.29 36.65
N VAL F 229 -7.44 32.01 37.33
CA VAL F 229 -6.03 31.75 37.20
C VAL F 229 -5.70 30.31 37.59
N GLU F 230 -6.25 29.88 38.73
CA GLU F 230 -5.87 28.62 39.35
C GLU F 230 -6.48 27.42 38.60
N THR F 231 -7.65 27.65 37.93
CA THR F 231 -8.34 26.69 37.06
C THR F 231 -7.48 26.51 35.77
N GLN F 232 -7.07 27.64 35.19
CA GLN F 232 -6.17 27.58 34.04
C GLN F 232 -4.88 26.85 34.43
N PHE F 233 -4.30 27.16 35.62
CA PHE F 233 -3.08 26.42 36.09
C PHE F 233 -3.25 24.89 36.19
N GLN F 234 -4.45 24.46 36.61
CA GLN F 234 -4.75 23.05 36.76
C GLN F 234 -4.91 22.37 35.43
N LEU F 235 -5.57 23.02 34.47
CA LEU F 235 -5.64 22.67 33.04
C LEU F 235 -4.26 22.49 32.38
N TRP F 236 -3.33 23.43 32.58
CA TRP F 236 -1.90 23.19 32.31
C TRP F 236 -1.38 21.88 32.87
N ARG F 237 -1.59 21.77 34.17
CA ARG F 237 -1.11 20.57 34.85
C ARG F 237 -1.77 19.30 34.26
N PHE F 238 -3.06 19.38 33.89
CA PHE F 238 -3.76 18.25 33.38
C PHE F 238 -3.17 17.77 32.04
N ARG F 239 -2.93 18.69 31.12
CA ARG F 239 -2.57 18.44 29.78
C ARG F 239 -1.12 17.99 29.69
N HIS F 240 -0.22 18.54 30.52
CA HIS F 240 1.10 17.96 30.80
C HIS F 240 1.04 16.47 31.34
N MET F 241 0.36 16.19 32.42
CA MET F 241 0.14 14.82 32.83
C MET F 241 -0.33 13.82 31.70
N ARG F 242 -1.38 14.14 30.98
CA ARG F 242 -1.85 13.26 29.90
C ARG F 242 -0.85 13.13 28.75
N THR F 243 -0.08 14.20 28.50
CA THR F 243 0.92 14.12 27.47
C THR F 243 2.02 13.16 27.89
N VAL F 244 2.48 13.29 29.15
CA VAL F 244 3.36 12.27 29.81
C VAL F 244 2.80 10.82 29.75
N MET F 245 1.50 10.63 29.98
CA MET F 245 0.89 9.36 29.86
C MET F 245 1.10 8.79 28.45
N ARG F 246 0.81 9.60 27.42
CA ARG F 246 0.83 9.18 26.03
C ARG F 246 2.30 9.00 25.53
N VAL F 247 3.27 9.67 26.12
CA VAL F 247 4.65 9.54 25.66
C VAL F 247 5.47 8.47 26.39
N ILE F 248 5.46 8.49 27.71
CA ILE F 248 6.23 7.47 28.44
C ILE F 248 5.39 6.58 29.36
N GLY F 249 4.07 6.73 29.32
CA GLY F 249 3.19 5.97 30.24
C GLY F 249 3.42 6.11 31.76
N PHE F 250 3.33 4.98 32.47
CA PHE F 250 3.71 4.92 33.90
C PHE F 250 5.19 4.55 34.14
N LYS F 251 6.05 4.91 33.18
CA LYS F 251 7.54 4.81 33.38
C LYS F 251 7.98 5.82 34.52
N ARG F 252 9.04 5.50 35.28
CA ARG F 252 9.67 6.56 36.10
C ARG F 252 10.11 7.82 35.22
N GLY F 253 9.99 9.05 35.75
CA GLY F 253 10.62 10.26 35.11
C GLY F 253 12.16 10.34 35.19
N THR F 254 12.80 10.98 34.20
CA THR F 254 14.25 11.19 34.11
C THR F 254 14.76 11.93 35.33
N GLY F 255 13.91 12.80 35.86
CA GLY F 255 14.16 13.55 37.10
C GLY F 255 14.16 12.66 38.33
N GLY F 256 13.68 11.43 38.19
CA GLY F 256 13.74 10.46 39.23
C GLY F 256 12.44 10.28 40.03
N SER F 257 11.30 10.83 39.59
CA SER F 257 10.10 10.54 40.34
C SER F 257 9.40 9.31 39.75
N SER F 258 8.19 9.03 40.25
CA SER F 258 7.33 7.98 39.78
C SER F 258 6.54 8.43 38.53
N GLY F 259 6.75 9.69 38.06
CA GLY F 259 6.14 10.15 36.84
C GLY F 259 4.66 10.51 36.98
N VAL F 260 3.76 9.91 36.19
CA VAL F 260 2.31 10.26 36.25
C VAL F 260 1.77 10.32 37.71
N GLY F 261 2.20 9.38 38.56
CA GLY F 261 1.72 9.32 39.94
C GLY F 261 2.13 10.53 40.74
N PHE F 262 3.38 10.95 40.52
CA PHE F 262 3.91 12.20 41.10
C PHE F 262 3.19 13.49 40.60
N LEU F 263 2.87 13.53 39.30
CA LEU F 263 2.20 14.71 38.72
C LEU F 263 0.74 14.84 39.24
N GLN F 264 0.07 13.69 39.34
CA GLN F 264 -1.31 13.62 39.88
C GLN F 264 -1.50 14.17 41.30
N GLN F 265 -0.39 14.19 42.05
CA GLN F 265 -0.37 14.64 43.43
C GLN F 265 -0.41 16.14 43.49
N ALA F 266 0.32 16.81 42.58
CA ALA F 266 0.16 18.27 42.39
C ALA F 266 -1.20 18.67 41.82
N LEU F 267 -1.88 17.82 41.06
CA LEU F 267 -3.29 18.08 40.64
C LEU F 267 -4.27 18.12 41.82
N ALA F 268 -4.00 17.35 42.88
CA ALA F 268 -4.85 17.45 44.08
C ALA F 268 -4.41 18.62 45.02
N LEU F 269 -3.49 19.50 44.56
CA LEU F 269 -3.16 20.69 45.34
C LEU F 269 -4.08 21.89 44.94
N THR F 270 -4.29 22.83 45.87
CA THR F 270 -5.27 23.91 45.70
C THR F 270 -4.61 25.20 46.18
N PHE F 271 -4.63 26.31 45.40
CA PHE F 271 -3.78 27.47 45.72
C PHE F 271 -4.56 28.39 46.65
N PHE F 272 -5.88 28.44 46.42
CA PHE F 272 -6.81 29.30 47.11
C PHE F 272 -7.91 28.46 47.72
N PRO F 273 -7.58 27.60 48.72
CA PRO F 273 -8.61 26.65 49.15
C PRO F 273 -9.95 27.25 49.48
N GLU F 274 -9.96 28.41 50.16
CA GLU F 274 -11.15 29.07 50.67
C GLU F 274 -12.02 29.71 49.58
N LEU F 275 -11.47 30.15 48.44
CA LEU F 275 -12.33 30.52 47.31
C LEU F 275 -13.17 29.30 46.84
N PHE F 276 -12.63 28.09 47.00
CA PHE F 276 -13.29 26.92 46.49
C PHE F 276 -14.24 26.27 47.48
N ASP F 277 -13.85 26.19 48.76
CA ASP F 277 -14.73 25.82 49.93
C ASP F 277 -16.04 26.65 50.00
N VAL F 278 -15.95 27.95 49.75
CA VAL F 278 -17.13 28.81 49.87
C VAL F 278 -18.25 28.56 48.85
N ARG F 279 -18.00 27.74 47.83
CA ARG F 279 -19.06 27.32 46.90
C ARG F 279 -20.12 26.43 47.63
N THR F 280 -19.64 25.66 48.60
CA THR F 280 -20.49 24.83 49.43
C THR F 280 -21.53 25.64 50.25
N SER F 281 -21.23 26.88 50.63
CA SER F 281 -22.12 27.60 51.53
C SER F 281 -22.82 28.87 50.98
N VAL F 282 -22.50 29.25 49.74
CA VAL F 282 -23.16 30.37 49.00
C VAL F 282 -24.65 30.03 48.71
N GLY F 283 -25.57 30.95 49.06
CA GLY F 283 -27.03 30.73 48.85
C GLY F 283 -27.78 29.93 49.93
N ARG G 21 -40.90 27.71 -1.28
CA ARG G 21 -39.42 27.85 -1.48
C ARG G 21 -38.50 27.49 -0.30
N LEU G 22 -37.47 26.71 -0.55
CA LEU G 22 -36.59 26.34 0.55
C LEU G 22 -35.88 27.54 1.19
N THR G 23 -35.99 27.69 2.49
CA THR G 23 -35.09 28.64 3.13
C THR G 23 -34.32 28.00 4.26
N TYR G 24 -33.40 28.77 4.79
CA TYR G 24 -32.37 28.38 5.76
C TYR G 24 -33.00 27.82 7.03
N GLY G 25 -33.94 28.61 7.59
CA GLY G 25 -34.69 28.23 8.78
C GLY G 25 -35.64 27.11 8.50
N GLY G 26 -36.12 27.02 7.25
CA GLY G 26 -36.92 25.89 6.78
C GLY G 26 -36.15 24.58 6.76
N TYR G 27 -35.10 24.51 5.93
CA TYR G 27 -34.07 23.43 5.90
C TYR G 27 -33.59 22.98 7.29
N LEU G 28 -33.05 23.95 8.01
CA LEU G 28 -32.54 23.73 9.34
C LEU G 28 -33.65 23.65 10.39
N ARG G 29 -34.92 23.67 9.96
CA ARG G 29 -36.09 23.60 10.85
C ARG G 29 -35.89 24.45 12.11
N LEU G 30 -35.69 25.77 11.97
CA LEU G 30 -35.33 26.65 13.16
C LEU G 30 -36.50 27.03 14.08
N ASP G 31 -37.71 26.90 13.55
CA ASP G 31 -38.95 27.00 14.26
C ASP G 31 -38.95 26.05 15.45
N GLN G 32 -38.59 24.81 15.17
CA GLN G 32 -38.46 23.82 16.22
C GLN G 32 -37.26 24.16 17.11
N LEU G 33 -36.09 24.34 16.49
CA LEU G 33 -34.80 24.33 17.19
C LEU G 33 -34.74 25.46 18.22
N LEU G 34 -35.36 26.58 17.86
CA LEU G 34 -35.27 27.82 18.61
C LEU G 34 -36.55 27.98 19.35
N SER G 35 -37.39 26.94 19.34
CA SER G 35 -38.49 26.94 20.31
C SER G 35 -38.27 25.99 21.43
N ALA G 36 -37.05 25.40 21.51
CA ALA G 36 -36.70 24.43 22.55
C ALA G 36 -36.08 24.98 23.83
N GLN G 37 -35.91 26.32 23.95
CA GLN G 37 -35.27 26.95 25.12
C GLN G 37 -36.32 27.50 26.08
N GLN G 38 -36.57 26.79 27.17
CA GLN G 38 -37.69 27.16 28.01
C GLN G 38 -37.32 27.16 29.44
N PRO G 39 -36.76 28.28 29.92
CA PRO G 39 -36.32 28.31 31.29
C PRO G 39 -37.51 28.21 32.29
N LEU G 40 -37.26 27.73 33.50
CA LEU G 40 -38.31 27.57 34.53
C LEU G 40 -38.28 28.53 35.72
N SER G 41 -37.27 29.39 35.81
CA SER G 41 -37.14 30.35 36.89
C SER G 41 -38.21 31.44 36.82
N GLU G 42 -38.87 31.70 37.97
CA GLU G 42 -39.87 32.83 38.18
C GLU G 42 -39.55 33.69 39.43
N PRO G 43 -39.13 34.97 39.23
CA PRO G 43 -39.10 35.47 37.84
C PRO G 43 -37.90 34.95 37.01
N ALA G 44 -37.97 35.18 35.69
CA ALA G 44 -36.90 34.98 34.70
C ALA G 44 -35.53 35.44 35.14
N HIS G 45 -34.63 34.47 35.26
CA HIS G 45 -33.23 34.69 35.57
C HIS G 45 -32.43 34.85 34.27
N HIS G 46 -31.66 35.95 34.17
CA HIS G 46 -30.71 36.21 33.07
C HIS G 46 -29.76 35.07 32.67
N ASP G 47 -29.15 34.43 33.67
CA ASP G 47 -28.11 33.43 33.42
C ASP G 47 -28.62 32.04 33.03
N GLU G 48 -29.93 31.80 33.13
CA GLU G 48 -30.46 30.45 32.91
C GLU G 48 -30.39 30.05 31.45
N MET G 49 -30.61 31.00 30.53
CA MET G 49 -30.39 30.82 29.08
C MET G 49 -28.96 30.33 28.68
N LEU G 50 -27.89 30.94 29.23
CA LEU G 50 -26.51 30.42 29.09
C LEU G 50 -26.48 28.91 29.40
N PHE G 51 -27.09 28.59 30.56
CA PHE G 51 -27.21 27.24 31.07
C PHE G 51 -27.85 26.26 30.11
N ILE G 52 -28.99 26.67 29.56
CA ILE G 52 -29.69 25.83 28.66
C ILE G 52 -28.90 25.64 27.35
N ILE G 53 -28.48 26.72 26.72
CA ILE G 53 -27.74 26.74 25.42
C ILE G 53 -26.44 25.94 25.46
N GLN G 54 -25.64 26.14 26.51
CA GLN G 54 -24.44 25.32 26.77
C GLN G 54 -24.75 23.80 26.58
N ALA G 55 -25.87 23.34 27.15
CA ALA G 55 -26.11 21.92 27.24
C ALA G 55 -26.72 21.49 25.95
N GLN G 56 -27.55 22.32 25.35
CA GLN G 56 -28.08 22.05 23.99
C GLN G 56 -27.03 22.03 22.88
N THR G 57 -26.09 22.99 22.90
CA THR G 57 -25.01 22.93 21.91
C THR G 57 -24.27 21.60 22.11
N SER G 58 -23.94 21.26 23.34
CA SER G 58 -23.23 20.03 23.67
C SER G 58 -23.96 18.82 23.14
N GLU G 59 -25.28 18.79 23.34
CA GLU G 59 -26.14 17.74 22.75
C GLU G 59 -26.10 17.65 21.22
N LEU G 60 -26.18 18.77 20.57
CA LEU G 60 -26.03 18.77 19.15
C LEU G 60 -24.70 18.07 18.65
N TRP G 61 -23.58 18.40 19.30
CA TRP G 61 -22.24 17.92 18.94
C TRP G 61 -22.08 16.47 19.25
N LEU G 62 -22.69 16.01 20.34
CA LEU G 62 -22.72 14.58 20.60
C LEU G 62 -23.51 13.73 19.61
N LYS G 63 -24.61 14.26 19.04
CA LYS G 63 -25.33 13.56 18.03
C LYS G 63 -24.44 13.41 16.80
N LEU G 64 -23.84 14.52 16.33
CA LEU G 64 -22.80 14.44 15.32
C LEU G 64 -21.67 13.43 15.61
N LEU G 65 -21.13 13.47 16.81
CA LEU G 65 -20.08 12.57 17.22
C LEU G 65 -20.46 11.10 17.09
N ALA G 66 -21.72 10.77 17.41
CA ALA G 66 -22.27 9.42 17.30
C ALA G 66 -22.40 8.97 15.84
N HIS G 67 -22.87 9.87 15.01
CA HIS G 67 -22.97 9.69 13.62
C HIS G 67 -21.55 9.45 13.00
N GLU G 68 -20.61 10.31 13.31
CA GLU G 68 -19.20 10.11 12.97
C GLU G 68 -18.64 8.83 13.48
N LEU G 69 -18.62 8.57 14.78
CA LEU G 69 -18.04 7.27 15.28
C LEU G 69 -18.63 5.98 14.67
N ARG G 70 -19.91 6.02 14.36
CA ARG G 70 -20.53 4.90 13.70
C ARG G 70 -19.97 4.64 12.33
N ALA G 71 -19.72 5.67 11.56
CA ALA G 71 -19.17 5.43 10.19
C ALA G 71 -17.69 5.12 10.27
N ALA G 72 -16.98 5.67 11.25
CA ALA G 72 -15.60 5.18 11.52
C ALA G 72 -15.55 3.66 11.66
N ILE G 73 -16.48 3.12 12.46
CA ILE G 73 -16.58 1.68 12.74
C ILE G 73 -16.85 0.83 11.43
N VAL G 74 -17.88 1.21 10.68
CA VAL G 74 -18.16 0.62 9.37
C VAL G 74 -17.06 0.64 8.40
N HIS G 75 -16.24 1.83 8.29
CA HIS G 75 -14.99 1.82 7.50
C HIS G 75 -13.98 0.82 8.17
N LEU G 76 -13.87 0.79 9.50
CA LEU G 76 -12.92 -0.18 10.05
C LEU G 76 -13.31 -1.64 9.64
N GLN G 77 -14.60 -1.97 9.81
CA GLN G 77 -15.08 -3.30 9.38
C GLN G 77 -14.73 -3.70 7.98
N ARG G 78 -14.61 -2.73 7.10
CA ARG G 78 -14.34 -2.96 5.72
C ARG G 78 -12.85 -2.88 5.38
N ASP G 79 -12.00 -2.80 6.40
CA ASP G 79 -10.55 -2.59 6.16
C ASP G 79 -10.24 -1.27 5.42
N GLU G 80 -11.10 -0.24 5.58
CA GLU G 80 -10.94 1.04 4.87
C GLU G 80 -10.25 2.03 5.80
N VAL G 81 -8.91 1.98 5.91
CA VAL G 81 -8.18 2.68 6.97
C VAL G 81 -8.15 4.18 6.65
N TRP G 82 -7.93 4.54 5.38
CA TRP G 82 -7.79 5.94 5.11
C TRP G 82 -9.12 6.65 5.34
N GLN G 83 -10.21 5.99 4.96
CA GLN G 83 -11.53 6.57 5.27
C GLN G 83 -11.82 6.57 6.78
N CYS G 84 -11.42 5.55 7.50
CA CYS G 84 -11.66 5.57 8.94
C CYS G 84 -10.95 6.77 9.59
N ARG G 85 -9.72 6.99 9.21
CA ARG G 85 -8.90 8.03 9.79
C ARG G 85 -9.36 9.49 9.57
N LYS G 86 -9.93 9.69 8.40
CA LYS G 86 -10.62 10.92 8.02
C LYS G 86 -11.87 11.19 8.89
N VAL G 87 -12.67 10.14 9.14
CA VAL G 87 -13.87 10.24 9.96
C VAL G 87 -13.42 10.46 11.37
N LEU G 88 -12.34 9.76 11.80
CA LEU G 88 -11.72 10.01 13.11
C LEU G 88 -11.14 11.46 13.30
N ALA G 89 -10.60 12.11 12.24
CA ALA G 89 -10.14 13.48 12.36
C ALA G 89 -11.28 14.50 12.61
N ARG G 90 -12.43 14.35 11.90
CA ARG G 90 -13.63 15.12 12.22
C ARG G 90 -14.17 14.93 13.71
N SER G 91 -14.18 13.67 14.15
CA SER G 91 -14.55 13.33 15.48
C SER G 91 -13.69 14.01 16.56
N LYS G 92 -12.35 14.07 16.38
CA LYS G 92 -11.39 14.83 17.27
C LYS G 92 -11.72 16.33 17.33
N GLN G 93 -11.97 16.95 16.18
CA GLN G 93 -12.41 18.36 16.06
C GLN G 93 -13.72 18.55 16.81
N VAL G 94 -14.63 17.56 16.70
CA VAL G 94 -15.89 17.64 17.40
C VAL G 94 -15.69 17.59 18.94
N LEU G 95 -14.93 16.61 19.39
CA LEU G 95 -14.51 16.50 20.80
C LEU G 95 -13.81 17.77 21.30
N ARG G 96 -13.07 18.41 20.38
CA ARG G 96 -12.43 19.69 20.57
C ARG G 96 -13.42 20.81 20.83
N GLN G 97 -14.49 20.97 20.03
CA GLN G 97 -15.58 21.96 20.34
C GLN G 97 -16.24 21.80 21.78
N LEU G 98 -16.52 20.47 22.00
CA LEU G 98 -17.10 20.03 23.29
C LEU G 98 -16.25 20.49 24.45
N THR G 99 -14.94 20.38 24.24
CA THR G 99 -13.96 20.78 25.25
C THR G 99 -13.81 22.31 25.38
N GLU G 100 -13.52 22.97 24.25
CA GLU G 100 -13.36 24.42 24.16
C GLU G 100 -14.51 25.17 24.83
N GLN G 101 -15.75 24.70 24.62
CA GLN G 101 -16.93 25.45 25.12
C GLN G 101 -17.07 25.56 26.64
N TRP G 102 -16.32 24.80 27.42
CA TRP G 102 -16.36 24.94 28.86
C TRP G 102 -15.95 26.38 29.31
N SER G 103 -15.33 27.11 28.39
CA SER G 103 -14.88 28.51 28.57
C SER G 103 -15.99 29.55 28.65
N VAL G 104 -17.15 29.25 28.04
CA VAL G 104 -18.29 30.18 28.06
C VAL G 104 -18.81 30.15 29.50
N LEU G 105 -18.97 28.94 29.97
CA LEU G 105 -19.54 28.70 31.27
C LEU G 105 -18.48 28.99 32.40
N GLU G 106 -17.21 29.25 32.11
CA GLU G 106 -16.34 29.89 33.14
C GLU G 106 -16.91 31.27 33.67
N THR G 107 -17.93 31.81 33.00
CA THR G 107 -18.42 33.14 33.37
C THR G 107 -19.70 33.10 34.21
N LEU G 108 -20.05 31.88 34.61
CA LEU G 108 -21.12 31.62 35.57
C LEU G 108 -20.57 31.47 37.00
N THR G 109 -20.93 32.41 37.89
CA THR G 109 -20.40 32.43 39.25
C THR G 109 -21.37 31.63 40.17
N PRO G 110 -20.87 31.17 41.35
CA PRO G 110 -21.90 30.52 42.21
C PRO G 110 -23.07 31.45 42.65
N SER G 111 -22.91 32.77 42.51
CA SER G 111 -23.94 33.78 42.90
C SER G 111 -25.05 33.68 41.92
N GLU G 112 -24.67 33.64 40.66
CA GLU G 112 -25.67 33.54 39.65
C GLU G 112 -26.31 32.18 39.70
N TYR G 113 -25.49 31.14 39.96
CA TYR G 113 -26.01 29.77 40.02
C TYR G 113 -27.13 29.58 41.05
N MET G 114 -26.89 29.86 42.35
CA MET G 114 -27.94 30.02 43.44
C MET G 114 -29.33 30.56 43.03
N GLY G 115 -29.37 31.43 42.01
CA GLY G 115 -30.58 32.11 41.57
C GLY G 115 -31.65 31.15 41.06
N PHE G 116 -31.22 30.02 40.52
CA PHE G 116 -32.09 29.13 39.75
C PHE G 116 -31.71 27.62 39.82
N ARG G 117 -30.63 27.29 40.52
CA ARG G 117 -30.22 25.90 40.67
C ARG G 117 -31.38 24.90 41.08
N ASP G 118 -32.36 25.36 41.87
CA ASP G 118 -33.46 24.48 42.20
C ASP G 118 -34.60 24.44 41.18
N VAL G 119 -34.66 25.30 40.20
CA VAL G 119 -35.69 25.07 39.21
C VAL G 119 -35.37 23.76 38.44
N LEU G 120 -34.09 23.37 38.43
CA LEU G 120 -33.60 22.08 37.90
C LEU G 120 -34.07 20.93 38.78
N GLY G 121 -34.55 19.86 38.20
CA GLY G 121 -35.29 19.00 39.10
C GLY G 121 -34.29 18.18 39.88
N PRO G 122 -34.46 16.84 39.76
CA PRO G 122 -33.31 16.00 39.91
C PRO G 122 -32.52 15.92 38.56
N SER G 123 -32.87 16.76 37.58
CA SER G 123 -32.12 17.00 36.29
C SER G 123 -30.59 17.08 36.38
N SER G 124 -29.89 16.30 35.55
CA SER G 124 -28.44 16.05 35.62
C SER G 124 -27.95 15.50 34.30
N GLY G 125 -26.78 16.00 33.86
CA GLY G 125 -26.16 15.53 32.62
C GLY G 125 -25.92 14.05 32.63
N PHE G 126 -26.04 13.47 33.84
CA PHE G 126 -25.87 12.04 34.06
C PHE G 126 -27.03 11.21 33.45
N GLN G 127 -28.11 11.91 33.18
CA GLN G 127 -29.16 11.24 32.52
C GLN G 127 -29.26 11.70 31.01
N SER G 128 -28.12 12.16 30.46
CA SER G 128 -27.98 12.39 29.01
C SER G 128 -27.70 11.10 28.28
N LEU G 129 -28.66 10.75 27.44
CA LEU G 129 -28.68 9.57 26.57
C LEU G 129 -27.56 9.58 25.51
N GLN G 130 -27.36 10.73 24.81
CA GLN G 130 -26.34 10.92 23.74
C GLN G 130 -24.97 10.73 24.33
N TYR G 131 -24.76 11.18 25.57
CA TYR G 131 -23.46 11.04 26.21
C TYR G 131 -23.14 9.59 26.51
N ARG G 132 -24.08 8.90 27.17
CA ARG G 132 -24.03 7.52 27.43
C ARG G 132 -23.73 6.63 26.20
N TYR G 133 -24.39 6.95 25.12
CA TYR G 133 -24.18 6.29 23.89
C TYR G 133 -22.70 6.39 23.46
N ILE G 134 -22.11 7.57 23.56
CA ILE G 134 -20.66 7.74 23.29
C ILE G 134 -19.75 6.96 24.28
N GLU G 135 -20.02 7.07 25.58
CA GLU G 135 -19.33 6.22 26.53
C GLU G 135 -19.40 4.75 26.04
N PHE G 136 -20.56 4.30 25.61
CA PHE G 136 -20.75 2.89 25.27
C PHE G 136 -20.00 2.49 24.01
N LEU G 137 -20.03 3.35 22.99
CA LEU G 137 -19.23 3.19 21.78
C LEU G 137 -17.75 3.20 22.01
N LEU G 138 -17.25 4.09 22.84
CA LEU G 138 -15.85 3.98 23.09
C LEU G 138 -15.49 2.81 24.06
N GLY G 139 -16.48 2.14 24.63
CA GLY G 139 -16.19 0.96 25.42
C GLY G 139 -16.42 0.91 26.91
N ASN G 140 -16.87 2.04 27.49
CA ASN G 140 -17.31 2.13 28.91
C ASN G 140 -18.76 1.65 29.10
N LYS G 141 -18.96 0.37 28.78
CA LYS G 141 -20.25 -0.27 28.79
C LYS G 141 -20.58 -0.67 30.28
N ASN G 142 -21.58 -0.01 30.86
CA ASN G 142 -22.09 -0.34 32.22
C ASN G 142 -23.60 -0.56 32.12
N PRO G 143 -24.07 -1.83 32.25
CA PRO G 143 -25.53 -2.05 32.16
C PRO G 143 -26.37 -1.60 33.40
N GLN G 144 -25.71 -1.18 34.49
CA GLN G 144 -26.35 -0.42 35.61
C GLN G 144 -26.94 0.90 35.07
N MET G 145 -26.21 1.55 34.16
CA MET G 145 -26.68 2.76 33.41
C MET G 145 -28.03 2.65 32.68
N LEU G 146 -28.51 1.43 32.43
CA LEU G 146 -29.78 1.23 31.75
C LEU G 146 -31.06 1.38 32.62
N GLN G 147 -30.94 1.22 33.94
CA GLN G 147 -32.02 1.54 34.87
C GLN G 147 -32.28 3.10 35.09
N VAL G 148 -31.39 3.97 34.57
CA VAL G 148 -31.64 5.41 34.68
C VAL G 148 -32.55 5.88 33.52
N PHE G 149 -32.53 5.07 32.48
CA PHE G 149 -33.27 5.35 31.26
C PHE G 149 -34.59 4.57 31.19
N ALA G 150 -34.89 3.88 32.29
CA ALA G 150 -36.16 3.16 32.52
C ALA G 150 -37.40 4.04 32.24
N TYR G 151 -37.29 5.34 32.54
CA TYR G 151 -38.32 6.32 32.24
C TYR G 151 -38.51 6.49 30.69
N ASP G 152 -37.48 6.15 29.90
CA ASP G 152 -37.57 6.21 28.43
C ASP G 152 -37.33 4.79 27.88
N PRO G 153 -38.38 4.07 27.42
CA PRO G 153 -37.99 2.71 26.92
C PRO G 153 -37.57 2.66 25.43
N ALA G 154 -37.82 3.74 24.70
CA ALA G 154 -37.41 3.87 23.31
C ALA G 154 -35.91 4.26 23.20
N GLY G 155 -35.47 5.12 24.12
CA GLY G 155 -34.08 5.50 24.21
C GLY G 155 -33.21 4.48 24.90
N GLN G 156 -33.71 3.90 25.99
CA GLN G 156 -33.07 2.72 26.66
C GLN G 156 -32.79 1.59 25.61
N ALA G 157 -33.67 1.52 24.59
CA ALA G 157 -33.61 0.50 23.54
C ALA G 157 -32.47 0.74 22.59
N ARG G 158 -32.13 1.99 22.32
CA ARG G 158 -31.05 2.29 21.40
C ARG G 158 -29.70 2.20 22.11
N LEU G 159 -29.76 2.36 23.42
CA LEU G 159 -28.61 2.24 24.30
C LEU G 159 -28.18 0.78 24.45
N ARG G 160 -29.18 -0.11 24.53
CA ARG G 160 -28.98 -1.60 24.62
C ARG G 160 -28.23 -2.14 23.39
N GLU G 161 -28.56 -1.60 22.24
CA GLU G 161 -27.99 -2.01 20.98
C GLU G 161 -26.58 -1.49 20.62
N VAL G 162 -26.10 -0.43 21.28
CA VAL G 162 -24.66 -0.05 21.22
C VAL G 162 -23.89 -0.89 22.28
N LEU G 163 -24.55 -1.08 23.43
CA LEU G 163 -24.19 -2.13 24.36
C LEU G 163 -23.92 -3.48 23.71
N GLU G 164 -24.81 -3.95 22.83
CA GLU G 164 -24.63 -5.32 22.26
C GLU G 164 -23.72 -5.43 21.02
N ALA G 165 -23.25 -4.31 20.47
CA ALA G 165 -22.25 -4.41 19.43
C ALA G 165 -20.78 -4.23 19.93
N PRO G 166 -19.80 -4.77 19.20
CA PRO G 166 -18.41 -4.44 19.64
C PRO G 166 -18.13 -2.90 19.77
N SER G 167 -17.30 -2.52 20.75
CA SER G 167 -16.78 -1.13 20.83
C SER G 167 -15.98 -0.72 19.57
N LEU G 168 -15.57 0.55 19.54
CA LEU G 168 -14.58 1.06 18.60
C LEU G 168 -13.23 0.42 18.83
N TYR G 169 -12.82 0.36 20.09
CA TYR G 169 -11.60 -0.37 20.50
C TYR G 169 -11.65 -1.83 20.07
N GLU G 170 -12.78 -2.51 20.32
CA GLU G 170 -12.97 -3.90 19.83
C GLU G 170 -13.01 -4.10 18.35
N GLU G 171 -13.62 -3.20 17.59
CA GLU G 171 -13.46 -3.28 16.10
C GLU G 171 -12.00 -3.08 15.61
N PHE G 172 -11.29 -2.13 16.18
CA PHE G 172 -9.86 -2.02 15.93
C PHE G 172 -9.10 -3.37 16.12
N LEU G 173 -9.32 -4.05 17.27
CA LEU G 173 -8.72 -5.37 17.53
C LEU G 173 -9.10 -6.46 16.57
N ARG G 174 -10.37 -6.45 16.11
CA ARG G 174 -10.82 -7.33 15.02
C ARG G 174 -10.16 -7.04 13.65
N TYR G 175 -10.02 -5.78 13.28
CA TYR G 175 -9.23 -5.36 12.13
C TYR G 175 -7.76 -5.86 12.25
N LEU G 176 -7.14 -5.68 13.40
CA LEU G 176 -5.82 -6.29 13.64
C LEU G 176 -5.75 -7.80 13.43
N ALA G 177 -6.76 -8.51 13.90
CA ALA G 177 -6.80 -9.93 13.74
C ALA G 177 -6.88 -10.31 12.25
N ARG G 178 -7.74 -9.66 11.47
CA ARG G 178 -7.78 -9.84 9.99
C ARG G 178 -6.47 -9.75 9.17
N PHE G 179 -5.46 -9.13 9.79
CA PHE G 179 -4.15 -8.89 9.19
C PHE G 179 -3.01 -9.49 9.96
N GLY G 180 -3.31 -10.49 10.76
CA GLY G 180 -2.24 -11.32 11.25
C GLY G 180 -1.63 -11.01 12.58
N HIS G 181 -2.08 -9.92 13.22
CA HIS G 181 -1.69 -9.60 14.62
C HIS G 181 -2.30 -10.66 15.58
N ALA G 182 -1.52 -10.99 16.59
CA ALA G 182 -1.77 -12.08 17.50
C ALA G 182 -2.77 -11.68 18.59
N ILE G 183 -3.97 -11.41 18.13
CA ILE G 183 -5.19 -11.02 18.90
C ILE G 183 -5.84 -12.32 19.49
N PRO G 184 -6.06 -12.35 20.83
CA PRO G 184 -6.72 -13.56 21.31
C PRO G 184 -8.02 -13.94 20.63
N GLN G 185 -8.28 -15.24 20.67
CA GLN G 185 -9.46 -15.82 20.12
C GLN G 185 -10.73 -15.31 20.74
N GLN G 186 -10.74 -14.94 22.05
CA GLN G 186 -11.99 -14.34 22.63
C GLN G 186 -12.57 -13.21 21.79
N TYR G 187 -11.74 -12.42 21.08
CA TYR G 187 -12.20 -11.21 20.40
C TYR G 187 -12.94 -11.60 19.14
N GLN G 188 -12.91 -12.90 18.75
CA GLN G 188 -13.67 -13.29 17.56
C GLN G 188 -15.20 -13.40 17.78
N ALA G 189 -15.60 -13.77 19.01
CA ALA G 189 -17.01 -13.78 19.44
C ALA G 189 -17.06 -13.76 20.98
N ARG G 190 -17.74 -12.75 21.53
CA ARG G 190 -17.95 -12.61 22.96
C ARG G 190 -19.22 -11.82 23.18
N ASP G 191 -19.65 -11.80 24.45
CA ASP G 191 -20.79 -11.06 25.01
C ASP G 191 -20.28 -9.61 25.04
N TRP G 192 -20.59 -8.79 24.01
CA TRP G 192 -20.02 -7.44 23.82
C TRP G 192 -20.60 -6.42 24.83
N THR G 193 -21.74 -6.71 25.43
CA THR G 193 -22.30 -5.91 26.62
C THR G 193 -21.38 -5.73 27.85
N ALA G 194 -20.45 -6.65 28.07
CA ALA G 194 -19.50 -6.48 29.18
C ALA G 194 -18.32 -5.60 28.79
N ALA G 195 -18.08 -4.55 29.56
CA ALA G 195 -16.89 -3.67 29.42
C ALA G 195 -15.64 -4.48 29.24
N HIS G 196 -14.76 -3.96 28.35
CA HIS G 196 -13.50 -4.59 27.97
C HIS G 196 -12.65 -4.68 29.22
N VAL G 197 -12.02 -5.82 29.49
CA VAL G 197 -11.07 -5.91 30.64
C VAL G 197 -9.61 -5.86 30.12
N ALA G 198 -8.75 -5.08 30.79
CA ALA G 198 -7.36 -4.92 30.36
C ALA G 198 -6.73 -6.29 30.10
N ASP G 199 -5.91 -6.41 29.07
CA ASP G 199 -5.44 -7.71 28.58
C ASP G 199 -3.92 -7.77 28.31
N ASP G 200 -3.13 -8.44 29.13
CA ASP G 200 -1.72 -8.21 28.91
C ASP G 200 -1.02 -9.02 27.76
N THR G 201 -1.77 -9.95 27.16
CA THR G 201 -1.49 -10.62 25.89
C THR G 201 -1.59 -9.65 24.72
N LEU G 202 -2.18 -8.45 24.93
CA LEU G 202 -2.15 -7.43 23.86
C LEU G 202 -0.88 -6.62 23.89
N ARG G 203 -0.07 -6.78 24.93
CA ARG G 203 1.16 -6.03 24.97
C ARG G 203 2.09 -6.46 23.86
N PRO G 204 2.43 -7.78 23.76
CA PRO G 204 3.15 -8.16 22.55
C PRO G 204 2.70 -7.57 21.21
N VAL G 205 1.37 -7.50 20.97
CA VAL G 205 0.81 -6.99 19.72
C VAL G 205 1.18 -5.53 19.46
N PHE G 206 1.02 -4.67 20.47
CA PHE G 206 1.26 -3.22 20.28
C PHE G 206 2.75 -2.92 20.34
N GLU G 207 3.52 -3.65 21.14
CA GLU G 207 5.00 -3.51 21.00
C GLU G 207 5.52 -3.79 19.59
N ARG G 208 5.11 -4.89 18.95
CA ARG G 208 5.55 -5.18 17.58
C ARG G 208 5.15 -4.05 16.57
N ILE G 209 3.90 -3.54 16.69
CA ILE G 209 3.42 -2.33 15.94
C ILE G 209 4.41 -1.13 16.11
N TYR G 210 4.74 -0.86 17.37
CA TYR G 210 5.50 0.33 17.76
C TYR G 210 6.98 0.25 17.50
N GLU G 211 7.52 -0.98 17.50
CA GLU G 211 8.93 -1.22 17.12
C GLU G 211 9.21 -1.29 15.60
N ASN G 212 8.23 -1.22 14.71
CA ASN G 212 8.47 -1.18 13.23
C ASN G 212 7.36 -0.44 12.56
N THR G 213 7.35 0.86 12.82
CA THR G 213 6.30 1.76 12.27
C THR G 213 6.37 1.93 10.75
N ASP G 214 7.55 1.87 10.17
CA ASP G 214 7.68 1.72 8.70
C ASP G 214 6.75 0.59 8.20
N ARG G 215 6.84 -0.59 8.84
CA ARG G 215 6.05 -1.76 8.45
C ARG G 215 4.59 -1.67 8.81
N TYR G 216 4.33 -1.32 10.05
CA TYR G 216 2.97 -1.28 10.57
C TYR G 216 2.48 0.12 10.63
N TRP G 217 2.67 0.85 9.53
CA TRP G 217 2.26 2.30 9.47
C TRP G 217 0.77 2.62 9.70
N ARG G 218 -0.09 1.82 9.11
CA ARG G 218 -1.52 1.96 9.21
C ARG G 218 -2.01 1.66 10.62
N GLU G 219 -1.45 0.60 11.21
CA GLU G 219 -1.88 0.16 12.55
C GLU G 219 -1.44 1.18 13.57
N TYR G 220 -0.18 1.63 13.45
CA TYR G 220 0.42 2.77 14.12
C TYR G 220 -0.38 4.07 13.97
N SER G 221 -0.68 4.53 12.78
CA SER G 221 -1.56 5.69 12.59
C SER G 221 -2.87 5.59 13.36
N LEU G 222 -3.51 4.43 13.20
CA LEU G 222 -4.74 4.14 13.95
C LEU G 222 -4.56 4.10 15.45
N CYS G 223 -3.44 3.56 15.93
CA CYS G 223 -3.32 3.42 17.39
C CYS G 223 -3.18 4.82 17.96
N GLU G 224 -2.51 5.69 17.19
CA GLU G 224 -2.32 7.08 17.60
C GLU G 224 -3.62 7.86 17.51
N ASP G 225 -4.53 7.49 16.55
CA ASP G 225 -5.89 8.12 16.51
C ASP G 225 -6.67 7.77 17.80
N LEU G 226 -6.56 6.50 18.25
CA LEU G 226 -7.35 6.08 19.39
C LEU G 226 -6.84 6.80 20.64
N VAL G 227 -5.52 6.88 20.84
CA VAL G 227 -4.89 7.61 21.93
C VAL G 227 -5.36 9.11 21.95
N ASP G 228 -5.44 9.76 20.80
CA ASP G 228 -5.86 11.17 20.62
C ASP G 228 -7.32 11.36 21.03
N VAL G 229 -8.20 10.42 20.64
CA VAL G 229 -9.65 10.40 20.98
C VAL G 229 -9.90 10.18 22.49
N GLU G 230 -9.13 9.27 23.10
CA GLU G 230 -9.17 9.14 24.55
C GLU G 230 -8.62 10.38 25.34
N THR G 231 -7.45 10.88 24.95
CA THR G 231 -6.98 12.17 25.46
C THR G 231 -8.05 13.26 25.37
N GLN G 232 -8.65 13.46 24.19
CA GLN G 232 -9.58 14.54 24.06
C GLN G 232 -10.82 14.40 24.96
N PHE G 233 -11.37 13.21 25.06
CA PHE G 233 -12.49 12.87 25.93
C PHE G 233 -12.19 13.08 27.44
N GLN G 234 -11.02 12.67 27.87
CA GLN G 234 -10.58 12.92 29.25
C GLN G 234 -10.40 14.43 29.53
N LEU G 235 -9.93 15.17 28.52
CA LEU G 235 -9.81 16.61 28.62
C LEU G 235 -11.23 17.23 28.85
N TRP G 236 -12.22 16.79 28.05
CA TRP G 236 -13.65 17.16 28.27
C TRP G 236 -14.04 16.88 29.74
N ARG G 237 -13.86 15.64 30.18
CA ARG G 237 -14.22 15.25 31.51
C ARG G 237 -13.53 16.13 32.58
N PHE G 238 -12.26 16.46 32.35
CA PHE G 238 -11.58 17.27 33.26
C PHE G 238 -12.14 18.68 33.31
N ARG G 239 -12.38 19.29 32.14
CA ARG G 239 -12.82 20.69 32.11
C ARG G 239 -14.26 20.75 32.74
N HIS G 240 -15.08 19.76 32.41
CA HIS G 240 -16.35 19.65 33.05
C HIS G 240 -16.16 19.62 34.58
N MET G 241 -15.24 18.74 35.08
CA MET G 241 -15.02 18.58 36.52
C MET G 241 -14.54 19.94 37.16
N ARG G 242 -13.63 20.68 36.54
CA ARG G 242 -13.19 21.97 37.13
C ARG G 242 -14.30 23.01 37.11
N THR G 243 -15.20 22.91 36.15
CA THR G 243 -16.34 23.81 36.07
C THR G 243 -17.33 23.48 37.18
N VAL G 244 -17.51 22.22 37.45
CA VAL G 244 -18.21 21.83 38.64
C VAL G 244 -17.55 22.39 39.94
N MET G 245 -16.21 22.38 40.06
CA MET G 245 -15.58 22.74 41.33
C MET G 245 -15.89 24.22 41.66
N ARG G 246 -15.98 25.01 40.60
CA ARG G 246 -16.05 26.45 40.62
C ARG G 246 -17.52 26.97 40.72
N VAL G 247 -18.45 26.13 40.25
CA VAL G 247 -19.89 26.39 40.33
C VAL G 247 -20.58 25.91 41.66
N ILE G 248 -20.44 24.64 42.04
CA ILE G 248 -21.12 24.07 43.25
C ILE G 248 -20.09 23.57 44.27
N GLY G 249 -18.84 23.61 43.87
CA GLY G 249 -17.77 23.16 44.75
C GLY G 249 -17.94 21.71 45.07
N PHE G 250 -17.50 21.33 46.26
CA PHE G 250 -17.31 19.90 46.54
C PHE G 250 -18.43 19.33 47.45
N LYS G 251 -19.66 19.44 46.93
CA LYS G 251 -20.84 18.81 47.51
C LYS G 251 -21.92 18.44 46.41
N ARG G 252 -23.14 18.07 46.82
CA ARG G 252 -23.95 17.11 46.02
C ARG G 252 -24.59 17.57 44.71
N GLY G 253 -24.60 16.64 43.77
CA GLY G 253 -25.30 16.86 42.57
C GLY G 253 -26.79 16.71 42.74
N THR G 254 -27.46 17.32 41.77
CA THR G 254 -28.90 17.14 41.52
C THR G 254 -29.31 15.75 41.00
N GLY G 255 -28.41 15.09 40.27
CA GLY G 255 -28.51 13.67 39.98
C GLY G 255 -28.46 12.75 41.20
N GLY G 256 -28.07 13.32 42.36
CA GLY G 256 -27.90 12.55 43.63
C GLY G 256 -26.53 12.00 44.01
N SER G 257 -25.52 12.25 43.15
CA SER G 257 -24.18 11.69 43.39
C SER G 257 -23.35 12.62 44.26
N SER G 258 -22.18 12.17 44.70
CA SER G 258 -21.26 12.96 45.53
C SER G 258 -20.64 14.21 44.90
N GLY G 259 -20.86 14.35 43.59
CA GLY G 259 -20.47 15.51 42.78
C GLY G 259 -19.16 15.32 41.99
N VAL G 260 -18.15 16.08 42.42
CA VAL G 260 -16.76 16.06 41.89
C VAL G 260 -16.01 14.76 42.11
N GLY G 261 -16.21 14.15 43.28
CA GLY G 261 -15.73 12.77 43.56
C GLY G 261 -16.19 11.63 42.61
N PHE G 262 -17.49 11.63 42.28
CA PHE G 262 -18.13 10.72 41.31
C PHE G 262 -17.52 10.96 39.90
N LEU G 263 -17.21 12.23 39.61
CA LEU G 263 -16.68 12.59 38.28
C LEU G 263 -15.21 12.21 38.11
N GLN G 264 -14.47 12.28 39.22
CA GLN G 264 -13.06 11.94 39.27
C GLN G 264 -12.72 10.44 39.15
N GLN G 265 -13.70 9.64 39.60
CA GLN G 265 -13.83 8.22 39.35
C GLN G 265 -14.00 7.91 37.87
N ALA G 266 -14.63 8.79 37.10
CA ALA G 266 -14.69 8.53 35.66
C ALA G 266 -13.34 8.87 35.04
N LEU G 267 -12.68 9.91 35.57
CA LEU G 267 -11.38 10.37 35.07
C LEU G 267 -10.29 9.32 35.34
N ALA G 268 -10.51 8.44 36.33
CA ALA G 268 -9.61 7.32 36.62
C ALA G 268 -9.83 6.11 35.67
N LEU G 269 -10.81 6.17 34.78
CA LEU G 269 -10.97 5.09 33.79
C LEU G 269 -10.24 5.41 32.47
N THR G 270 -9.89 4.35 31.76
CA THR G 270 -9.24 4.46 30.47
C THR G 270 -10.04 3.54 29.54
N PHE G 271 -10.32 3.96 28.31
CA PHE G 271 -11.04 3.10 27.29
C PHE G 271 -10.15 2.11 26.54
N PHE G 272 -8.86 2.47 26.41
CA PHE G 272 -7.93 1.78 25.55
C PHE G 272 -6.66 1.47 26.36
N PRO G 273 -6.78 0.67 27.46
CA PRO G 273 -5.67 0.56 28.43
C PRO G 273 -4.42 -0.06 27.89
N GLU G 274 -4.54 -1.06 27.02
CA GLU G 274 -3.32 -1.63 26.41
C GLU G 274 -2.58 -0.62 25.50
N LEU G 275 -3.32 0.29 24.80
CA LEU G 275 -2.60 1.35 24.03
C LEU G 275 -1.71 2.24 24.96
N PHE G 276 -2.12 2.43 26.23
CA PHE G 276 -1.40 3.27 27.22
C PHE G 276 -0.29 2.47 27.99
N ASP G 277 -0.69 1.24 28.37
CA ASP G 277 0.18 0.26 29.06
C ASP G 277 1.42 0.02 28.21
N VAL G 278 1.29 0.08 26.89
CA VAL G 278 2.43 -0.32 26.02
C VAL G 278 3.60 0.67 26.00
N ARG G 279 3.32 1.92 26.40
CA ARG G 279 4.37 2.97 26.50
C ARG G 279 5.48 2.61 27.49
N THR G 280 5.12 1.76 28.46
CA THR G 280 6.05 1.33 29.49
C THR G 280 7.06 0.35 28.93
N SER G 281 6.74 -0.35 27.86
CA SER G 281 7.65 -1.37 27.36
C SER G 281 8.28 -1.09 26.00
N VAL G 282 7.88 -0.01 25.33
CA VAL G 282 8.50 0.40 24.05
C VAL G 282 9.99 0.74 24.23
N LEU H 22 -38.20 16.96 37.03
CA LEU H 22 -37.90 16.88 35.57
C LEU H 22 -36.78 15.89 35.41
N THR H 23 -36.57 15.53 34.15
CA THR H 23 -35.40 14.81 33.71
C THR H 23 -34.57 15.80 32.88
N TYR H 24 -33.28 15.53 32.77
CA TYR H 24 -32.36 16.30 31.92
C TYR H 24 -32.94 16.56 30.48
N GLY H 25 -33.30 15.47 29.78
CA GLY H 25 -33.91 15.55 28.44
C GLY H 25 -35.23 16.31 28.45
N GLY H 26 -36.02 16.19 29.53
CA GLY H 26 -37.21 16.99 29.73
C GLY H 26 -36.91 18.44 29.88
N TYR H 27 -36.10 18.78 30.87
CA TYR H 27 -35.77 20.21 31.07
C TYR H 27 -35.19 20.93 29.78
N LEU H 28 -34.26 20.24 29.11
CA LEU H 28 -33.60 20.77 27.90
C LEU H 28 -34.35 20.51 26.59
N ARG H 29 -35.59 20.04 26.67
CA ARG H 29 -36.47 19.75 25.49
C ARG H 29 -35.89 18.94 24.32
N LEU H 30 -35.12 17.89 24.63
CA LEU H 30 -34.31 17.11 23.63
C LEU H 30 -35.11 16.28 22.64
N ASP H 31 -36.36 15.99 23.00
CA ASP H 31 -37.36 15.41 22.08
C ASP H 31 -37.55 16.32 20.82
N GLN H 32 -37.65 17.63 21.08
CA GLN H 32 -37.87 18.67 20.09
C GLN H 32 -36.55 19.05 19.39
N LEU H 33 -35.56 19.40 20.20
CA LEU H 33 -34.20 19.78 19.75
C LEU H 33 -33.58 18.75 18.75
N LEU H 34 -33.66 17.48 19.12
CA LEU H 34 -32.94 16.38 18.46
C LEU H 34 -33.77 15.63 17.40
N SER H 35 -34.91 16.22 17.05
CA SER H 35 -35.74 15.86 15.90
C SER H 35 -35.74 16.96 14.86
N ALA H 36 -34.96 18.04 15.13
CA ALA H 36 -34.91 19.21 14.26
C ALA H 36 -33.85 19.02 13.14
N GLN H 37 -33.23 17.84 13.10
CA GLN H 37 -32.21 17.44 12.09
C GLN H 37 -32.75 16.56 10.96
N GLN H 38 -33.08 17.17 9.85
CA GLN H 38 -33.81 16.43 8.82
C GLN H 38 -33.14 16.48 7.41
N PRO H 39 -32.05 15.71 7.19
CA PRO H 39 -31.29 15.74 5.93
C PRO H 39 -32.23 15.60 4.71
N LEU H 40 -31.93 16.33 3.63
CA LEU H 40 -32.83 16.28 2.49
C LEU H 40 -32.37 15.28 1.40
N SER H 41 -31.17 14.71 1.55
CA SER H 41 -30.64 13.96 0.41
C SER H 41 -31.08 12.49 0.24
N GLU H 42 -31.20 12.06 -1.03
CA GLU H 42 -31.71 10.71 -1.36
C GLU H 42 -30.85 10.10 -2.45
N PRO H 43 -30.10 9.02 -2.11
CA PRO H 43 -30.05 8.44 -0.76
C PRO H 43 -29.28 9.36 0.21
N ALA H 44 -29.30 9.05 1.51
CA ALA H 44 -28.76 9.96 2.52
C ALA H 44 -27.29 10.00 2.58
N HIS H 45 -26.74 11.29 2.44
CA HIS H 45 -25.32 11.65 2.43
C HIS H 45 -24.68 11.77 3.83
N HIS H 46 -23.59 11.03 4.07
CA HIS H 46 -22.94 11.02 5.36
C HIS H 46 -22.69 12.45 5.87
N ASP H 47 -22.32 13.38 4.96
CA ASP H 47 -21.76 14.69 5.34
C ASP H 47 -22.83 15.79 5.57
N GLU H 48 -24.04 15.57 5.06
CA GLU H 48 -25.17 16.51 5.29
C GLU H 48 -25.44 16.85 6.79
N MET H 49 -25.26 15.85 7.63
CA MET H 49 -25.48 15.93 9.04
C MET H 49 -24.57 16.90 9.77
N LEU H 50 -23.26 16.82 9.47
CA LEU H 50 -22.28 17.81 9.95
C LEU H 50 -22.81 19.20 9.64
N PHE H 51 -23.27 19.34 8.41
CA PHE H 51 -23.74 20.57 7.85
C PHE H 51 -24.96 21.10 8.63
N ILE H 52 -25.84 20.17 9.02
CA ILE H 52 -26.98 20.64 9.78
C ILE H 52 -26.52 21.11 11.17
N ILE H 53 -25.66 20.33 11.83
CA ILE H 53 -25.27 20.59 13.22
C ILE H 53 -24.44 21.86 13.36
N GLN H 54 -23.55 22.11 12.38
CA GLN H 54 -22.65 23.31 12.37
C GLN H 54 -23.43 24.65 12.42
N ALA H 55 -24.38 24.77 11.47
CA ALA H 55 -25.35 25.85 11.38
C ALA H 55 -26.26 26.01 12.62
N GLN H 56 -26.74 24.89 13.17
CA GLN H 56 -27.70 24.85 14.28
C GLN H 56 -27.03 25.24 15.60
N THR H 57 -25.82 24.71 15.84
CA THR H 57 -25.08 25.07 17.08
C THR H 57 -24.68 26.52 16.99
N SER H 58 -24.39 27.02 15.77
CA SER H 58 -24.12 28.44 15.56
C SER H 58 -25.35 29.24 15.92
N GLU H 59 -26.53 28.81 15.40
CA GLU H 59 -27.81 29.49 15.77
C GLU H 59 -28.11 29.53 17.27
N LEU H 60 -27.80 28.44 17.97
CA LEU H 60 -27.93 28.47 19.43
C LEU H 60 -26.99 29.49 20.10
N TRP H 61 -25.72 29.56 19.63
CA TRP H 61 -24.80 30.53 20.17
C TRP H 61 -25.23 31.90 19.77
N LEU H 62 -25.78 32.04 18.54
CA LEU H 62 -26.42 33.33 18.16
C LEU H 62 -27.58 33.83 19.02
N LYS H 63 -28.45 32.94 19.47
CA LYS H 63 -29.56 33.25 20.35
C LYS H 63 -29.03 33.70 21.76
N LEU H 64 -28.09 32.93 22.32
CA LEU H 64 -27.40 33.33 23.52
C LEU H 64 -26.72 34.72 23.31
N LEU H 65 -25.97 34.87 22.20
CA LEU H 65 -25.37 36.14 21.85
C LEU H 65 -26.32 37.31 21.92
N ALA H 66 -27.46 37.23 21.26
CA ALA H 66 -28.37 38.39 21.32
C ALA H 66 -28.99 38.68 22.70
N HIS H 67 -29.19 37.64 23.51
CA HIS H 67 -29.77 37.74 24.89
C HIS H 67 -28.78 38.43 25.87
N GLU H 68 -27.50 38.18 25.58
CA GLU H 68 -26.43 38.73 26.33
C GLU H 68 -26.21 40.18 25.89
N LEU H 69 -26.19 40.44 24.58
CA LEU H 69 -25.97 41.80 24.10
C LEU H 69 -27.03 42.79 24.62
N ARG H 70 -28.32 42.55 24.36
CA ARG H 70 -29.48 43.20 25.00
C ARG H 70 -29.31 43.58 26.52
N ALA H 71 -28.88 42.63 27.37
CA ALA H 71 -28.55 42.91 28.78
C ALA H 71 -27.36 43.86 28.98
N ALA H 72 -26.37 43.90 28.10
CA ALA H 72 -25.32 44.89 28.29
C ALA H 72 -25.78 46.31 27.94
N ILE H 73 -26.73 46.38 26.99
CA ILE H 73 -27.39 47.62 26.60
C ILE H 73 -28.22 48.14 27.76
N VAL H 74 -29.04 47.27 28.35
CA VAL H 74 -29.74 47.65 29.61
C VAL H 74 -28.75 48.14 30.71
N HIS H 75 -27.66 47.42 30.96
CA HIS H 75 -26.78 47.83 32.01
C HIS H 75 -26.18 49.18 31.72
N LEU H 76 -25.89 49.44 30.44
CA LEU H 76 -25.17 50.64 30.08
C LEU H 76 -26.12 51.87 30.13
N GLN H 77 -27.39 51.64 29.80
CA GLN H 77 -28.45 52.57 30.00
C GLN H 77 -28.53 52.99 31.45
N ARG H 78 -28.57 52.02 32.36
CA ARG H 78 -28.60 52.22 33.78
C ARG H 78 -27.30 52.71 34.42
N ASP H 79 -26.31 52.97 33.57
CA ASP H 79 -24.92 53.39 33.96
C ASP H 79 -24.11 52.38 34.80
N GLU H 80 -24.46 51.09 34.67
CA GLU H 80 -23.97 50.00 35.49
C GLU H 80 -22.80 49.37 34.73
N VAL H 81 -21.60 49.90 34.98
CA VAL H 81 -20.45 49.62 34.15
C VAL H 81 -19.80 48.25 34.35
N TRP H 82 -19.72 47.79 35.61
CA TRP H 82 -19.01 46.55 35.95
C TRP H 82 -19.80 45.39 35.48
N GLN H 83 -21.12 45.53 35.57
CA GLN H 83 -22.09 44.58 35.02
C GLN H 83 -22.08 44.43 33.52
N CYS H 84 -22.17 45.55 32.81
CA CYS H 84 -21.93 45.59 31.39
C CYS H 84 -20.72 44.75 30.93
N ARG H 85 -19.55 45.03 31.51
CA ARG H 85 -18.31 44.33 31.16
C ARG H 85 -18.35 42.85 31.52
N LYS H 86 -18.96 42.46 32.65
CA LYS H 86 -19.17 41.01 32.94
C LYS H 86 -20.04 40.34 31.82
N VAL H 87 -21.13 41.00 31.39
CA VAL H 87 -21.96 40.58 30.19
C VAL H 87 -21.21 40.61 28.85
N LEU H 88 -20.40 41.65 28.64
CA LEU H 88 -19.56 41.77 27.46
C LEU H 88 -18.49 40.62 27.37
N ALA H 89 -17.89 40.27 28.51
CA ALA H 89 -16.98 39.15 28.71
C ALA H 89 -17.61 37.80 28.25
N ARG H 90 -18.81 37.50 28.71
CA ARG H 90 -19.59 36.34 28.19
C ARG H 90 -19.86 36.33 26.65
N SER H 91 -20.26 37.50 26.15
CA SER H 91 -20.48 37.67 24.72
C SER H 91 -19.15 37.34 23.95
N LYS H 92 -18.01 37.90 24.39
CA LYS H 92 -16.69 37.59 23.80
C LYS H 92 -16.32 36.11 23.78
N GLN H 93 -16.69 35.38 24.85
CA GLN H 93 -16.57 33.91 24.95
C GLN H 93 -17.53 33.15 23.96
N VAL H 94 -18.75 33.64 23.85
CA VAL H 94 -19.68 33.10 22.88
C VAL H 94 -19.09 33.33 21.51
N LEU H 95 -18.71 34.57 21.18
CA LEU H 95 -18.07 34.82 19.88
C LEU H 95 -16.84 33.94 19.65
N ARG H 96 -15.94 33.81 20.67
CA ARG H 96 -14.81 32.87 20.53
C ARG H 96 -15.26 31.42 20.09
N GLN H 97 -16.39 30.92 20.59
CA GLN H 97 -16.91 29.59 20.22
C GLN H 97 -17.41 29.59 18.76
N LEU H 98 -18.17 30.60 18.38
CA LEU H 98 -18.59 30.81 16.96
C LEU H 98 -17.45 30.75 15.92
N THR H 99 -16.29 31.29 16.32
CA THR H 99 -15.06 31.31 15.54
C THR H 99 -14.29 29.95 15.59
N GLU H 100 -14.19 29.34 16.77
CA GLU H 100 -13.45 28.08 16.95
C GLU H 100 -14.05 26.97 16.07
N GLN H 101 -15.40 26.97 16.04
CA GLN H 101 -16.15 25.88 15.52
C GLN H 101 -16.01 25.64 13.99
N TRP H 102 -15.46 26.64 13.28
CA TRP H 102 -15.07 26.53 11.88
C TRP H 102 -14.15 25.38 11.63
N SER H 103 -13.24 25.12 12.57
CA SER H 103 -12.30 24.01 12.40
C SER H 103 -12.88 22.62 12.03
N VAL H 104 -14.17 22.39 12.41
CA VAL H 104 -14.88 21.11 12.23
C VAL H 104 -15.32 20.99 10.80
N LEU H 105 -15.91 22.06 10.28
CA LEU H 105 -16.52 22.09 8.99
C LEU H 105 -15.45 22.19 7.88
N GLU H 106 -14.22 22.50 8.28
CA GLU H 106 -13.04 22.40 7.40
C GLU H 106 -12.59 20.94 7.03
N THR H 107 -13.13 19.97 7.74
CA THR H 107 -12.90 18.56 7.41
C THR H 107 -13.91 18.17 6.30
N LEU H 108 -14.68 19.17 5.83
CA LEU H 108 -15.59 19.05 4.70
C LEU H 108 -14.96 19.44 3.32
N THR H 109 -14.90 18.45 2.43
CA THR H 109 -14.25 18.70 1.15
C THR H 109 -15.26 19.01 0.03
N PRO H 110 -14.76 19.59 -1.05
CA PRO H 110 -15.58 19.85 -2.20
C PRO H 110 -16.16 18.55 -2.89
N SER H 111 -15.46 17.41 -2.89
CA SER H 111 -16.05 16.17 -3.46
C SER H 111 -17.12 15.59 -2.58
N GLU H 112 -17.14 15.98 -1.31
CA GLU H 112 -18.24 15.53 -0.38
C GLU H 112 -19.45 16.47 -0.45
N TYR H 113 -19.15 17.77 -0.55
CA TYR H 113 -20.13 18.82 -0.54
C TYR H 113 -21.00 18.78 -1.78
N MET H 114 -20.36 18.46 -2.90
CA MET H 114 -21.02 18.39 -4.17
C MET H 114 -22.05 17.30 -4.27
N GLY H 115 -21.99 16.33 -3.36
CA GLY H 115 -22.98 15.26 -3.28
C GLY H 115 -24.31 15.60 -2.60
N PHE H 116 -24.44 16.77 -1.96
CA PHE H 116 -25.75 17.27 -1.40
C PHE H 116 -26.06 18.76 -1.55
N ARG H 117 -25.14 19.58 -2.12
CA ARG H 117 -25.33 21.03 -2.14
C ARG H 117 -26.56 21.33 -2.99
N ASP H 118 -26.77 20.50 -4.04
CA ASP H 118 -28.03 20.34 -4.83
C ASP H 118 -29.38 20.38 -4.04
N VAL H 119 -29.43 19.83 -2.82
CA VAL H 119 -30.71 19.76 -2.02
C VAL H 119 -31.07 21.03 -1.22
N LEU H 120 -30.11 21.94 -1.15
CA LEU H 120 -30.24 23.22 -0.39
C LEU H 120 -31.08 24.25 -1.14
N GLY H 121 -31.15 24.08 -2.47
CA GLY H 121 -31.65 25.12 -3.34
C GLY H 121 -31.15 26.49 -2.91
N PRO H 122 -32.07 27.42 -2.63
CA PRO H 122 -31.61 28.81 -2.39
C PRO H 122 -31.26 29.13 -0.91
N SER H 123 -31.34 28.16 0.00
CA SER H 123 -31.12 28.47 1.40
C SER H 123 -29.72 28.99 1.57
N SER H 124 -29.59 29.97 2.46
CA SER H 124 -28.33 30.63 2.74
C SER H 124 -28.35 31.27 4.14
N GLY H 125 -27.23 31.12 4.87
CA GLY H 125 -26.95 31.83 6.15
C GLY H 125 -27.32 33.31 6.13
N PHE H 126 -27.25 33.90 4.93
CA PHE H 126 -27.77 35.22 4.57
C PHE H 126 -29.28 35.43 4.89
N GLN H 127 -29.96 34.32 5.21
CA GLN H 127 -31.36 34.27 5.60
C GLN H 127 -31.44 33.93 7.09
N SER H 128 -30.37 34.20 7.83
CA SER H 128 -30.42 33.97 9.26
C SER H 128 -30.92 35.24 9.95
N LEU H 129 -32.13 35.17 10.50
CA LEU H 129 -32.74 36.31 11.22
C LEU H 129 -31.79 36.71 12.38
N GLN H 130 -31.29 35.69 13.09
CA GLN H 130 -30.47 35.85 14.28
C GLN H 130 -29.13 36.53 14.06
N TYR H 131 -28.46 36.12 13.00
CA TYR H 131 -27.23 36.75 12.65
C TYR H 131 -27.50 38.23 12.26
N ARG H 132 -28.60 38.45 11.50
CA ARG H 132 -28.99 39.78 11.04
C ARG H 132 -29.38 40.65 12.23
N TYR H 133 -30.06 40.05 13.22
CA TYR H 133 -30.41 40.75 14.45
C TYR H 133 -29.12 41.30 15.09
N ILE H 134 -28.17 40.40 15.37
CA ILE H 134 -26.81 40.82 15.86
C ILE H 134 -26.08 41.95 15.01
N GLU H 135 -25.89 41.78 13.71
CA GLU H 135 -25.35 42.87 12.82
C GLU H 135 -25.97 44.22 13.17
N PHE H 136 -27.32 44.23 13.24
CA PHE H 136 -28.14 45.40 13.62
C PHE H 136 -27.94 45.95 15.01
N LEU H 137 -27.84 45.03 15.96
CA LEU H 137 -27.66 45.39 17.34
C LEU H 137 -26.25 45.90 17.61
N LEU H 138 -25.24 45.39 16.90
CA LEU H 138 -23.90 45.96 16.94
C LEU H 138 -23.72 47.21 16.07
N GLY H 139 -24.55 47.38 15.03
CA GLY H 139 -24.66 48.70 14.36
C GLY H 139 -24.69 48.84 12.86
N ASN H 140 -24.39 47.74 12.20
CA ASN H 140 -24.41 47.60 10.78
C ASN H 140 -25.83 47.41 10.26
N LYS H 141 -26.58 48.52 10.23
CA LYS H 141 -28.00 48.59 9.83
C LYS H 141 -28.18 48.78 8.32
N ASN H 142 -28.86 47.84 7.68
CA ASN H 142 -29.24 47.95 6.29
C ASN H 142 -30.72 47.60 6.31
N PRO H 143 -31.61 48.55 5.93
CA PRO H 143 -33.00 48.14 5.76
C PRO H 143 -33.25 47.44 4.41
N GLN H 144 -32.26 47.41 3.51
CA GLN H 144 -32.36 46.53 2.34
C GLN H 144 -32.38 45.05 2.80
N MET H 145 -31.97 44.82 4.05
CA MET H 145 -31.99 43.51 4.67
C MET H 145 -33.38 43.08 5.12
N LEU H 146 -34.37 43.96 5.03
CA LEU H 146 -35.70 43.58 5.43
C LEU H 146 -36.47 42.86 4.29
N GLN H 147 -36.08 43.11 3.03
CA GLN H 147 -36.64 42.47 1.83
C GLN H 147 -36.63 40.92 1.85
N VAL H 148 -35.48 40.35 2.24
CA VAL H 148 -35.30 38.87 2.44
C VAL H 148 -36.26 38.20 3.42
N PHE H 149 -36.63 38.88 4.50
CA PHE H 149 -37.47 38.25 5.53
C PHE H 149 -38.98 38.56 5.44
N ALA H 150 -39.46 38.90 4.23
CA ALA H 150 -40.88 39.24 4.00
C ALA H 150 -41.77 37.99 4.00
N TYR H 151 -41.16 36.86 3.62
CA TYR H 151 -41.69 35.53 3.83
C TYR H 151 -42.02 35.23 5.33
N ASP H 152 -41.49 36.04 6.26
CA ASP H 152 -41.69 35.88 7.73
C ASP H 152 -42.00 37.23 8.40
N PRO H 153 -43.29 37.67 8.37
CA PRO H 153 -43.61 39.04 8.83
C PRO H 153 -43.37 39.22 10.32
N ALA H 154 -43.47 38.11 11.05
CA ALA H 154 -43.31 38.09 12.50
C ALA H 154 -41.84 38.11 12.98
N GLY H 155 -40.93 37.79 12.06
CA GLY H 155 -39.48 37.75 12.29
C GLY H 155 -38.94 39.06 11.75
N GLN H 156 -39.50 39.44 10.61
CA GLN H 156 -39.21 40.74 9.99
C GLN H 156 -39.56 41.90 10.92
N ALA H 157 -40.64 41.72 11.71
CA ALA H 157 -41.03 42.72 12.72
C ALA H 157 -40.05 42.82 13.91
N ARG H 158 -39.49 41.69 14.39
CA ARG H 158 -38.45 41.67 15.44
C ARG H 158 -37.23 42.52 15.02
N LEU H 159 -36.81 42.33 13.75
CA LEU H 159 -35.69 43.06 13.11
C LEU H 159 -35.87 44.59 12.94
N ARG H 160 -37.11 45.05 12.70
CA ARG H 160 -37.44 46.50 12.63
C ARG H 160 -37.30 47.15 13.99
N GLU H 161 -37.66 46.43 15.07
CA GLU H 161 -37.54 46.93 16.46
C GLU H 161 -36.11 47.23 16.85
N VAL H 162 -35.18 46.36 16.40
CA VAL H 162 -33.70 46.57 16.54
C VAL H 162 -33.10 47.54 15.49
N LEU H 163 -33.70 47.61 14.30
CA LEU H 163 -33.31 48.60 13.27
C LEU H 163 -33.57 50.07 13.70
N GLU H 164 -34.57 50.30 14.56
CA GLU H 164 -34.93 51.67 14.99
C GLU H 164 -34.55 52.12 16.41
N ALA H 165 -34.00 51.22 17.21
CA ALA H 165 -33.41 51.51 18.51
C ALA H 165 -31.90 51.83 18.34
N PRO H 166 -31.29 52.57 19.29
CA PRO H 166 -29.86 52.83 19.21
C PRO H 166 -29.03 51.54 19.31
N SER H 167 -28.05 51.43 18.42
CA SER H 167 -27.09 50.33 18.44
C SER H 167 -26.35 50.26 19.79
N LEU H 168 -25.68 49.12 20.09
CA LEU H 168 -24.73 49.02 21.25
C LEU H 168 -23.75 50.19 21.40
N TYR H 169 -23.23 50.59 20.25
CA TYR H 169 -22.36 51.70 20.20
C TYR H 169 -23.07 53.02 20.60
N GLU H 170 -24.12 53.40 19.88
CA GLU H 170 -24.93 54.59 20.24
C GLU H 170 -25.23 54.71 21.77
N GLU H 171 -25.82 53.67 22.36
CA GLU H 171 -25.93 53.51 23.81
C GLU H 171 -24.62 53.72 24.60
N PHE H 172 -23.47 53.32 24.04
CA PHE H 172 -22.17 53.67 24.64
C PHE H 172 -21.88 55.17 24.64
N LEU H 173 -22.07 55.80 23.49
CA LEU H 173 -21.93 57.28 23.35
C LEU H 173 -22.91 58.10 24.23
N ARG H 174 -24.17 57.65 24.31
CA ARG H 174 -25.17 58.22 25.21
C ARG H 174 -24.77 58.02 26.69
N TYR H 175 -24.17 56.87 27.00
CA TYR H 175 -23.49 56.75 28.28
C TYR H 175 -22.37 57.79 28.48
N LEU H 176 -21.49 57.97 27.49
CA LEU H 176 -20.34 58.91 27.63
C LEU H 176 -20.82 60.38 27.90
N ALA H 177 -21.89 60.78 27.17
CA ALA H 177 -22.64 62.03 27.37
C ALA H 177 -23.21 62.21 28.78
N ARG H 178 -23.81 61.16 29.38
CA ARG H 178 -24.27 61.23 30.80
C ARG H 178 -23.15 61.47 31.82
N PHE H 179 -21.90 61.41 31.35
CA PHE H 179 -20.72 61.59 32.19
C PHE H 179 -19.78 62.76 31.85
N GLY H 180 -20.30 63.74 31.09
CA GLY H 180 -19.57 64.97 30.78
C GLY H 180 -18.61 64.85 29.63
N HIS H 181 -18.91 63.96 28.69
CA HIS H 181 -18.05 63.74 27.55
C HIS H 181 -18.61 64.55 26.42
N ALA H 182 -17.71 65.13 25.66
CA ALA H 182 -18.08 66.12 24.65
C ALA H 182 -18.73 65.48 23.41
N ILE H 183 -19.85 64.79 23.66
CA ILE H 183 -20.63 63.99 22.70
C ILE H 183 -21.64 64.92 22.01
N PRO H 184 -21.76 64.85 20.65
CA PRO H 184 -22.61 65.79 19.88
C PRO H 184 -24.09 65.85 20.32
N GLN H 185 -24.82 66.88 19.90
CA GLN H 185 -26.28 66.91 20.10
C GLN H 185 -27.03 65.57 19.79
N GLN H 186 -26.91 65.06 18.56
CA GLN H 186 -27.46 63.73 18.20
C GLN H 186 -26.70 62.63 18.96
N TRP H 192 -32.66 56.64 13.60
CA TRP H 192 -31.49 55.75 13.40
C TRP H 192 -31.75 54.34 12.83
N THR H 193 -32.66 54.24 11.84
CA THR H 193 -32.66 53.14 10.86
C THR H 193 -31.43 53.22 9.89
N ALA H 194 -30.58 54.21 10.13
CA ALA H 194 -29.39 54.48 9.33
C ALA H 194 -28.16 54.09 10.14
N ALA H 195 -27.22 53.40 9.49
CA ALA H 195 -25.92 53.07 10.11
C ALA H 195 -25.26 54.37 10.56
N HIS H 196 -24.80 54.38 11.81
CA HIS H 196 -24.00 55.43 12.39
C HIS H 196 -23.00 55.94 11.35
N VAL H 197 -23.06 57.25 11.12
CA VAL H 197 -22.15 57.99 10.26
C VAL H 197 -20.85 58.28 11.08
N ALA H 198 -19.69 57.80 10.57
CA ALA H 198 -18.34 58.12 11.12
C ALA H 198 -18.23 59.61 11.48
N ASP H 199 -17.75 59.89 12.71
CA ASP H 199 -17.79 61.26 13.29
C ASP H 199 -16.42 61.76 13.81
N ASP H 200 -15.79 62.70 13.09
CA ASP H 200 -14.47 63.25 13.47
C ASP H 200 -14.50 63.98 14.80
N THR H 201 -15.66 64.46 15.21
CA THR H 201 -15.82 65.15 16.51
C THR H 201 -15.75 64.27 17.79
N LEU H 202 -15.73 62.95 17.64
CA LEU H 202 -15.60 61.98 18.74
C LEU H 202 -14.15 61.73 19.06
N ARG H 203 -13.29 62.03 18.08
CA ARG H 203 -11.84 61.94 18.20
C ARG H 203 -11.20 62.59 19.44
N PRO H 204 -11.32 63.94 19.58
CA PRO H 204 -10.96 64.56 20.86
C PRO H 204 -11.46 63.79 22.07
N VAL H 205 -12.74 63.34 22.04
CA VAL H 205 -13.35 62.51 23.10
C VAL H 205 -12.50 61.26 23.45
N PHE H 206 -12.16 60.49 22.44
CA PHE H 206 -11.42 59.24 22.68
C PHE H 206 -9.92 59.47 23.03
N GLU H 207 -9.32 60.52 22.46
CA GLU H 207 -7.96 60.91 22.88
C GLU H 207 -7.85 61.12 24.40
N ARG H 208 -8.79 61.87 24.93
CA ARG H 208 -8.84 62.15 26.35
C ARG H 208 -9.17 60.93 27.19
N ILE H 209 -9.97 59.99 26.70
CA ILE H 209 -10.20 58.78 27.49
C ILE H 209 -8.89 57.96 27.60
N TYR H 210 -8.19 57.75 26.51
CA TYR H 210 -7.02 56.87 26.48
C TYR H 210 -5.80 57.55 27.08
N GLU H 211 -5.80 58.90 27.14
CA GLU H 211 -4.64 59.68 27.73
C GLU H 211 -4.67 59.98 29.24
N ASN H 212 -5.86 60.02 29.88
CA ASN H 212 -5.96 60.09 31.36
C ASN H 212 -6.76 58.90 31.80
N THR H 213 -6.17 57.71 31.72
CA THR H 213 -6.93 56.49 32.07
C THR H 213 -7.12 56.34 33.60
N ASP H 214 -6.37 57.08 34.43
CA ASP H 214 -6.70 57.18 35.91
C ASP H 214 -8.12 57.70 36.18
N ARG H 215 -8.48 58.84 35.56
CA ARG H 215 -9.80 59.48 35.65
C ARG H 215 -10.91 58.67 34.94
N TYR H 216 -10.53 58.11 33.78
CA TYR H 216 -11.39 57.50 32.79
C TYR H 216 -11.18 55.98 32.59
N TRP H 217 -10.94 55.28 33.69
CA TRP H 217 -10.70 53.86 33.68
C TRP H 217 -11.89 53.06 33.22
N ARG H 218 -13.09 53.43 33.68
CA ARG H 218 -14.34 52.73 33.30
C ARG H 218 -14.56 52.92 31.79
N GLU H 219 -14.51 54.15 31.28
CA GLU H 219 -14.71 54.39 29.85
C GLU H 219 -13.61 53.75 28.95
N TYR H 220 -12.34 53.85 29.35
CA TYR H 220 -11.20 53.23 28.73
C TYR H 220 -11.36 51.69 28.59
N SER H 221 -11.96 51.07 29.61
CA SER H 221 -12.10 49.63 29.61
C SER H 221 -13.26 49.22 28.77
N LEU H 222 -14.30 50.08 28.68
CA LEU H 222 -15.44 49.77 27.75
C LEU H 222 -14.92 49.90 26.33
N CYS H 223 -14.05 50.87 26.15
CA CYS H 223 -13.57 51.18 24.81
C CYS H 223 -12.85 49.92 24.32
N GLU H 224 -11.98 49.39 25.15
CA GLU H 224 -11.22 48.14 24.86
C GLU H 224 -12.12 46.86 24.72
N ASP H 225 -13.15 46.71 25.57
CA ASP H 225 -14.19 45.68 25.37
C ASP H 225 -14.87 45.80 24.01
N LEU H 226 -15.23 47.02 23.63
CA LEU H 226 -15.90 47.17 22.37
C LEU H 226 -14.89 46.84 21.26
N VAL H 227 -13.62 47.22 21.43
CA VAL H 227 -12.64 46.79 20.44
C VAL H 227 -12.46 45.23 20.41
N ASP H 228 -12.57 44.56 21.59
CA ASP H 228 -12.36 43.08 21.67
C ASP H 228 -13.44 42.41 20.85
N VAL H 229 -14.67 42.85 21.06
CA VAL H 229 -15.89 42.39 20.33
C VAL H 229 -15.93 42.50 18.75
N GLU H 230 -15.78 43.73 18.20
CA GLU H 230 -15.61 43.93 16.74
C GLU H 230 -14.48 43.02 16.12
N THR H 231 -13.32 42.92 16.79
CA THR H 231 -12.17 42.10 16.33
C THR H 231 -12.54 40.59 16.17
N GLN H 232 -13.12 40.03 17.23
CA GLN H 232 -13.62 38.66 17.29
C GLN H 232 -14.73 38.49 16.25
N PHE H 233 -15.56 39.50 16.10
CA PHE H 233 -16.59 39.41 15.05
C PHE H 233 -15.98 39.36 13.69
N GLN H 234 -14.96 40.19 13.45
CA GLN H 234 -14.28 40.12 12.12
C GLN H 234 -13.61 38.77 11.83
N LEU H 235 -13.04 38.20 12.86
CA LEU H 235 -12.42 36.89 12.89
C LEU H 235 -13.45 35.77 12.60
N TRP H 236 -14.62 35.82 13.23
CA TRP H 236 -15.73 34.94 12.74
C TRP H 236 -15.95 35.14 11.24
N ARG H 237 -15.97 36.40 10.77
CA ARG H 237 -16.25 36.57 9.32
C ARG H 237 -15.12 36.01 8.44
N PHE H 238 -13.87 36.20 8.87
CA PHE H 238 -12.75 35.74 8.09
C PHE H 238 -12.77 34.21 7.96
N ARG H 239 -12.97 33.54 9.10
CA ARG H 239 -12.98 32.08 9.10
C ARG H 239 -14.17 31.53 8.33
N HIS H 240 -15.33 32.15 8.42
CA HIS H 240 -16.45 31.80 7.51
C HIS H 240 -16.03 31.92 6.01
N MET H 241 -15.52 33.09 5.56
CA MET H 241 -15.09 33.28 4.17
C MET H 241 -14.00 32.25 3.69
N ARG H 242 -13.00 31.98 4.58
CA ARG H 242 -11.96 31.00 4.29
C ARG H 242 -12.44 29.56 4.10
N THR H 243 -13.44 29.16 4.91
CA THR H 243 -14.15 27.90 4.77
C THR H 243 -14.89 27.82 3.42
N VAL H 244 -15.59 28.89 3.09
CA VAL H 244 -16.22 29.11 1.82
C VAL H 244 -15.30 28.97 0.63
N MET H 245 -14.12 29.61 0.69
CA MET H 245 -13.09 29.42 -0.36
C MET H 245 -12.59 27.95 -0.54
N ARG H 246 -12.58 27.19 0.55
CA ARG H 246 -12.08 25.83 0.56
C ARG H 246 -13.18 24.79 0.24
N VAL H 247 -14.45 25.13 0.49
CA VAL H 247 -15.56 24.28 0.03
C VAL H 247 -16.21 24.56 -1.35
N ILE H 248 -16.55 25.80 -1.63
CA ILE H 248 -17.06 26.10 -2.99
C ILE H 248 -16.15 26.98 -3.89
N GLY H 249 -14.97 27.37 -3.39
CA GLY H 249 -14.14 28.33 -4.12
C GLY H 249 -14.74 29.71 -4.43
N PHE H 250 -14.69 30.05 -5.73
CA PHE H 250 -15.25 31.33 -6.29
C PHE H 250 -16.67 31.26 -6.93
N LYS H 251 -17.25 30.06 -6.95
CA LYS H 251 -18.67 29.92 -7.27
C LYS H 251 -19.57 30.94 -6.56
N ARG H 252 -20.67 31.31 -7.26
CA ARG H 252 -21.86 32.02 -6.74
C ARG H 252 -22.39 31.23 -5.57
N GLY H 253 -22.90 31.92 -4.55
CA GLY H 253 -23.54 31.22 -3.40
C GLY H 253 -24.93 30.68 -3.71
N THR H 254 -25.45 29.82 -2.85
CA THR H 254 -26.81 29.29 -2.98
C THR H 254 -27.89 30.40 -2.92
N GLY H 255 -27.61 31.46 -2.16
CA GLY H 255 -28.49 32.61 -1.99
C GLY H 255 -28.40 33.66 -3.08
N GLY H 256 -27.47 33.47 -4.04
CA GLY H 256 -27.44 34.22 -5.29
C GLY H 256 -26.43 35.36 -5.31
N SER H 257 -25.56 35.41 -4.28
CA SER H 257 -24.40 36.36 -4.22
C SER H 257 -23.09 35.91 -4.96
N SER H 258 -22.19 36.84 -5.20
CA SER H 258 -20.88 36.53 -5.81
C SER H 258 -20.09 35.49 -5.03
N GLY H 259 -20.54 35.15 -3.82
CA GLY H 259 -19.89 34.18 -2.92
C GLY H 259 -18.84 34.87 -2.05
N VAL H 260 -17.59 34.49 -2.24
CA VAL H 260 -16.42 35.06 -1.56
C VAL H 260 -16.36 36.62 -1.64
N GLY H 261 -16.47 37.21 -2.84
CA GLY H 261 -16.59 38.71 -3.01
C GLY H 261 -17.56 39.55 -2.18
N PHE H 262 -18.77 39.03 -2.00
CA PHE H 262 -19.85 39.57 -1.18
C PHE H 262 -19.64 39.42 0.36
N LEU H 263 -18.98 38.34 0.76
CA LEU H 263 -18.38 38.14 2.10
C LEU H 263 -17.22 39.08 2.40
N GLN H 264 -16.23 39.11 1.51
CA GLN H 264 -15.15 40.12 1.59
C GLN H 264 -15.66 41.60 1.76
N GLN H 265 -16.77 41.98 1.11
CA GLN H 265 -17.46 43.28 1.35
C GLN H 265 -17.78 43.52 2.86
N ALA H 266 -18.31 42.48 3.53
CA ALA H 266 -18.70 42.55 4.91
C ALA H 266 -17.48 42.77 5.81
N LEU H 267 -16.41 42.02 5.55
CA LEU H 267 -15.11 42.23 6.25
C LEU H 267 -14.52 43.66 6.15
N ALA H 268 -14.97 44.42 5.12
CA ALA H 268 -14.40 45.76 4.91
C ALA H 268 -15.09 46.80 5.83
N LEU H 269 -16.32 46.47 6.27
CA LEU H 269 -17.13 47.30 7.19
C LEU H 269 -16.63 47.29 8.62
N THR H 270 -16.80 48.42 9.30
CA THR H 270 -16.36 48.63 10.67
C THR H 270 -17.61 48.89 11.56
N PHE H 271 -17.68 48.35 12.78
CA PHE H 271 -18.83 48.67 13.64
C PHE H 271 -18.59 50.03 14.39
N PHE H 272 -17.35 50.23 14.86
CA PHE H 272 -17.00 51.31 15.82
C PHE H 272 -15.84 52.08 15.25
N PRO H 273 -16.08 52.88 14.18
CA PRO H 273 -14.99 53.45 13.40
C PRO H 273 -14.11 54.44 14.19
N GLU H 274 -14.72 55.32 15.00
CA GLU H 274 -13.96 56.30 15.85
C GLU H 274 -13.04 55.64 16.86
N LEU H 275 -13.46 54.50 17.44
CA LEU H 275 -12.55 53.72 18.33
C LEU H 275 -11.34 53.22 17.59
N PHE H 276 -11.49 52.86 16.32
CA PHE H 276 -10.34 52.40 15.53
C PHE H 276 -9.51 53.58 14.97
N ASP H 277 -10.18 54.61 14.46
CA ASP H 277 -9.54 55.83 13.94
C ASP H 277 -8.64 56.56 14.94
N VAL H 278 -8.86 56.43 16.25
CA VAL H 278 -8.18 57.29 17.24
C VAL H 278 -6.73 56.81 17.58
N ARG H 279 -6.48 55.54 17.26
CA ARG H 279 -5.15 54.89 17.28
C ARG H 279 -4.12 55.78 16.61
N THR H 280 -4.58 56.51 15.59
CA THR H 280 -3.76 57.34 14.71
C THR H 280 -3.31 58.61 15.46
N SER H 281 -4.13 59.10 16.37
CA SER H 281 -3.85 60.38 16.99
C SER H 281 -3.37 60.28 18.44
N VAL H 282 -3.75 59.17 19.11
CA VAL H 282 -3.40 58.77 20.49
C VAL H 282 -1.90 58.71 20.74
N GLY H 283 -1.44 59.51 21.70
CA GLY H 283 -0.03 59.45 22.10
C GLY H 283 0.55 60.71 22.71
N TRP I . 12.11 -0.01 -21.84
CA TRP I . 10.90 -0.51 -22.51
C TRP I . 10.76 0.11 -23.88
O TRP I . 9.69 0.17 -24.42
CB TRP I . 9.64 -0.11 -21.77
CG TRP I . 9.10 -1.08 -20.77
CD1 TRP I . 8.91 -2.38 -20.92
CD2 TRP I . 8.56 -0.70 -19.47
NE1 TRP I . 8.26 -2.92 -19.71
CE2 TRP I . 8.07 -1.87 -18.84
CE3 TRP I . 8.42 0.53 -18.79
CZ2 TRP I . 7.47 -1.83 -17.58
CZ3 TRP I . 7.86 0.56 -17.56
CH2 TRP I . 7.38 -0.60 -16.96
OXT TRP I . 11.70 0.64 -24.46
CHA HEM J . 16.11 -2.97 -20.35
CHB HEM J . 12.81 -3.00 -23.79
CHC HEM J . 9.94 -5.69 -20.94
CHD HEM J . 13.25 -5.77 -17.46
C1A HEM J . 15.46 -2.65 -21.53
C2A HEM J . 15.90 -1.76 -22.54
C3A HEM J . 14.99 -1.74 -23.54
C4A HEM J . 13.95 -2.65 -23.11
CMA HEM J . 14.91 -1.07 -24.95
CAA HEM J . 17.31 -1.06 -22.32
CBA HEM J . 17.09 0.11 -21.30
CGA HEM J . 16.26 1.22 -22.01
O1A HEM J . 15.03 1.34 -21.72
O2A HEM J . 16.77 2.01 -22.87
C1B HEM J . 11.75 -3.67 -23.31
C2B HEM J . 10.49 -3.90 -24.01
C3B HEM J . 9.72 -4.69 -23.22
C4B HEM J . 10.43 -4.98 -22.00
CMB HEM J . 10.13 -3.32 -25.40
CAB HEM J . 8.28 -5.12 -23.48
CBB HEM J . 7.98 -5.93 -24.48
C1C HEM J . 10.53 -5.94 -19.72
C2C HEM J . 9.98 -6.70 -18.60
C3C HEM J . 10.90 -6.71 -17.64
C4C HEM J . 12.07 -5.99 -18.12
CMC HEM J . 8.59 -7.32 -18.55
CAC HEM J . 10.88 -7.34 -16.24
CBC HEM J . 11.08 -6.42 -15.20
C1D HEM J . 14.30 -5.09 -17.97
C2D HEM J . 15.47 -4.86 -17.22
C3D HEM J . 16.36 -4.05 -18.14
C4D HEM J . 15.60 -3.74 -19.33
CMD HEM J . 15.94 -5.34 -15.83
CAD HEM J . 17.76 -3.66 -17.70
CBD HEM J . 18.63 -4.67 -18.47
CGD HEM J . 20.11 -4.33 -18.31
O1D HEM J . 20.49 -3.35 -17.54
O2D HEM J . 20.91 -5.07 -18.93
NA HEM J . 14.28 -3.20 -21.93
NB HEM J . 11.74 -4.40 -22.09
NC HEM J . 11.84 -5.54 -19.38
ND HEM J . 14.33 -4.41 -19.21
FE HEM J . 13.00 -4.38 -20.67
N TRP K . 23.94 -29.41 -11.88
CA TRP K . 22.75 -30.22 -12.34
C TRP K . 21.68 -29.98 -11.26
O TRP K . 22.07 -29.42 -10.18
CB TRP K . 23.12 -31.69 -12.42
CG TRP K . 23.75 -32.24 -11.09
CD1 TRP K . 23.07 -32.76 -10.02
CD2 TRP K . 25.16 -32.28 -10.72
NE1 TRP K . 23.97 -33.14 -9.03
CE2 TRP K . 25.25 -32.85 -9.44
CE3 TRP K . 26.36 -31.91 -11.39
CZ2 TRP K . 26.46 -33.05 -8.81
CZ3 TRP K . 27.58 -32.09 -10.71
CH2 TRP K . 27.61 -32.68 -9.46
OXT TRP K . 20.46 -30.30 -11.44
N TRP L . -4.72 -24.51 2.40
CA TRP L . -3.30 -24.46 2.65
C TRP L . -3.04 -25.60 3.57
O TRP L . -1.98 -25.72 4.16
CB TRP L . -2.86 -23.10 3.21
CG TRP L . -2.28 -22.22 2.08
CD1 TRP L . -1.59 -22.66 1.01
CD2 TRP L . -2.32 -20.75 1.96
NE1 TRP L . -1.16 -21.55 0.23
CE2 TRP L . -1.63 -20.40 0.79
CE3 TRP L . -2.85 -19.72 2.77
CZ2 TRP L . -1.47 -19.07 0.37
CZ3 TRP L . -2.68 -18.48 2.42
CH2 TRP L . -1.98 -18.11 1.21
OXT TRP L . -3.98 -26.38 3.73
CHA HEM M . -7.48 -25.10 -2.19
CHB HEM M . -3.54 -26.84 -0.17
CHC HEM M . -0.81 -23.57 -2.44
CHD HEM M . -4.75 -21.89 -4.69
C1A HEM M . -6.70 -25.79 -1.31
C2A HEM M . -7.09 -26.76 -0.33
C3A HEM M . -5.98 -27.25 0.26
C4A HEM M . -4.87 -26.66 -0.40
CMA HEM M . -5.76 -28.33 1.33
CAA HEM M . -8.57 -27.09 -0.05
CBA HEM M . -9.23 -25.95 0.78
CGA HEM M . -8.85 -26.02 2.21
O1A HEM M . -7.91 -25.31 2.61
O2A HEM M . -9.32 -26.91 2.96
C1B HEM M . -2.50 -26.10 -0.59
C2B HEM M . -1.19 -26.26 -0.17
C3B HEM M . -0.49 -25.34 -0.79
C4B HEM M . -1.30 -24.58 -1.66
CMB HEM M . -0.61 -27.21 0.89
CAB HEM M . 1.00 -25.00 -0.66
CBB HEM M . 1.93 -25.75 -0.98
C1C HEM M . -1.69 -22.86 -3.26
C2C HEM M . -1.30 -21.78 -4.07
C3C HEM M . -2.32 -21.33 -4.69
C4C HEM M . -3.46 -22.03 -4.26
CMC HEM M . 0.10 -21.23 -4.25
CAC HEM M . -2.16 -20.14 -5.68
CBC HEM M . -3.03 -20.05 -6.65
C1D HEM M . -5.79 -22.64 -4.26
C2D HEM M . -7.09 -22.60 -4.78
C3D HEM M . -7.91 -23.54 -3.98
C4D HEM M . -7.05 -24.10 -3.05
CMD HEM M . -7.58 -21.59 -5.85
CAD HEM M . -9.46 -23.80 -4.14
CBD HEM M . -9.57 -24.94 -5.14
CGD HEM M . -11.02 -25.34 -5.33
O1D HEM M . -11.26 -26.27 -6.16
O2D HEM M . -11.94 -24.74 -4.68
NA HEM M . -5.32 -25.82 -1.38
NB HEM M . -2.59 -25.04 -1.52
NC HEM M . -3.04 -22.96 -3.37
ND HEM M . -5.73 -23.57 -3.23
FE HEM M . -4.15 -24.41 -2.36
N TRP N . -5.67 -25.78 -30.84
CA TRP N . -4.24 -25.76 -31.28
C TRP N . -3.57 -24.37 -31.16
O TRP N . -2.34 -24.40 -31.07
CB TRP N . -4.09 -26.27 -32.72
CG TRP N . -4.78 -25.37 -33.72
CD1 TRP N . -4.29 -24.22 -34.32
CD2 TRP N . -6.11 -25.54 -34.26
NE1 TRP N . -5.17 -23.72 -35.23
CE2 TRP N . -6.31 -24.49 -35.22
CE3 TRP N . -7.11 -26.53 -34.09
CZ2 TRP N . -7.50 -24.38 -35.95
CZ3 TRP N . -8.33 -26.37 -34.80
CH2 TRP N . -8.48 -25.32 -35.73
OXT TRP N . -4.16 -23.26 -31.14
N TRP O . 30.39 -31.13 -32.45
CA TRP O . 30.44 -31.60 -31.09
C TRP O . 31.76 -31.24 -30.45
O TRP O . 32.25 -31.85 -29.51
CB TRP O . 30.20 -33.10 -31.01
CG TRP O . 28.75 -33.56 -30.98
CD1 TRP O . 27.73 -33.09 -30.20
CD2 TRP O . 28.21 -34.71 -31.72
NE1 TRP O . 26.52 -33.87 -30.44
CE2 TRP O . 26.83 -34.87 -31.35
CE3 TRP O . 28.77 -35.63 -32.62
CZ2 TRP O . 26.03 -35.88 -31.90
CZ3 TRP O . 27.98 -36.62 -33.14
CH2 TRP O . 26.63 -36.75 -32.79
OXT TRP O . 32.33 -30.28 -30.89
N TRP P . 1.37 -14.91 -32.59
CA TRP P . 0.71 -15.45 -31.35
C TRP P . 0.15 -16.89 -31.52
O TRP P . -0.34 -17.45 -30.51
CB TRP P . -0.42 -14.54 -30.90
CG TRP P . -1.64 -14.48 -31.90
CD1 TRP P . -2.68 -15.31 -31.91
CD2 TRP P . -1.83 -13.53 -32.98
NE1 TRP P . -3.53 -14.98 -32.93
CE2 TRP P . -3.06 -13.86 -33.57
CE3 TRP P . -1.13 -12.40 -33.44
CZ2 TRP P . -3.59 -13.13 -34.62
CZ3 TRP P . -1.67 -11.66 -34.47
CH2 TRP P . -2.87 -12.02 -35.07
OXT TRP P . 0.16 -17.53 -32.61
CHA HEM Q . 27.17 -27.39 -34.52
CHB HEM Q . 29.02 -28.57 -30.39
CHC HEM Q . 25.17 -31.11 -29.02
CHD HEM Q . 23.16 -29.99 -33.26
C1A HEM Q . 28.06 -27.47 -33.56
C2A HEM Q . 29.41 -26.89 -33.51
C3A HEM Q . 29.91 -27.23 -32.29
C4A HEM Q . 28.88 -28.04 -31.62
CMA HEM Q . 31.23 -26.96 -31.59
CAA HEM Q . 30.00 -26.01 -34.65
CBA HEM Q . 30.56 -26.89 -35.78
CGA HEM Q . 31.74 -27.85 -35.34
O1A HEM Q . 31.55 -29.05 -34.97
O2A HEM Q . 32.93 -27.42 -35.33
C1B HEM Q . 28.14 -29.31 -29.69
C2B HEM Q . 28.41 -29.88 -28.38
C3B HEM Q . 27.32 -30.57 -28.09
C4B HEM Q . 26.36 -30.44 -29.11
CMB HEM Q . 29.73 -29.74 -27.50
CAB HEM Q . 26.86 -31.45 -26.90
CBB HEM Q . 27.52 -31.62 -25.77
C1C HEM Q . 24.24 -31.09 -30.07
C2C HEM Q . 22.99 -31.77 -30.16
C3C HEM Q . 22.43 -31.48 -31.35
C4C HEM Q . 23.33 -30.55 -32.03
CMC HEM Q . 22.42 -32.69 -29.03
CAC HEM Q . 21.02 -31.85 -31.89
CBC HEM Q . 20.97 -32.12 -33.21
C1D HEM Q . 24.04 -29.21 -33.92
C2D HEM Q . 23.75 -28.61 -35.18
C3D HEM Q . 24.97 -27.82 -35.56
C4D HEM Q . 25.93 -28.04 -34.49
CMD HEM Q . 22.49 -28.71 -36.02
CAD HEM Q . 25.27 -26.92 -36.80
CBD HEM Q . 24.60 -25.56 -36.57
CGD HEM Q . 25.00 -24.46 -37.58
O1D HEM Q . 25.60 -24.78 -38.62
O2D HEM Q . 24.78 -23.20 -37.35
NA HEM Q . 27.75 -28.12 -32.41
NB HEM Q . 26.87 -29.66 -30.15
NC HEM Q . 24.45 -30.41 -31.25
ND HEM Q . 25.37 -28.84 -33.49
FE HEM Q . 26.10 -29.21 -31.78
N TRP R . -4.18 -46.66 -27.60
CA TRP R . -4.59 -45.72 -28.72
C TRP R . -6.06 -45.51 -29.08
O TRP R . -6.41 -44.84 -30.06
CB TRP R . -3.79 -45.97 -29.97
CG TRP R . -2.44 -45.29 -29.93
CD1 TRP R . -2.15 -44.08 -29.41
CD2 TRP R . -1.20 -45.84 -30.50
NE1 TRP R . -0.73 -43.81 -29.60
CE2 TRP R . -0.16 -44.88 -30.26
CE3 TRP R . -0.88 -47.01 -31.23
CZ2 TRP R . 1.18 -45.08 -30.72
CZ3 TRP R . 0.45 -47.25 -31.65
CH2 TRP R . 1.46 -46.29 -31.39
OXT TRP R . -6.93 -45.98 -28.40
N TRP S . 13.95 -32.04 -4.44
CA TRP S . 14.43 -30.74 -5.02
C TRP S . 15.65 -30.95 -5.91
O TRP S . 16.12 -29.99 -6.52
CB TRP S . 14.79 -29.75 -3.92
CG TRP S . 16.03 -30.06 -3.21
CD1 TRP S . 17.32 -29.80 -3.63
CD2 TRP S . 16.14 -30.73 -1.91
NE1 TRP S . 18.19 -30.24 -2.68
CE2 TRP S . 17.51 -30.82 -1.63
CE3 TRP S . 15.20 -31.22 -0.96
CZ2 TRP S . 18.01 -31.39 -0.41
CZ3 TRP S . 15.66 -31.84 0.21
CH2 TRP S . 17.07 -31.84 0.53
OXT TRP S . 16.21 -32.03 -6.03
CHA HEM T . -2.47 -46.50 -22.95
CHB HEM T . -5.01 -43.86 -25.92
CHC HEM T . -0.86 -41.74 -27.03
CHD HEM T . 1.74 -44.48 -24.21
C1A HEM T . -3.51 -45.98 -23.64
C2A HEM T . -4.87 -46.38 -23.45
C3A HEM T . -5.59 -45.67 -24.29
C4A HEM T . -4.70 -44.77 -24.97
CMA HEM T . -7.11 -45.63 -24.54
CAA HEM T . -5.20 -47.55 -22.45
CBA HEM T . -5.12 -48.96 -23.15
CGA HEM T . -5.80 -49.19 -24.50
O1A HEM T . -5.17 -49.14 -25.57
O2A HEM T . -7.01 -49.46 -24.61
C1B HEM T . -4.09 -43.04 -26.48
C2B HEM T . -4.45 -42.03 -27.47
C3B HEM T . -3.24 -41.45 -27.75
C4B HEM T . -2.18 -42.06 -26.92
CMB HEM T . -5.89 -41.80 -28.10
CAB HEM T . -2.91 -40.29 -28.73
CBB HEM T . -3.70 -39.65 -29.63
C1C HEM T . 0.26 -42.27 -26.46
C2C HEM T . 1.64 -41.92 -26.70
C3C HEM T . 2.38 -42.67 -25.87
C4C HEM T . 1.47 -43.50 -25.13
CMC HEM T . 2.19 -40.82 -27.67
CAC HEM T . 3.94 -42.58 -25.73
CBC HEM T . 4.72 -43.62 -25.40
C1D HEM T . 0.76 -45.20 -23.62
C2D HEM T . 1.07 -46.11 -22.55
C3D HEM T . -0.23 -46.73 -22.16
C4D HEM T . -1.19 -46.15 -23.05
CMD HEM T . 2.47 -46.39 -22.03
CAD HEM T . -0.44 -47.76 -21.03
CBD HEM T . -0.49 -47.05 -19.67
CGD HEM T . -0.90 -47.95 -18.51
O1D HEM T . -1.34 -47.49 -17.42
O2D HEM T . -0.87 -49.22 -18.63
NA HEM T . -3.42 -44.98 -24.56
NB HEM T . -2.70 -43.06 -26.14
NC HEM T . 0.19 -43.25 -25.53
ND HEM T . -0.61 -45.19 -23.93
FE HEM T . -1.65 -44.11 -25.02
N TRP U . 6.27 46.98 12.79
CA TRP U . 5.86 47.31 14.16
C TRP U . 5.31 48.75 14.27
O TRP U . 4.99 49.26 15.37
CB TRP U . 7.06 47.11 15.11
CG TRP U . 7.17 45.78 15.87
CD1 TRP U . 6.14 44.97 16.36
CD2 TRP U . 8.41 45.15 16.30
NE1 TRP U . 6.69 43.85 17.05
CE2 TRP U . 8.06 43.93 17.02
CE3 TRP U . 9.79 45.47 16.13
CZ2 TRP U . 9.04 43.07 17.56
CZ3 TRP U . 10.76 44.62 16.67
CH2 TRP U . 10.38 43.44 17.39
OXT TRP U . 5.15 49.49 13.28
CHA HEM V . 4.98 43.31 9.44
CHB HEM V . 2.83 45.96 12.91
CHC HEM V . 3.54 42.43 16.28
CHD HEM V . 5.58 39.69 12.67
C1A HEM V . 4.39 44.37 10.11
C2A HEM V . 4.06 45.66 9.53
C3A HEM V . 3.45 46.40 10.48
C4A HEM V . 3.39 45.60 11.69
CMA HEM V . 2.98 47.87 10.37
CAA HEM V . 4.37 46.10 8.07
CBA HEM V . 5.88 46.39 8.02
CGA HEM V . 6.25 47.72 8.62
O1A HEM V . 6.97 47.76 9.67
O2A HEM V . 5.90 48.75 7.98
C1B HEM V . 2.82 45.28 14.13
C2B HEM V . 2.24 45.75 15.37
C3B HEM V . 2.43 44.80 16.31
C4B HEM V . 3.09 43.63 15.69
CMB HEM V . 1.58 47.13 15.58
CAB HEM V . 1.98 44.93 17.76
CBB HEM V . 2.82 45.42 18.71
C1C HEM V . 4.21 41.37 15.62
C2C HEM V . 4.73 40.11 16.17
C3C HEM V . 5.28 39.37 15.16
C4C HEM V . 5.17 40.13 13.94
CMC HEM V . 4.65 39.64 17.64
CAC HEM V . 5.90 37.96 15.29
CBC HEM V . 6.96 37.56 14.53
C1D HEM V . 5.58 40.32 11.43
C2D HEM V . 6.00 39.79 10.14
C3D HEM V . 5.81 40.94 9.13
C4D HEM V . 5.29 42.04 9.91
CMD HEM V . 6.55 38.40 9.89
CAD HEM V . 6.05 41.00 7.61
CBD HEM V . 4.70 40.56 7.04
CGD HEM V . 4.72 40.69 5.54
O1D HEM V . 5.87 40.82 4.99
O2D HEM V . 3.62 40.65 4.87
NA HEM V . 3.94 44.35 11.43
NB HEM V . 3.31 44.02 14.38
NC HEM V . 4.53 41.32 14.25
ND HEM V . 5.17 41.60 11.23
FE HEM V . 4.14 42.80 12.84
N TRP W . -7.38 17.69 6.14
CA TRP W . -8.23 17.31 7.29
C TRP W . -7.45 16.74 8.49
O TRP W . -7.99 16.80 9.66
CB TRP W . -9.28 16.25 6.85
CG TRP W . -8.69 14.86 6.43
CD1 TRP W . -8.10 13.91 7.26
CD2 TRP W . -8.67 14.33 5.12
NE1 TRP W . -7.73 12.83 6.54
CE2 TRP W . -8.04 13.04 5.22
CE3 TRP W . -9.11 14.78 3.86
CZ2 TRP W . -7.89 12.18 4.10
CZ3 TRP W . -8.93 13.94 2.73
CH2 TRP W . -8.34 12.64 2.87
OXT TRP W . -6.31 16.22 8.27
N TRP X . 11.02 14.42 32.71
CA TRP X . 10.93 14.00 31.28
C TRP X . 10.89 12.48 31.06
O TRP X . 10.96 11.95 29.95
CB TRP X . 12.10 14.56 30.50
CG TRP X . 11.73 15.73 29.77
CD1 TRP X . 10.51 15.98 29.18
CD2 TRP X . 12.56 16.85 29.48
NE1 TRP X . 10.53 17.23 28.55
CE2 TRP X . 11.78 17.79 28.72
CE3 TRP X . 13.89 17.17 29.80
CZ2 TRP X . 12.30 19.01 28.28
CZ3 TRP X . 14.41 18.41 29.36
CH2 TRP X . 13.61 19.29 28.61
OXT TRP X . 10.78 11.73 31.98
CHA HEM Y . 7.74 17.17 35.52
CHB HEM Y . 7.62 13.94 31.77
CHC HEM Y . 7.35 17.70 28.67
CHD HEM Y . 7.55 20.94 32.39
C1A HEM Y . 7.78 16.01 34.73
C2A HEM Y . 7.75 14.66 35.29
C3A HEM Y . 7.75 13.76 34.25
C4A HEM Y . 7.72 14.52 33.01
CMA HEM Y . 7.73 12.20 34.30
CAA HEM Y . 7.84 14.38 36.78
CBA HEM Y . 9.27 14.80 37.18
CGA HEM Y . 10.37 13.90 36.64
O1A HEM Y . 11.20 14.26 35.75
O2A HEM Y . 10.42 12.75 37.14
C1B HEM Y . 7.46 14.63 30.53
C2B HEM Y . 7.44 14.08 29.17
C3B HEM Y . 7.35 15.14 28.31
C4B HEM Y . 7.33 16.39 29.11
CMB HEM Y . 7.51 12.57 28.84
CAB HEM Y . 7.26 15.18 26.76
CBB HEM Y . 7.33 14.15 25.89
C1C HEM Y . 7.44 18.87 29.38
C2C HEM Y . 7.45 20.23 28.80
C3C HEM Y . 7.48 21.10 29.83
C4C HEM Y . 7.50 20.35 31.10
CMC HEM Y . 7.46 20.64 27.31
CAC HEM Y . 7.54 22.67 29.69
CBC HEM Y . 8.44 23.44 30.36
C1D HEM Y . 7.52 20.30 33.62
C2D HEM Y . 7.38 20.87 34.96
C3D HEM Y . 7.40 19.68 35.95
C4D HEM Y . 7.58 18.48 35.12
CMD HEM Y . 7.19 22.33 35.32
CAD HEM Y . 7.28 19.84 37.46
CBD HEM Y . 5.81 19.70 37.79
CGD HEM Y . 5.70 19.41 39.28
O1D HEM Y . 4.66 18.87 39.69
O2D HEM Y . 6.64 19.74 40.08
NA HEM Y . 7.74 15.89 33.31
NB HEM Y . 7.39 15.97 30.45
NC HEM Y . 7.47 19.00 30.78
ND HEM Y . 7.60 18.92 33.80
FE HEM Y . 7.44 17.40 32.11
N TRP Z . -25.86 18.20 37.88
CA TRP Z . -25.99 19.67 37.80
C TRP Z . -25.91 20.32 39.19
O TRP Z . -26.01 21.55 39.31
CB TRP Z . -27.28 20.04 37.12
CG TRP Z . -27.16 20.47 35.74
CD1 TRP Z . -26.05 21.01 35.11
CD2 TRP Z . -28.21 20.44 34.72
NE1 TRP Z . -26.34 21.27 33.75
CE2 TRP Z . -27.66 20.94 33.50
CE3 TRP Z . -29.57 20.02 34.74
CZ2 TRP Z . -28.43 21.08 32.31
CZ3 TRP Z . -30.33 20.13 33.53
CH2 TRP Z . -29.76 20.65 32.36
OXT TRP Z . -25.72 19.62 40.22
CHA HEM AA . -22.51 14.72 35.69
CHB HEM AA . -22.50 19.22 37.69
CHC HEM AA . -22.66 21.50 33.33
CHD HEM AA . -22.90 17.06 31.36
C1A HEM AA . -22.55 15.76 36.66
C2A HEM AA . -22.57 15.59 38.09
C3A HEM AA . -22.57 16.82 38.64
C4A HEM AA . -22.55 17.83 37.58
CMA HEM AA . -22.55 17.09 40.15
CAA HEM AA . -22.59 14.22 38.83
CBA HEM AA . -23.99 13.61 38.78
CGA HEM AA . -24.98 14.43 39.59
O1A HEM AA . -25.82 15.16 38.97
O2A HEM AA . -24.93 14.34 40.86
C1B HEM AA . -22.55 20.21 36.71
C2B HEM AA . -22.65 21.64 36.97
C3B HEM AA . -22.70 22.30 35.75
C4B HEM AA . -22.62 21.29 34.69
CMB HEM AA . -22.74 22.22 38.40
CAB HEM AA . -22.87 23.81 35.43
CBB HEM AA . -22.11 24.80 35.90
C1C HEM AA . -22.84 20.51 32.35
C2C HEM AA . -23.12 20.64 30.92
C3C HEM AA . -23.17 19.39 30.38
C4C HEM AA . -22.94 18.43 31.44
CMC HEM AA . -23.28 21.99 30.15
CAC HEM AA . -23.46 19.07 28.88
CBC HEM AA . -23.13 17.91 28.25
C1D HEM AA . -22.75 16.07 32.33
C2D HEM AA . -22.61 14.67 32.04
C3D HEM AA . -22.46 13.93 33.33
C4D HEM AA . -22.57 14.94 34.33
CMD HEM AA . -22.58 13.99 30.69
CAD HEM AA . -22.30 12.42 33.49
CBD HEM AA . -20.82 12.20 33.79
CGD HEM AA . -20.63 10.74 34.18
O1D HEM AA . -21.55 9.83 34.04
O2D HEM AA . -19.48 10.51 34.62
NA HEM AA . -22.56 17.13 36.38
NB HEM AA . -22.53 20.07 35.31
NC HEM AA . -22.74 19.13 32.60
ND HEM AA . -22.70 16.17 33.68
FE HEM AA . -22.63 18.12 34.53
N TRP BA . -24.48 29.64 1.19
CA TRP BA . -24.04 28.23 1.03
C TRP BA . -23.48 27.85 -0.34
O TRP BA . -23.23 26.64 -0.59
CB TRP BA . -25.16 27.28 1.38
CG TRP BA . -25.11 26.91 2.82
CD1 TRP BA . -23.98 26.76 3.59
CD2 TRP BA . -26.24 26.56 3.66
NE1 TRP BA . -24.34 26.38 4.89
CE2 TRP BA . -25.71 26.24 4.96
CE3 TRP BA . -27.64 26.49 3.45
CZ2 TRP BA . -26.53 25.83 6.05
CZ3 TRP BA . -28.47 26.14 4.51
CH2 TRP BA . -27.90 25.81 5.81
OXT TRP BA . -23.26 28.71 -1.21
CHA HEM CA . -23.48 33.81 3.86
CHB HEM CA . -21.10 29.99 1.89
CHC HEM CA . -21.48 27.63 6.19
CHD HEM CA . -23.50 31.55 8.30
C1A HEM CA . -22.84 32.98 2.92
C2A HEM CA . -22.62 33.26 1.51
C3A HEM CA . -21.95 32.20 0.97
C4A HEM CA . -21.76 31.21 2.02
CMA HEM CA . -21.51 32.04 -0.53
CAA HEM CA . -23.10 34.53 0.74
CBA HEM CA . -24.65 34.46 0.53
CGA HEM CA . -25.06 33.46 -0.57
O1A HEM CA . -25.41 32.35 -0.12
O2A HEM CA . -25.00 33.74 -1.82
C1B HEM CA . -20.99 28.94 2.84
C2B HEM CA . -20.44 27.59 2.69
C3B HEM CA . -20.57 26.96 3.88
C4B HEM CA . -21.19 27.89 4.85
CMB HEM CA . -19.84 26.93 1.42
CAB HEM CA . -20.12 25.52 4.23
CBB HEM CA . -19.66 24.70 3.27
C1C HEM CA . -22.05 28.44 7.13
C2C HEM CA . -22.32 28.15 8.55
C3C HEM CA . -22.86 29.25 9.11
C4C HEM CA . -22.97 30.28 8.10
CMC HEM CA . -22.03 26.85 9.36
CAC HEM CA . -23.31 29.42 10.56
CBC HEM CA . -24.64 29.35 10.73
C1D HEM CA . -23.64 32.54 7.33
C2D HEM CA . -24.05 33.87 7.59
C3D HEM CA . -24.06 34.58 6.22
C4D HEM CA . -23.64 33.61 5.24
CMD HEM CA . -24.43 34.36 9.00
CAD HEM CA . -24.44 36.02 5.88
CBD HEM CA . -23.19 36.85 5.92
CGD HEM CA . -23.51 38.21 5.35
O1D HEM CA . -22.56 38.99 5.25
O2D HEM CA . -24.68 38.57 5.03
NA HEM CA . -22.30 31.72 3.17
NB HEM CA . -21.42 29.08 4.15
NC HEM CA . -22.46 29.74 6.91
ND HEM CA . -23.40 32.41 5.97
FE HEM CA . -22.35 30.73 5.05
#